data_6R27
#
_entry.id   6R27
#
_cell.length_a   240.218
_cell.length_b   240.218
_cell.length_c   160.515
_cell.angle_alpha   90.00
_cell.angle_beta   90.00
_cell.angle_gamma   90.00
#
_symmetry.space_group_name_H-M   'I 4 2 2'
#
loop_
_entity.id
_entity.type
_entity.pdbx_description
1 polymer 'Bacteriophytochrome protein'
2 non-polymer '3-[2-[(~{Z})-[12-ethyl-6-(3-hydroxy-3-oxopropyl)-13-methyl-11-oxidanylidene-4,10-diazatricyclo[8.3.0.0^{3,7}]trideca-1,3,6,12-tetraen-5-ylidene]methyl]-5-[(~{Z})-(3-ethyl-4-methyl-5-oxidanylidene-pyrrol-2-ylidene)methyl]-4-methyl-1~{H}-pyrrol-3-yl]propanoic acid'
#
_entity_poly.entity_id   1
_entity_poly.type   'polypeptide(L)'
_entity_poly.pdbx_seq_one_letter_code
;(MSE)QRERLEKV(MSE)SSHTPKLDSCGAEPIHIPGAIQEHGALLVLSAREFSVVQASDNLANYIGVDLPIGAVATEAN
LPFISVLSAWYSGEESNFRYAWAEKKLDVSAHRSGTLVILEVEKAGVGESAEKL(MSE)GELTSLAKYLNSAPSLEDALF
RTAQLVSSISGHDRTLIYDFGLDWSGHVVAEAGSGALPSYLGLRFPAGDIPPQARQLYTINRLR(MSE)IPDVDYKPVPI
RPEVNAETGAVLD(MSE)SFSQLRSVSPVHLEY(MSE)RN(MSE)GTAAS(MSE)SVSIVVNGALWGLIACHHATPHSVS
LAVREACDFAAQLLS(MSE)RIA(MSE)EQSSQDASRRVELGHIQARLLKG(MSE)AAAEKWVDGLLGGEGEREDLLKQV
GADGAALVLGDDYELVGNTPSREQVEELILWLGEREIADVFATDNLAGNYPTAAAYASVASGIIA(MSE)RVSELHGSWL
IWFRPEVIKTVRWGGDPHKTVQESGRIHPRKSFEIWKEQLRNTSFPWSEPELAAARELRGAIIGIVLRKTEEHHHHHH
;
_entity_poly.pdbx_strand_id   A,B,C,D
#
loop_
_chem_comp.id
_chem_comp.type
_chem_comp.name
_chem_comp.formula
JQ2 non-polymer '3-[2-[(~{Z})-[12-ethyl-6-(3-hydroxy-3-oxopropyl)-13-methyl-11-oxidanylidene-4,10-diazatricyclo[8.3.0.0^{3,7}]trideca-1,3,6,12-tetraen-5-ylidene]methyl]-5-[(~{Z})-(3-ethyl-4-methyl-5-oxidanylidene-pyrrol-2-ylidene)methyl]-4-methyl-1~{H}-pyrrol-3-yl]propanoic acid' 'C34 H38 N4 O6'
#
# COMPACT_ATOMS: atom_id res chain seq x y z
N ASP A 18 -13.92 -17.73 41.22
CA ASP A 18 -14.33 -17.82 39.79
C ASP A 18 -14.91 -19.21 39.50
N SER A 19 -16.21 -19.28 39.18
CA SER A 19 -16.95 -20.50 38.73
C SER A 19 -16.56 -20.85 37.28
N CYS A 20 -16.25 -19.82 36.48
CA CYS A 20 -15.96 -19.85 35.03
C CYS A 20 -14.77 -20.78 34.73
N GLY A 21 -13.63 -20.53 35.39
CA GLY A 21 -12.34 -21.22 35.16
C GLY A 21 -12.39 -22.70 35.50
N ALA A 22 -13.36 -23.11 36.33
CA ALA A 22 -13.54 -24.48 36.87
C ALA A 22 -13.62 -25.52 35.75
N GLU A 23 -14.64 -25.41 34.89
CA GLU A 23 -15.06 -26.45 33.92
C GLU A 23 -13.88 -27.04 33.15
N PRO A 24 -13.66 -28.37 33.19
CA PRO A 24 -12.59 -29.00 32.44
C PRO A 24 -13.00 -29.28 30.99
N ILE A 25 -12.57 -28.43 30.05
CA ILE A 25 -13.11 -28.35 28.66
C ILE A 25 -12.44 -29.39 27.76
N HIS A 26 -11.33 -29.99 28.22
CA HIS A 26 -10.46 -30.87 27.39
C HIS A 26 -10.92 -32.34 27.49
N ILE A 27 -11.78 -32.68 28.45
CA ILE A 27 -12.23 -34.08 28.73
C ILE A 27 -13.75 -34.14 28.82
N PRO A 28 -14.49 -33.67 27.79
CA PRO A 28 -15.96 -33.71 27.81
C PRO A 28 -16.56 -35.04 27.34
N GLY A 29 -15.72 -35.96 26.85
CA GLY A 29 -16.10 -37.33 26.47
C GLY A 29 -17.18 -37.36 25.41
N ALA A 30 -17.19 -36.35 24.52
CA ALA A 30 -18.16 -36.19 23.42
C ALA A 30 -17.48 -35.48 22.26
N ILE A 31 -18.00 -35.65 21.04
CA ILE A 31 -17.56 -34.88 19.82
C ILE A 31 -18.76 -34.13 19.25
N GLN A 32 -18.50 -33.20 18.33
CA GLN A 32 -19.52 -32.57 17.46
C GLN A 32 -19.96 -33.61 16.42
N GLU A 33 -21.00 -33.30 15.64
CA GLU A 33 -21.66 -34.28 14.73
C GLU A 33 -20.86 -34.40 13.43
N HIS A 34 -20.04 -33.38 13.10
CA HIS A 34 -19.46 -33.18 11.73
C HIS A 34 -18.31 -34.16 11.46
N GLY A 35 -17.87 -34.92 12.46
CA GLY A 35 -16.85 -35.98 12.30
C GLY A 35 -17.09 -37.15 13.23
N ALA A 36 -16.18 -38.12 13.22
CA ALA A 36 -16.16 -39.31 14.10
C ALA A 36 -14.77 -39.45 14.71
N LEU A 37 -14.69 -40.01 15.92
CA LEU A 37 -13.44 -40.19 16.70
C LEU A 37 -13.28 -41.66 17.05
N LEU A 38 -12.05 -42.19 16.90
CA LEU A 38 -11.69 -43.61 17.09
C LEU A 38 -10.35 -43.69 17.82
N VAL A 39 -10.32 -44.23 19.04
CA VAL A 39 -9.08 -44.39 19.86
C VAL A 39 -8.52 -45.80 19.65
N LEU A 40 -7.25 -45.89 19.27
CA LEU A 40 -6.49 -47.17 19.17
C LEU A 40 -5.40 -47.17 20.24
N SER A 41 -5.10 -48.35 20.81
CA SER A 41 -3.91 -48.58 21.67
C SER A 41 -2.71 -48.85 20.76
N ALA A 42 -1.58 -48.19 21.03
CA ALA A 42 -0.40 -48.15 20.13
C ALA A 42 0.10 -49.58 19.86
N ARG A 43 0.16 -50.42 20.89
CA ARG A 43 0.69 -51.80 20.84
C ARG A 43 0.21 -52.49 19.56
N GLU A 44 -1.04 -53.00 19.54
CA GLU A 44 -1.56 -53.91 18.49
C GLU A 44 -2.59 -53.18 17.61
N PHE A 45 -2.81 -51.87 17.84
CA PHE A 45 -3.76 -51.00 17.09
C PHE A 45 -5.20 -51.49 17.26
N SER A 46 -5.58 -51.75 18.51
CA SER A 46 -6.91 -52.29 18.90
C SER A 46 -7.82 -51.15 19.35
N VAL A 47 -9.08 -51.17 18.88
CA VAL A 47 -10.09 -50.11 19.17
C VAL A 47 -10.40 -50.16 20.66
N VAL A 48 -10.07 -49.10 21.39
CA VAL A 48 -10.35 -48.96 22.84
C VAL A 48 -11.65 -48.17 23.00
N GLN A 49 -11.71 -46.96 22.46
CA GLN A 49 -12.87 -46.05 22.52
C GLN A 49 -13.27 -45.64 21.11
N ALA A 50 -14.53 -45.24 20.94
CA ALA A 50 -15.08 -44.68 19.69
C ALA A 50 -16.33 -43.86 20.02
N SER A 51 -16.55 -42.78 19.27
CA SER A 51 -17.83 -42.03 19.23
C SER A 51 -18.96 -42.99 18.80
N ASP A 52 -20.19 -42.74 19.23
CA ASP A 52 -21.38 -43.56 18.88
C ASP A 52 -21.61 -43.53 17.36
N ASN A 53 -21.32 -42.39 16.71
CA ASN A 53 -21.64 -42.15 15.28
C ASN A 53 -20.59 -42.78 14.35
N LEU A 54 -19.47 -43.29 14.88
CA LEU A 54 -18.33 -43.84 14.09
C LEU A 54 -18.86 -44.76 12.99
N ALA A 55 -19.84 -45.62 13.32
CA ALA A 55 -20.47 -46.61 12.40
C ALA A 55 -20.94 -45.90 11.11
N ASN A 56 -21.52 -44.70 11.25
CA ASN A 56 -22.13 -43.90 10.15
C ASN A 56 -21.06 -43.50 9.13
N TYR A 57 -19.88 -43.08 9.60
CA TYR A 57 -18.80 -42.48 8.77
C TYR A 57 -17.92 -43.59 8.18
N ILE A 58 -17.15 -44.31 8.99
CA ILE A 58 -16.24 -45.42 8.53
C ILE A 58 -17.06 -46.47 7.77
N GLY A 59 -18.33 -46.68 8.14
CA GLY A 59 -19.29 -47.53 7.42
C GLY A 59 -19.03 -49.00 7.66
N VAL A 60 -18.36 -49.34 8.76
CA VAL A 60 -17.94 -50.72 9.11
C VAL A 60 -18.30 -50.97 10.58
N ASP A 61 -18.45 -52.23 10.96
CA ASP A 61 -18.31 -52.69 12.36
C ASP A 61 -16.81 -52.80 12.67
N LEU A 62 -16.16 -51.67 13.02
CA LEU A 62 -14.86 -51.64 13.76
C LEU A 62 -15.13 -51.24 15.21
N PRO A 63 -15.67 -52.16 16.04
CA PRO A 63 -16.12 -51.85 17.39
C PRO A 63 -15.06 -51.94 18.50
N ILE A 64 -15.47 -51.75 19.75
CA ILE A 64 -14.63 -51.90 20.97
C ILE A 64 -14.06 -53.33 21.01
N GLY A 65 -12.76 -53.45 21.29
CA GLY A 65 -12.01 -54.71 21.34
C GLY A 65 -11.39 -55.08 20.00
N ALA A 66 -12.03 -54.69 18.89
CA ALA A 66 -11.66 -55.10 17.51
C ALA A 66 -10.25 -54.57 17.16
N VAL A 67 -9.44 -55.41 16.51
CA VAL A 67 -8.05 -55.07 16.09
C VAL A 67 -8.08 -54.62 14.63
N ALA A 68 -7.39 -53.52 14.31
CA ALA A 68 -7.37 -52.85 12.99
C ALA A 68 -6.46 -53.62 12.02
N THR A 69 -6.97 -53.98 10.85
CA THR A 69 -6.21 -54.58 9.72
C THR A 69 -6.51 -53.82 8.42
N GLU A 70 -5.82 -54.18 7.34
CA GLU A 70 -5.99 -53.65 5.96
C GLU A 70 -7.50 -53.52 5.63
N ALA A 71 -8.27 -54.59 5.84
CA ALA A 71 -9.70 -54.69 5.50
C ALA A 71 -10.55 -53.75 6.37
N ASN A 72 -10.03 -53.32 7.53
CA ASN A 72 -10.67 -52.28 8.39
C ASN A 72 -10.25 -50.89 7.91
N LEU A 73 -8.94 -50.58 8.05
CA LEU A 73 -8.30 -49.27 7.74
C LEU A 73 -7.18 -49.49 6.75
N PRO A 74 -7.37 -49.24 5.43
CA PRO A 74 -6.32 -49.54 4.44
C PRO A 74 -5.01 -48.78 4.72
N PHE A 75 -5.12 -47.61 5.34
CA PHE A 75 -4.00 -46.69 5.68
C PHE A 75 -3.26 -47.16 6.95
N ILE A 76 -3.54 -48.37 7.45
CA ILE A 76 -3.02 -48.90 8.75
C ILE A 76 -1.49 -48.97 8.72
N SER A 77 -0.91 -49.40 7.60
CA SER A 77 0.55 -49.52 7.39
C SER A 77 1.20 -48.15 7.58
N VAL A 78 0.61 -47.12 6.96
CA VAL A 78 1.12 -45.72 6.91
C VAL A 78 0.98 -45.09 8.30
N LEU A 79 -0.15 -45.34 8.97
CA LEU A 79 -0.44 -44.93 10.37
C LEU A 79 0.62 -45.56 11.31
N SER A 80 0.83 -46.87 11.17
CA SER A 80 1.87 -47.66 11.89
C SER A 80 3.23 -46.98 11.74
N ALA A 81 3.63 -46.68 10.50
CA ALA A 81 4.94 -46.09 10.14
C ALA A 81 5.01 -44.63 10.64
N TRP A 82 3.86 -43.95 10.78
CA TRP A 82 3.80 -42.56 11.30
C TRP A 82 4.05 -42.56 12.80
N TYR A 83 3.46 -43.53 13.52
CA TYR A 83 3.52 -43.65 15.00
C TYR A 83 4.98 -43.83 15.43
N SER A 84 5.72 -44.67 14.70
CA SER A 84 7.16 -45.01 14.91
C SER A 84 8.04 -43.78 14.66
N GLY A 85 7.56 -42.83 13.85
CA GLY A 85 8.32 -41.64 13.38
C GLY A 85 8.14 -40.44 14.27
N GLU A 86 8.97 -39.41 14.05
CA GLU A 86 9.01 -38.15 14.84
C GLU A 86 7.72 -37.35 14.62
N GLU A 87 7.21 -37.33 13.38
CA GLU A 87 6.05 -36.49 12.93
C GLU A 87 4.93 -36.57 13.98
N SER A 88 4.38 -35.41 14.37
CA SER A 88 3.48 -35.23 15.54
C SER A 88 2.01 -35.51 15.16
N ASN A 89 1.59 -35.07 13.97
CA ASN A 89 0.22 -35.29 13.44
C ASN A 89 0.29 -36.17 12.19
N PHE A 90 -0.87 -36.64 11.74
CA PHE A 90 -1.05 -37.57 10.60
C PHE A 90 -2.22 -37.09 9.75
N ARG A 91 -2.10 -37.25 8.43
CA ARG A 91 -3.16 -36.89 7.44
C ARG A 91 -3.12 -37.94 6.32
N TYR A 92 -4.28 -38.52 5.99
CA TYR A 92 -4.48 -39.48 4.89
C TYR A 92 -5.86 -39.22 4.27
N ALA A 93 -5.91 -38.95 2.97
CA ALA A 93 -7.15 -38.75 2.19
C ALA A 93 -7.69 -40.12 1.75
N TRP A 94 -8.67 -40.63 2.49
CA TRP A 94 -9.25 -42.00 2.32
C TRP A 94 -10.29 -41.94 1.20
N ALA A 95 -9.83 -42.12 -0.04
CA ALA A 95 -10.59 -41.96 -1.30
C ALA A 95 -11.84 -42.85 -1.28
N GLU A 96 -11.70 -44.12 -0.88
CA GLU A 96 -12.70 -45.20 -1.06
C GLU A 96 -13.99 -44.86 -0.29
N LYS A 97 -13.87 -44.33 0.94
CA LYS A 97 -15.01 -43.93 1.81
C LYS A 97 -15.34 -42.44 1.61
N LYS A 98 -14.50 -41.73 0.85
CA LYS A 98 -14.59 -40.26 0.61
C LYS A 98 -14.51 -39.53 1.95
N LEU A 99 -13.39 -39.75 2.66
CA LEU A 99 -13.11 -39.19 4.01
C LEU A 99 -11.70 -38.61 4.05
N ASP A 100 -11.50 -37.66 4.96
CA ASP A 100 -10.16 -37.16 5.39
C ASP A 100 -9.91 -37.69 6.79
N VAL A 101 -8.82 -38.45 6.98
CA VAL A 101 -8.40 -39.01 8.28
C VAL A 101 -7.31 -38.09 8.84
N SER A 102 -7.38 -37.76 10.12
CA SER A 102 -6.38 -36.93 10.85
C SER A 102 -6.18 -37.45 12.28
N ALA A 103 -5.01 -37.99 12.58
CA ALA A 103 -4.66 -38.63 13.87
C ALA A 103 -3.54 -37.85 14.59
N HIS A 104 -3.67 -37.67 15.90
CA HIS A 104 -2.59 -37.23 16.81
C HIS A 104 -2.33 -38.34 17.84
N ARG A 105 -1.22 -38.23 18.58
CA ARG A 105 -0.83 -39.18 19.66
C ARG A 105 -1.29 -38.58 20.98
N SER A 106 -1.71 -39.43 21.93
CA SER A 106 -2.20 -39.04 23.27
C SER A 106 -1.60 -39.96 24.34
N GLY A 107 -0.27 -39.97 24.44
CA GLY A 107 0.48 -40.97 25.22
C GLY A 107 0.52 -42.29 24.49
N THR A 108 0.22 -43.40 25.17
CA THR A 108 0.18 -44.77 24.58
C THR A 108 -0.95 -44.88 23.57
N LEU A 109 -1.86 -43.91 23.53
CA LEU A 109 -3.08 -43.91 22.68
C LEU A 109 -2.75 -43.26 21.33
N VAL A 110 -3.55 -43.57 20.32
CA VAL A 110 -3.62 -42.83 19.02
C VAL A 110 -5.07 -42.37 18.86
N ILE A 111 -5.34 -41.07 19.01
CA ILE A 111 -6.66 -40.45 18.72
C ILE A 111 -6.74 -40.23 17.22
N LEU A 112 -7.80 -40.71 16.58
CA LEU A 112 -7.98 -40.74 15.10
C LEU A 112 -9.35 -40.14 14.79
N GLU A 113 -9.38 -39.02 14.07
CA GLU A 113 -10.63 -38.26 13.73
C GLU A 113 -10.84 -38.28 12.21
N VAL A 114 -12.04 -38.64 11.77
CA VAL A 114 -12.42 -38.65 10.33
C VAL A 114 -13.59 -37.68 10.15
N GLU A 115 -13.63 -37.00 9.00
CA GLU A 115 -14.80 -36.19 8.56
C GLU A 115 -14.85 -36.22 7.03
N LYS A 116 -16.03 -35.96 6.47
CA LYS A 116 -16.35 -36.12 5.03
C LYS A 116 -15.51 -35.13 4.21
N ALA A 117 -14.71 -35.65 3.27
CA ALA A 117 -13.71 -34.90 2.47
C ALA A 117 -14.41 -33.85 1.60
N GLY A 118 -14.24 -32.56 1.95
CA GLY A 118 -14.78 -31.41 1.19
C GLY A 118 -14.41 -31.51 -0.28
N VAL A 119 -15.40 -31.45 -1.16
CA VAL A 119 -15.20 -31.35 -2.64
C VAL A 119 -15.14 -29.86 -3.00
N GLY A 120 -14.65 -29.55 -4.21
CA GLY A 120 -14.82 -28.23 -4.84
C GLY A 120 -13.66 -27.28 -4.59
N GLU A 121 -12.95 -27.44 -3.46
CA GLU A 121 -11.74 -26.62 -3.11
C GLU A 121 -10.65 -26.85 -4.18
N SER A 122 -9.91 -25.79 -4.52
CA SER A 122 -8.66 -25.83 -5.33
C SER A 122 -7.52 -25.29 -4.47
N ALA A 123 -6.43 -26.07 -4.33
CA ALA A 123 -5.26 -25.75 -3.50
C ALA A 123 -4.34 -24.78 -4.26
N GLU A 124 -4.47 -24.70 -5.60
CA GLU A 124 -3.66 -23.83 -6.48
C GLU A 124 -4.08 -22.37 -6.26
N LYS A 125 -5.39 -22.13 -6.07
CA LYS A 125 -5.94 -20.81 -5.67
C LYS A 125 -5.38 -20.45 -4.28
N LEU A 126 -5.69 -21.27 -3.27
CA LEU A 126 -5.30 -21.05 -1.84
C LEU A 126 -3.82 -20.70 -1.76
N MSE A 127 -2.98 -21.48 -2.45
CA MSE A 127 -1.54 -21.26 -2.43
C MSE A 127 -1.20 -19.89 -2.99
O MSE A 127 -0.39 -19.18 -2.40
CB MSE A 127 -0.83 -22.35 -3.25
CG MSE A 127 0.66 -22.15 -3.34
SE MSE A 127 1.52 -22.56 -1.62
CE MSE A 127 3.41 -22.20 -2.00
N GLY A 128 -1.82 -19.55 -4.12
CA GLY A 128 -1.65 -18.22 -4.71
C GLY A 128 -2.00 -17.11 -3.73
N GLU A 129 -3.04 -17.30 -2.93
CA GLU A 129 -3.58 -16.26 -2.00
C GLU A 129 -2.67 -16.11 -0.78
N LEU A 130 -2.08 -17.20 -0.29
CA LEU A 130 -1.16 -17.18 0.89
C LEU A 130 0.25 -16.79 0.48
N THR A 131 0.63 -17.04 -0.78
CA THR A 131 1.89 -16.52 -1.41
C THR A 131 1.85 -14.99 -1.37
N SER A 132 0.67 -14.40 -1.63
CA SER A 132 0.43 -12.94 -1.64
C SER A 132 0.56 -12.37 -0.22
N LEU A 133 -0.22 -12.91 0.73
CA LEU A 133 -0.21 -12.46 2.16
C LEU A 133 1.24 -12.50 2.67
N ALA A 134 1.90 -13.65 2.56
CA ALA A 134 3.28 -13.87 3.05
C ALA A 134 4.22 -12.82 2.46
N LYS A 135 4.12 -12.58 1.15
CA LYS A 135 5.00 -11.62 0.41
C LYS A 135 4.70 -10.19 0.89
N TYR A 136 3.43 -9.90 1.23
CA TYR A 136 2.97 -8.57 1.71
C TYR A 136 3.43 -8.31 3.14
N LEU A 137 3.17 -9.26 4.05
CA LEU A 137 3.60 -9.19 5.48
C LEU A 137 5.12 -8.99 5.54
N ASN A 138 5.85 -9.65 4.63
CA ASN A 138 7.34 -9.61 4.58
C ASN A 138 7.82 -8.24 4.09
N SER A 139 6.96 -7.49 3.39
CA SER A 139 7.22 -6.12 2.87
C SER A 139 6.88 -5.09 3.95
N ALA A 140 7.52 -5.21 5.12
CA ALA A 140 7.25 -4.52 6.41
C ALA A 140 6.19 -3.43 6.31
N PRO A 141 4.89 -3.77 6.42
CA PRO A 141 3.81 -2.79 6.53
C PRO A 141 3.35 -2.56 7.96
N SER A 142 2.70 -1.43 8.21
CA SER A 142 2.17 -1.02 9.54
C SER A 142 1.43 -2.20 10.17
N LEU A 143 1.58 -2.37 11.48
CA LEU A 143 0.99 -3.50 12.23
C LEU A 143 -0.51 -3.56 11.94
N GLU A 144 -1.17 -2.39 11.90
CA GLU A 144 -2.63 -2.28 11.66
C GLU A 144 -2.92 -2.80 10.24
N ASP A 145 -2.16 -2.35 9.25
CA ASP A 145 -2.32 -2.75 7.82
C ASP A 145 -2.25 -4.27 7.75
N ALA A 146 -1.19 -4.85 8.31
CA ALA A 146 -0.95 -6.31 8.40
C ALA A 146 -2.15 -7.00 9.06
N LEU A 147 -2.61 -6.49 10.21
CA LEU A 147 -3.74 -7.07 10.98
C LEU A 147 -4.95 -7.26 10.06
N PHE A 148 -5.33 -6.20 9.33
CA PHE A 148 -6.53 -6.17 8.45
C PHE A 148 -6.32 -7.12 7.28
N ARG A 149 -5.25 -6.94 6.51
CA ARG A 149 -4.95 -7.76 5.31
C ARG A 149 -5.21 -9.23 5.63
N THR A 150 -4.74 -9.71 6.78
CA THR A 150 -4.89 -11.09 7.27
C THR A 150 -6.38 -11.39 7.49
N ALA A 151 -7.02 -10.62 8.37
CA ALA A 151 -8.48 -10.69 8.63
C ALA A 151 -9.24 -10.74 7.31
N GLN A 152 -8.81 -9.97 6.31
CA GLN A 152 -9.40 -9.88 4.94
C GLN A 152 -9.21 -11.21 4.19
N LEU A 153 -7.98 -11.75 4.17
CA LEU A 153 -7.67 -13.02 3.48
C LEU A 153 -8.50 -14.15 4.09
N VAL A 154 -8.54 -14.25 5.42
CA VAL A 154 -9.27 -15.34 6.13
C VAL A 154 -10.76 -15.19 5.83
N SER A 155 -11.27 -13.96 5.79
CA SER A 155 -12.69 -13.68 5.45
C SER A 155 -12.98 -14.18 4.04
N SER A 156 -11.98 -14.09 3.14
CA SER A 156 -12.10 -14.47 1.71
C SER A 156 -12.26 -15.99 1.57
N ILE A 157 -11.34 -16.78 2.14
CA ILE A 157 -11.23 -18.24 1.88
C ILE A 157 -12.20 -19.02 2.78
N SER A 158 -12.51 -18.49 3.97
CA SER A 158 -13.43 -19.11 4.95
C SER A 158 -14.88 -18.87 4.51
N GLY A 159 -15.17 -17.65 4.04
CA GLY A 159 -16.52 -17.19 3.67
C GLY A 159 -17.41 -17.06 4.89
N HIS A 160 -16.94 -16.34 5.91
CA HIS A 160 -17.66 -16.09 7.17
C HIS A 160 -18.27 -14.69 7.16
N ASP A 161 -19.45 -14.53 7.77
CA ASP A 161 -20.21 -13.26 7.84
C ASP A 161 -19.32 -12.16 8.45
N ARG A 162 -18.43 -12.52 9.38
CA ARG A 162 -17.50 -11.59 10.07
C ARG A 162 -16.20 -12.34 10.38
N THR A 163 -15.06 -11.66 10.30
CA THR A 163 -13.70 -12.23 10.49
C THR A 163 -12.86 -11.23 11.28
N LEU A 164 -13.13 -11.06 12.57
CA LEU A 164 -12.45 -10.05 13.42
C LEU A 164 -11.15 -10.63 14.00
N ILE A 165 -10.15 -9.77 14.23
CA ILE A 165 -8.89 -10.11 14.97
C ILE A 165 -8.96 -9.42 16.34
N TYR A 166 -8.47 -10.13 17.35
CA TYR A 166 -8.73 -9.89 18.78
C TYR A 166 -7.40 -9.97 19.54
N ASP A 167 -6.91 -8.83 20.03
CA ASP A 167 -5.57 -8.70 20.66
C ASP A 167 -5.76 -8.57 22.17
N PHE A 168 -5.21 -9.52 22.92
CA PHE A 168 -5.24 -9.54 24.40
C PHE A 168 -4.32 -8.44 24.92
N GLY A 169 -4.77 -7.81 26.02
CA GLY A 169 -3.95 -6.96 26.89
C GLY A 169 -3.42 -7.77 28.06
N LEU A 170 -2.95 -7.09 29.10
CA LEU A 170 -2.36 -7.73 30.30
C LEU A 170 -3.49 -8.43 31.07
N ASP A 171 -4.55 -7.69 31.40
CA ASP A 171 -5.69 -8.18 32.24
C ASP A 171 -6.42 -9.33 31.53
N TRP A 172 -6.08 -9.60 30.25
CA TRP A 172 -6.58 -10.74 29.43
C TRP A 172 -7.99 -10.46 28.90
N SER A 173 -8.50 -9.25 29.13
CA SER A 173 -9.54 -8.60 28.28
C SER A 173 -8.94 -8.50 26.87
N GLY A 174 -9.77 -8.18 25.87
CA GLY A 174 -9.33 -8.17 24.45
C GLY A 174 -9.99 -7.06 23.67
N HIS A 175 -9.24 -6.46 22.74
CA HIS A 175 -9.63 -5.31 21.89
C HIS A 175 -9.70 -5.79 20.43
N VAL A 176 -10.85 -5.63 19.77
CA VAL A 176 -11.02 -6.03 18.35
C VAL A 176 -10.28 -4.99 17.49
N VAL A 177 -9.12 -5.38 16.95
CA VAL A 177 -8.10 -4.47 16.34
C VAL A 177 -8.28 -4.42 14.82
N ALA A 178 -8.96 -5.41 14.26
CA ALA A 178 -9.24 -5.53 12.81
C ALA A 178 -10.55 -6.31 12.62
N GLU A 179 -11.21 -6.15 11.47
CA GLU A 179 -12.52 -6.77 11.15
C GLU A 179 -12.68 -6.88 9.64
N ALA A 180 -13.51 -7.82 9.19
CA ALA A 180 -13.82 -8.06 7.77
C ALA A 180 -15.10 -8.92 7.67
N GLY A 181 -16.16 -8.38 7.06
CA GLY A 181 -17.50 -9.01 7.09
C GLY A 181 -18.33 -8.69 5.85
N SER A 182 -19.25 -9.59 5.52
CA SER A 182 -20.30 -9.42 4.50
C SER A 182 -21.28 -8.34 4.96
N GLY A 183 -21.29 -8.01 6.26
CA GLY A 183 -22.20 -7.02 6.87
C GLY A 183 -23.47 -7.66 7.40
N ALA A 184 -23.55 -8.99 7.35
CA ALA A 184 -24.66 -9.81 7.88
C ALA A 184 -24.72 -9.68 9.41
N LEU A 185 -23.56 -9.69 10.07
CA LEU A 185 -23.43 -9.59 11.55
C LEU A 185 -22.89 -8.22 11.94
N PRO A 186 -23.12 -7.77 13.19
CA PRO A 186 -22.70 -6.42 13.62
C PRO A 186 -21.18 -6.17 13.55
N SER A 187 -20.78 -4.89 13.52
CA SER A 187 -19.37 -4.45 13.59
C SER A 187 -18.94 -4.34 15.05
N TYR A 188 -17.97 -5.16 15.48
CA TYR A 188 -17.37 -5.13 16.84
C TYR A 188 -16.01 -4.40 16.79
N LEU A 189 -15.61 -3.87 15.63
CA LEU A 189 -14.29 -3.20 15.45
C LEU A 189 -14.14 -2.10 16.51
N GLY A 190 -13.07 -2.15 17.31
CA GLY A 190 -12.72 -1.12 18.31
C GLY A 190 -13.30 -1.40 19.69
N LEU A 191 -14.24 -2.34 19.79
CA LEU A 191 -14.86 -2.73 21.08
C LEU A 191 -13.88 -3.60 21.86
N ARG A 192 -13.85 -3.45 23.19
CA ARG A 192 -13.08 -4.31 24.12
C ARG A 192 -14.05 -5.29 24.78
N PHE A 193 -13.62 -6.53 25.02
CA PHE A 193 -14.43 -7.57 25.71
C PHE A 193 -13.69 -7.99 26.98
N PRO A 194 -14.41 -8.37 28.06
CA PRO A 194 -13.78 -8.77 29.31
C PRO A 194 -13.05 -10.12 29.20
N ALA A 195 -12.10 -10.34 30.12
CA ALA A 195 -11.24 -11.55 30.15
C ALA A 195 -12.10 -12.80 30.31
N GLY A 196 -13.18 -12.71 31.09
CA GLY A 196 -14.08 -13.84 31.43
C GLY A 196 -14.71 -14.48 30.21
N ASP A 197 -14.67 -13.80 29.06
CA ASP A 197 -15.23 -14.28 27.77
C ASP A 197 -14.37 -15.39 27.17
N ILE A 198 -13.07 -15.39 27.44
CA ILE A 198 -12.12 -16.49 27.12
C ILE A 198 -11.38 -16.84 28.39
N PRO A 199 -11.89 -17.80 29.19
CA PRO A 199 -11.39 -18.03 30.55
C PRO A 199 -10.03 -18.73 30.55
N PRO A 200 -9.31 -18.70 31.69
CA PRO A 200 -7.91 -19.11 31.73
C PRO A 200 -7.59 -20.46 31.07
N GLN A 201 -8.43 -21.48 31.30
CA GLN A 201 -8.21 -22.84 30.76
C GLN A 201 -8.33 -22.77 29.24
N ALA A 202 -9.32 -22.03 28.73
CA ALA A 202 -9.52 -21.82 27.28
C ALA A 202 -8.24 -21.23 26.70
N ARG A 203 -7.76 -20.14 27.29
CA ARG A 203 -6.51 -19.46 26.87
C ARG A 203 -5.39 -20.50 26.78
N GLN A 204 -5.16 -21.22 27.87
CA GLN A 204 -4.09 -22.24 27.99
C GLN A 204 -4.18 -23.23 26.83
N LEU A 205 -5.33 -23.87 26.67
CA LEU A 205 -5.57 -24.86 25.59
C LEU A 205 -5.24 -24.23 24.24
N TYR A 206 -5.77 -23.05 23.96
CA TYR A 206 -5.67 -22.38 22.63
C TYR A 206 -4.22 -22.00 22.33
N THR A 207 -3.36 -21.98 23.35
CA THR A 207 -1.92 -21.66 23.21
C THR A 207 -1.16 -22.89 22.67
N ILE A 208 -1.74 -24.08 22.81
CA ILE A 208 -1.13 -25.37 22.38
C ILE A 208 -1.91 -25.97 21.22
N ASN A 209 -3.25 -25.83 21.21
CA ASN A 209 -4.14 -26.29 20.11
C ASN A 209 -4.75 -25.03 19.43
N ARG A 210 -4.06 -24.51 18.41
CA ARG A 210 -4.25 -23.15 17.88
C ARG A 210 -5.28 -23.14 16.75
N LEU A 211 -6.42 -23.81 16.93
CA LEU A 211 -7.51 -23.86 15.92
C LEU A 211 -8.68 -24.67 16.49
N ARG A 212 -9.88 -24.09 16.47
CA ARG A 212 -11.14 -24.78 16.85
C ARG A 212 -12.26 -24.23 15.96
N MSE A 213 -13.07 -25.16 15.44
CA MSE A 213 -14.20 -24.81 14.59
C MSE A 213 -15.48 -25.40 15.16
O MSE A 213 -15.54 -26.58 15.49
CB MSE A 213 -13.99 -25.33 13.16
CG MSE A 213 -15.05 -24.84 12.20
SE MSE A 213 -15.00 -25.81 10.48
CE MSE A 213 -15.51 -27.70 10.76
N ILE A 214 -16.50 -24.53 15.25
CA ILE A 214 -17.83 -24.91 15.69
C ILE A 214 -18.78 -24.60 14.53
N PRO A 215 -19.04 -25.54 13.60
CA PRO A 215 -19.81 -25.24 12.39
C PRO A 215 -21.32 -25.09 12.61
N ASP A 216 -21.84 -25.57 13.75
CA ASP A 216 -23.28 -25.45 14.11
C ASP A 216 -23.40 -25.40 15.64
N VAL A 217 -23.97 -24.32 16.16
CA VAL A 217 -24.08 -24.01 17.62
C VAL A 217 -25.02 -25.02 18.30
N ASP A 218 -26.08 -25.45 17.60
CA ASP A 218 -27.16 -26.29 18.18
C ASP A 218 -26.89 -27.78 17.92
N TYR A 219 -25.64 -28.14 17.59
CA TYR A 219 -25.21 -29.55 17.38
C TYR A 219 -25.55 -30.34 18.65
N LYS A 220 -25.90 -31.61 18.48
CA LYS A 220 -26.18 -32.54 19.62
C LYS A 220 -24.91 -33.33 19.91
N PRO A 221 -24.28 -33.14 21.09
CA PRO A 221 -23.07 -33.88 21.45
C PRO A 221 -23.18 -35.38 21.18
N VAL A 222 -22.17 -35.94 20.49
CA VAL A 222 -22.07 -37.38 20.10
C VAL A 222 -21.15 -38.07 21.10
N PRO A 223 -21.69 -38.93 22.01
CA PRO A 223 -20.89 -39.52 23.09
C PRO A 223 -19.77 -40.46 22.61
N ILE A 224 -18.67 -40.50 23.37
CA ILE A 224 -17.56 -41.48 23.21
C ILE A 224 -17.70 -42.57 24.29
N ARG A 225 -17.71 -43.83 23.86
CA ARG A 225 -17.92 -45.02 24.73
C ARG A 225 -16.76 -45.99 24.54
N PRO A 226 -16.20 -46.59 25.61
CA PRO A 226 -16.57 -46.25 26.99
C PRO A 226 -16.05 -44.89 27.43
N GLU A 227 -16.61 -44.35 28.53
CA GLU A 227 -16.23 -43.05 29.16
C GLU A 227 -14.80 -43.18 29.70
N VAL A 228 -14.47 -44.34 30.23
CA VAL A 228 -13.14 -44.66 30.82
C VAL A 228 -12.45 -45.66 29.89
N ASN A 229 -11.26 -45.30 29.39
CA ASN A 229 -10.38 -46.08 28.50
C ASN A 229 -9.85 -47.30 29.26
N ALA A 230 -9.89 -48.50 28.65
CA ALA A 230 -9.44 -49.77 29.27
C ALA A 230 -7.94 -49.69 29.55
N GLU A 231 -7.14 -49.33 28.55
CA GLU A 231 -5.65 -49.37 28.60
C GLU A 231 -5.11 -48.38 29.65
N THR A 232 -5.69 -47.18 29.76
CA THR A 232 -5.20 -46.10 30.67
C THR A 232 -6.01 -46.09 31.97
N GLY A 233 -7.28 -46.47 31.94
CA GLY A 233 -8.18 -46.45 33.10
C GLY A 233 -8.59 -45.04 33.52
N ALA A 234 -8.53 -44.09 32.58
CA ALA A 234 -8.83 -42.66 32.77
C ALA A 234 -9.51 -42.06 31.54
N VAL A 235 -10.25 -40.97 31.74
CA VAL A 235 -10.93 -40.18 30.65
C VAL A 235 -9.93 -39.84 29.54
N LEU A 236 -10.38 -39.95 28.28
CA LEU A 236 -9.63 -39.52 27.07
C LEU A 236 -9.36 -38.01 27.11
N ASP A 237 -8.10 -37.61 27.24
CA ASP A 237 -7.64 -36.20 27.08
C ASP A 237 -7.79 -35.83 25.60
N MSE A 238 -8.76 -34.96 25.31
CA MSE A 238 -9.11 -34.54 23.96
C MSE A 238 -8.62 -33.12 23.70
O MSE A 238 -9.24 -32.38 22.96
CB MSE A 238 -10.63 -34.64 23.74
CG MSE A 238 -11.30 -35.73 24.55
SE MSE A 238 -13.13 -36.01 23.92
CE MSE A 238 -13.17 -35.92 21.97
N SER A 239 -7.48 -32.77 24.30
CA SER A 239 -6.94 -31.42 24.15
C SER A 239 -6.73 -31.09 22.67
N PHE A 240 -6.19 -32.02 21.87
CA PHE A 240 -5.82 -31.82 20.45
C PHE A 240 -6.85 -32.46 19.50
N SER A 241 -7.97 -32.92 20.04
CA SER A 241 -9.13 -33.40 19.25
C SER A 241 -9.79 -32.18 18.58
N GLN A 242 -9.81 -32.16 17.24
CA GLN A 242 -10.48 -31.13 16.41
C GLN A 242 -11.99 -31.18 16.66
N LEU A 243 -12.56 -32.37 16.87
CA LEU A 243 -14.01 -32.63 16.96
C LEU A 243 -14.54 -32.41 18.39
N ARG A 244 -13.66 -32.12 19.34
CA ARG A 244 -14.01 -32.00 20.78
C ARG A 244 -15.28 -31.14 20.92
N SER A 245 -16.32 -31.69 21.54
CA SER A 245 -17.54 -30.96 21.96
C SER A 245 -17.15 -29.82 22.88
N VAL A 246 -17.73 -28.64 22.68
CA VAL A 246 -17.30 -27.39 23.37
C VAL A 246 -18.22 -27.15 24.57
N SER A 247 -17.75 -26.29 25.48
CA SER A 247 -18.44 -25.88 26.73
C SER A 247 -19.88 -25.46 26.43
N PRO A 248 -20.90 -26.11 27.04
CA PRO A 248 -22.28 -25.67 26.89
C PRO A 248 -22.44 -24.17 27.18
N VAL A 249 -21.69 -23.63 28.15
CA VAL A 249 -21.75 -22.21 28.58
C VAL A 249 -21.39 -21.30 27.39
N HIS A 250 -20.42 -21.70 26.56
CA HIS A 250 -19.97 -20.89 25.39
C HIS A 250 -20.97 -21.00 24.25
N LEU A 251 -21.50 -22.20 23.99
CA LEU A 251 -22.59 -22.41 23.00
C LEU A 251 -23.74 -21.44 23.32
N GLU A 252 -23.96 -21.13 24.60
CA GLU A 252 -24.97 -20.14 25.08
C GLU A 252 -24.51 -18.72 24.69
N TYR A 253 -23.29 -18.34 25.06
CA TYR A 253 -22.62 -17.07 24.70
C TYR A 253 -22.76 -16.82 23.20
N MSE A 254 -22.59 -17.88 22.39
CA MSE A 254 -22.69 -17.77 20.94
C MSE A 254 -24.13 -17.46 20.56
O MSE A 254 -24.37 -16.59 19.73
CB MSE A 254 -22.20 -19.06 20.27
CG MSE A 254 -20.68 -19.25 20.34
SE MSE A 254 -19.95 -20.72 19.23
CE MSE A 254 -21.07 -20.81 17.62
N ARG A 255 -25.08 -18.17 21.17
CA ARG A 255 -26.49 -17.94 20.90
C ARG A 255 -26.86 -16.49 21.23
N ASN A 256 -26.50 -16.03 22.42
CA ASN A 256 -26.75 -14.65 22.93
C ASN A 256 -26.27 -13.63 21.90
N MSE A 257 -25.08 -13.89 21.34
CA MSE A 257 -24.44 -13.02 20.37
C MSE A 257 -25.18 -13.05 19.04
O MSE A 257 -25.16 -12.07 18.32
CB MSE A 257 -22.99 -13.47 20.16
CG MSE A 257 -22.17 -12.57 19.24
SE MSE A 257 -20.25 -12.92 19.48
CE MSE A 257 -19.64 -11.89 21.02
N GLY A 258 -25.81 -14.19 18.73
CA GLY A 258 -26.55 -14.36 17.49
C GLY A 258 -25.70 -14.97 16.40
N THR A 259 -24.75 -15.82 16.79
CA THR A 259 -23.87 -16.61 15.89
C THR A 259 -24.30 -18.08 15.96
N ALA A 260 -24.46 -18.72 14.81
CA ALA A 260 -24.80 -20.15 14.66
C ALA A 260 -23.53 -20.96 14.41
N ALA A 261 -22.45 -20.31 13.95
CA ALA A 261 -21.17 -20.95 13.57
C ALA A 261 -20.00 -20.06 13.99
N SER A 262 -18.83 -20.69 14.21
CA SER A 262 -17.57 -20.03 14.64
C SER A 262 -16.36 -20.79 14.09
N MSE A 263 -15.22 -20.10 14.12
CA MSE A 263 -13.92 -20.73 13.90
C MSE A 263 -12.84 -19.74 14.33
O MSE A 263 -12.66 -18.71 13.70
CB MSE A 263 -13.72 -21.10 12.43
CG MSE A 263 -12.39 -21.77 12.18
SE MSE A 263 -11.81 -21.67 10.29
CE MSE A 263 -10.85 -19.94 10.21
N SER A 264 -12.14 -20.07 15.42
CA SER A 264 -11.06 -19.24 15.93
C SER A 264 -9.72 -19.87 15.53
N VAL A 265 -8.66 -19.07 15.45
CA VAL A 265 -7.29 -19.52 15.06
C VAL A 265 -6.30 -18.72 15.91
N SER A 266 -5.55 -19.39 16.80
CA SER A 266 -4.72 -18.72 17.84
C SER A 266 -3.51 -18.05 17.19
N ILE A 267 -3.34 -16.76 17.46
CA ILE A 267 -2.13 -15.97 17.08
C ILE A 267 -1.19 -16.04 18.29
N VAL A 268 -0.07 -16.77 18.17
CA VAL A 268 0.88 -17.01 19.30
C VAL A 268 2.24 -16.44 18.93
N VAL A 269 2.76 -15.54 19.78
CA VAL A 269 4.04 -14.80 19.57
C VAL A 269 4.93 -15.06 20.77
N ASN A 270 6.04 -15.76 20.57
CA ASN A 270 7.02 -16.14 21.63
C ASN A 270 6.28 -16.93 22.70
N GLY A 271 5.51 -17.94 22.29
CA GLY A 271 4.84 -18.93 23.17
C GLY A 271 3.74 -18.32 24.03
N ALA A 272 3.37 -17.08 23.75
CA ALA A 272 2.28 -16.35 24.43
C ALA A 272 1.12 -16.24 23.44
N LEU A 273 -0.07 -16.64 23.86
CA LEU A 273 -1.32 -16.32 23.15
C LEU A 273 -1.46 -14.80 23.07
N TRP A 274 -1.18 -14.23 21.89
CA TRP A 274 -1.20 -12.77 21.62
C TRP A 274 -2.63 -12.32 21.33
N GLY A 275 -3.38 -13.17 20.62
CA GLY A 275 -4.75 -12.89 20.17
C GLY A 275 -5.36 -14.05 19.43
N LEU A 276 -6.50 -13.81 18.79
CA LEU A 276 -7.22 -14.78 17.92
C LEU A 276 -7.63 -14.10 16.62
N ILE A 277 -7.51 -14.82 15.49
CA ILE A 277 -8.37 -14.63 14.29
C ILE A 277 -9.69 -15.36 14.59
N ALA A 278 -10.81 -14.65 14.64
CA ALA A 278 -12.13 -15.22 15.06
C ALA A 278 -13.21 -14.91 14.02
N CYS A 279 -13.59 -15.91 13.23
CA CYS A 279 -14.71 -15.85 12.26
C CYS A 279 -16.02 -16.26 12.94
N HIS A 280 -17.15 -15.68 12.50
CA HIS A 280 -18.53 -15.97 12.95
C HIS A 280 -19.46 -16.08 11.73
N HIS A 281 -20.69 -16.58 11.93
CA HIS A 281 -21.72 -16.73 10.86
C HIS A 281 -23.12 -16.67 11.49
N ALA A 282 -24.07 -15.98 10.83
CA ALA A 282 -25.48 -15.85 11.27
C ALA A 282 -26.18 -17.21 11.20
N THR A 283 -25.85 -18.01 10.19
CA THR A 283 -26.38 -19.38 9.97
C THR A 283 -25.25 -20.39 10.14
N PRO A 284 -25.56 -21.68 10.43
CA PRO A 284 -24.54 -22.73 10.46
C PRO A 284 -23.68 -22.70 9.19
N HIS A 285 -22.38 -23.02 9.33
CA HIS A 285 -21.36 -22.82 8.27
C HIS A 285 -20.10 -23.62 8.61
N SER A 286 -19.80 -24.66 7.81
CA SER A 286 -18.63 -25.55 7.94
C SER A 286 -17.55 -25.07 6.98
N VAL A 287 -16.30 -25.54 7.19
CA VAL A 287 -15.10 -25.11 6.42
C VAL A 287 -14.18 -26.32 6.23
N SER A 288 -13.63 -26.50 5.03
CA SER A 288 -12.82 -27.67 4.61
C SER A 288 -11.57 -27.78 5.50
N LEU A 289 -10.99 -28.98 5.56
CA LEU A 289 -9.68 -29.24 6.20
C LEU A 289 -8.66 -28.29 5.57
N ALA A 290 -8.62 -28.28 4.22
CA ALA A 290 -7.65 -27.53 3.39
C ALA A 290 -7.65 -26.04 3.78
N VAL A 291 -8.84 -25.46 3.99
CA VAL A 291 -9.04 -24.00 4.24
C VAL A 291 -8.70 -23.70 5.71
N ARG A 292 -9.05 -24.59 6.64
CA ARG A 292 -8.65 -24.44 8.07
C ARG A 292 -7.13 -24.46 8.17
N GLU A 293 -6.47 -25.26 7.34
CA GLU A 293 -4.98 -25.43 7.33
C GLU A 293 -4.33 -24.23 6.64
N ALA A 294 -5.06 -23.52 5.79
CA ALA A 294 -4.63 -22.24 5.17
C ALA A 294 -4.68 -21.11 6.21
N CYS A 295 -5.71 -21.10 7.07
CA CYS A 295 -5.95 -20.07 8.12
C CYS A 295 -4.93 -20.20 9.25
N ASP A 296 -4.58 -21.43 9.62
CA ASP A 296 -3.51 -21.70 10.61
C ASP A 296 -2.22 -21.07 10.08
N PHE A 297 -1.90 -21.31 8.80
CA PHE A 297 -0.70 -20.79 8.09
C PHE A 297 -0.73 -19.24 8.13
N ALA A 298 -1.87 -18.64 7.79
CA ALA A 298 -2.09 -17.18 7.88
C ALA A 298 -1.75 -16.71 9.30
N ALA A 299 -2.35 -17.34 10.31
CA ALA A 299 -2.16 -16.98 11.74
C ALA A 299 -0.68 -17.03 12.10
N GLN A 300 0.07 -18.00 11.57
CA GLN A 300 1.53 -18.15 11.81
C GLN A 300 2.25 -16.96 11.18
N LEU A 301 2.02 -16.73 9.88
CA LEU A 301 2.64 -15.65 9.09
C LEU A 301 2.41 -14.30 9.80
N LEU A 302 1.16 -14.02 10.20
CA LEU A 302 0.79 -12.81 10.97
C LEU A 302 1.59 -12.78 12.28
N SER A 303 1.71 -13.93 12.96
CA SER A 303 2.39 -14.06 14.28
C SER A 303 3.87 -13.74 14.12
N MSE A 304 4.44 -14.07 12.96
CA MSE A 304 5.84 -13.78 12.69
C MSE A 304 6.02 -12.28 12.48
O MSE A 304 7.04 -11.72 12.88
CB MSE A 304 6.32 -14.56 11.47
CG MSE A 304 6.45 -16.04 11.72
SE MSE A 304 7.00 -16.99 10.10
CE MSE A 304 8.61 -18.01 10.53
N ARG A 305 5.01 -11.64 11.85
CA ARG A 305 5.05 -10.21 11.64
C ARG A 305 4.86 -9.50 12.98
N ILE A 306 3.84 -9.88 13.75
CA ILE A 306 3.54 -9.26 15.07
C ILE A 306 4.81 -9.23 15.92
N ALA A 307 5.64 -10.27 15.82
CA ALA A 307 6.90 -10.43 16.59
C ALA A 307 7.99 -9.51 16.06
N MSE A 308 8.10 -9.42 14.74
CA MSE A 308 9.14 -8.62 14.12
C MSE A 308 8.84 -7.13 14.29
O MSE A 308 9.71 -6.33 14.61
CB MSE A 308 9.29 -9.02 12.65
CG MSE A 308 10.04 -10.32 12.49
SE MSE A 308 10.15 -10.98 10.66
CE MSE A 308 8.48 -11.87 10.14
N GLU A 309 7.57 -6.75 14.14
CA GLU A 309 7.13 -5.40 14.44
C GLU A 309 7.39 -5.15 15.91
N GLN A 310 6.67 -5.87 16.78
CA GLN A 310 6.75 -5.77 18.26
C GLN A 310 8.22 -5.75 18.70
N SER A 311 9.11 -6.43 17.96
CA SER A 311 10.55 -6.54 18.28
C SER A 311 11.30 -5.26 17.86
N SER A 312 11.38 -4.97 16.56
CA SER A 312 12.18 -3.87 15.98
C SER A 312 11.68 -2.52 16.48
N GLN A 313 10.42 -2.45 16.92
CA GLN A 313 9.82 -1.27 17.59
C GLN A 313 10.47 -1.11 18.97
N ASP A 314 10.33 -2.15 19.80
CA ASP A 314 10.90 -2.27 21.16
C ASP A 314 12.43 -2.10 21.11
N ALA A 315 13.06 -2.54 20.04
CA ALA A 315 14.52 -2.50 19.80
C ALA A 315 14.98 -1.05 19.65
N SER A 316 14.35 -0.28 18.76
CA SER A 316 14.60 1.17 18.51
C SER A 316 14.38 1.97 19.78
N ARG A 317 13.46 1.54 20.65
CA ARG A 317 13.07 2.25 21.91
C ARG A 317 14.20 2.15 22.94
N ARG A 318 14.74 0.95 23.15
CA ARG A 318 15.88 0.69 24.08
C ARG A 318 17.09 1.49 23.63
N VAL A 319 17.38 1.57 22.32
CA VAL A 319 18.49 2.39 21.73
C VAL A 319 18.25 3.87 22.07
N GLU A 320 17.05 4.39 21.82
CA GLU A 320 16.65 5.83 22.02
C GLU A 320 16.78 6.18 23.51
N LEU A 321 16.39 5.26 24.40
CA LEU A 321 16.45 5.43 25.88
C LEU A 321 17.87 5.22 26.38
N GLY A 322 18.67 4.41 25.67
CA GLY A 322 20.09 4.17 25.97
C GLY A 322 20.91 5.42 25.76
N HIS A 323 20.78 6.06 24.58
CA HIS A 323 21.46 7.32 24.21
C HIS A 323 21.25 8.38 25.28
N ILE A 324 20.05 8.42 25.89
CA ILE A 324 19.67 9.33 27.00
C ILE A 324 20.44 8.92 28.27
N GLN A 325 20.25 7.69 28.74
CA GLN A 325 20.91 7.11 29.94
C GLN A 325 22.42 7.40 29.87
N ALA A 326 23.02 7.30 28.68
CA ALA A 326 24.41 7.68 28.39
C ALA A 326 24.65 9.13 28.81
N ARG A 327 23.87 10.07 28.25
CA ARG A 327 24.01 11.54 28.46
C ARG A 327 23.84 11.85 29.95
N LEU A 328 22.88 11.21 30.62
CA LEU A 328 22.61 11.42 32.07
C LEU A 328 23.81 10.91 32.90
N LEU A 329 24.39 9.77 32.52
CA LEU A 329 25.52 9.15 33.26
C LEU A 329 26.82 9.92 32.97
N LYS A 330 27.01 10.37 31.73
CA LYS A 330 28.15 11.24 31.29
C LYS A 330 28.14 12.52 32.14
N GLY A 331 26.98 13.19 32.21
CA GLY A 331 26.79 14.45 32.94
C GLY A 331 27.00 14.28 34.44
N MSE A 332 26.47 13.18 35.00
CA MSE A 332 26.53 12.91 36.42
C MSE A 332 27.97 12.64 36.86
O MSE A 332 28.30 12.84 38.02
CB MSE A 332 25.65 11.71 36.80
CG MSE A 332 24.23 12.06 37.16
SE MSE A 332 23.26 10.51 37.91
CE MSE A 332 22.96 9.23 36.48
N ALA A 333 28.81 12.16 35.93
CA ALA A 333 30.20 11.87 36.20
C ALA A 333 31.06 13.14 36.04
N ALA A 334 30.80 13.93 34.99
CA ALA A 334 31.64 15.07 34.54
C ALA A 334 31.48 16.28 35.47
N ALA A 335 30.26 16.53 35.98
CA ALA A 335 29.91 17.76 36.74
C ALA A 335 30.46 17.69 38.16
N GLU A 336 30.58 18.84 38.83
CA GLU A 336 31.10 19.01 40.22
C GLU A 336 30.14 18.34 41.21
N LYS A 337 28.86 18.74 41.21
CA LYS A 337 27.79 18.07 42.01
C LYS A 337 27.06 17.08 41.09
N TRP A 338 26.96 15.81 41.49
CA TRP A 338 26.42 14.70 40.64
C TRP A 338 24.98 15.04 40.20
N VAL A 339 24.20 15.65 41.10
CA VAL A 339 22.75 15.95 40.90
C VAL A 339 22.55 16.80 39.64
N ASP A 340 23.53 17.65 39.29
CA ASP A 340 23.48 18.59 38.14
C ASP A 340 23.60 17.84 36.80
N GLY A 341 23.93 16.55 36.81
CA GLY A 341 23.87 15.70 35.62
C GLY A 341 22.45 15.47 35.14
N LEU A 342 21.48 15.63 36.06
CA LEU A 342 20.03 15.40 35.83
C LEU A 342 19.30 16.74 35.67
N LEU A 343 19.55 17.69 36.57
CA LEU A 343 18.78 18.95 36.73
C LEU A 343 19.62 20.17 36.28
N GLY A 344 20.87 19.96 35.87
CA GLY A 344 21.84 21.04 35.61
C GLY A 344 21.32 22.08 34.65
N GLY A 345 21.08 21.68 33.39
CA GLY A 345 20.68 22.58 32.30
C GLY A 345 19.29 22.27 31.76
N GLU A 346 18.91 22.95 30.68
CA GLU A 346 17.61 22.79 29.96
C GLU A 346 17.57 21.40 29.31
N GLY A 347 18.68 20.99 28.67
CA GLY A 347 18.85 19.70 28.00
C GLY A 347 18.84 18.54 28.99
N GLU A 348 19.54 18.68 30.12
CA GLU A 348 19.64 17.64 31.17
C GLU A 348 18.26 17.38 31.77
N ARG A 349 17.57 18.45 32.17
CA ARG A 349 16.23 18.34 32.80
C ARG A 349 15.23 17.78 31.77
N GLU A 350 15.47 17.97 30.47
CA GLU A 350 14.66 17.41 29.36
C GLU A 350 14.98 15.92 29.18
N ASP A 351 16.24 15.52 29.36
CA ASP A 351 16.66 14.09 29.31
C ASP A 351 16.03 13.36 30.49
N LEU A 352 16.23 13.83 31.72
CA LEU A 352 15.64 13.21 32.94
C LEU A 352 14.18 12.82 32.66
N LEU A 353 13.41 13.69 32.01
CA LEU A 353 11.97 13.45 31.70
C LEU A 353 11.82 12.42 30.56
N LYS A 354 12.59 12.56 29.48
CA LYS A 354 12.49 11.70 28.26
C LYS A 354 12.99 10.27 28.56
N GLN A 355 13.73 10.08 29.66
CA GLN A 355 14.37 8.80 30.07
C GLN A 355 13.32 7.72 30.34
N VAL A 356 12.07 8.13 30.65
CA VAL A 356 10.90 7.20 30.78
C VAL A 356 9.70 7.75 30.02
N GLY A 357 9.92 8.72 29.13
CA GLY A 357 8.85 9.48 28.45
C GLY A 357 7.84 10.04 29.44
N ALA A 358 8.31 10.75 30.47
CA ALA A 358 7.49 11.34 31.56
C ALA A 358 7.24 12.82 31.24
N ASP A 359 6.17 13.40 31.80
CA ASP A 359 5.87 14.85 31.70
C ASP A 359 6.51 15.59 32.89
N GLY A 360 6.79 14.89 33.98
CA GLY A 360 7.34 15.50 35.21
C GLY A 360 8.21 14.54 35.97
N ALA A 361 9.09 15.08 36.83
CA ALA A 361 10.00 14.33 37.71
C ALA A 361 10.18 15.09 39.02
N ALA A 362 10.28 14.37 40.14
CA ALA A 362 10.63 14.90 41.47
C ALA A 362 11.83 14.12 42.00
N LEU A 363 12.97 14.79 42.19
CA LEU A 363 14.21 14.19 42.74
C LEU A 363 14.34 14.66 44.20
N VAL A 364 13.79 13.87 45.14
CA VAL A 364 13.84 14.15 46.61
C VAL A 364 15.15 13.58 47.17
N LEU A 365 15.81 14.35 48.04
CA LEU A 365 17.05 13.94 48.75
C LEU A 365 16.96 14.39 50.21
N GLY A 366 16.15 13.68 51.02
CA GLY A 366 15.81 14.07 52.40
C GLY A 366 14.76 15.16 52.40
N ASP A 367 15.15 16.38 52.78
CA ASP A 367 14.29 17.59 52.81
C ASP A 367 14.68 18.52 51.65
N ASP A 368 15.19 17.96 50.55
CA ASP A 368 15.80 18.71 49.42
C ASP A 368 15.09 18.32 48.12
N TYR A 369 13.89 18.89 47.89
CA TYR A 369 13.00 18.60 46.74
C TYR A 369 13.49 19.38 45.52
N GLU A 370 13.38 18.76 44.35
CA GLU A 370 13.70 19.39 43.04
C GLU A 370 12.67 18.87 42.03
N LEU A 371 11.63 19.66 41.74
CA LEU A 371 10.53 19.29 40.81
C LEU A 371 10.94 19.70 39.40
N VAL A 372 10.61 18.88 38.39
CA VAL A 372 10.93 19.12 36.96
C VAL A 372 9.65 18.96 36.14
N GLY A 373 9.45 19.78 35.10
CA GLY A 373 8.28 19.71 34.20
C GLY A 373 6.97 19.94 34.94
N ASN A 374 6.00 19.05 34.73
CA ASN A 374 4.64 19.08 35.35
C ASN A 374 4.57 18.03 36.46
N THR A 375 4.63 18.48 37.73
CA THR A 375 4.54 17.64 38.95
C THR A 375 3.36 18.06 39.81
N PRO A 376 2.91 17.23 40.77
CA PRO A 376 2.09 17.72 41.87
C PRO A 376 2.96 18.57 42.82
N SER A 377 2.35 19.31 43.74
CA SER A 377 3.06 20.26 44.64
C SER A 377 3.99 19.47 45.58
N ARG A 378 4.98 20.14 46.16
CA ARG A 378 5.89 19.60 47.20
C ARG A 378 5.03 18.88 48.25
N GLU A 379 4.04 19.58 48.83
CA GLU A 379 3.16 19.08 49.91
C GLU A 379 2.46 17.79 49.46
N GLN A 380 2.10 17.71 48.18
CA GLN A 380 1.42 16.53 47.57
C GLN A 380 2.42 15.37 47.41
N VAL A 381 3.70 15.66 47.09
CA VAL A 381 4.78 14.65 46.85
C VAL A 381 5.27 14.13 48.21
N GLU A 382 5.51 15.03 49.17
CA GLU A 382 5.80 14.67 50.60
C GLU A 382 4.84 13.57 51.03
N GLU A 383 3.53 13.83 50.89
CA GLU A 383 2.43 12.93 51.31
C GLU A 383 2.42 11.67 50.44
N LEU A 384 2.83 11.78 49.17
CA LEU A 384 3.02 10.62 48.24
C LEU A 384 4.14 9.74 48.79
N ILE A 385 5.31 10.32 49.07
CA ILE A 385 6.52 9.59 49.58
C ILE A 385 6.18 8.94 50.93
N LEU A 386 5.31 9.54 51.74
CA LEU A 386 4.88 8.98 53.06
C LEU A 386 4.14 7.66 52.85
N TRP A 387 3.49 7.48 51.70
CA TRP A 387 2.66 6.30 51.35
C TRP A 387 3.52 5.24 50.63
N LEU A 388 4.48 5.66 49.80
CA LEU A 388 5.44 4.76 49.12
C LEU A 388 6.36 4.11 50.17
N GLY A 389 6.56 4.77 51.31
CA GLY A 389 7.32 4.24 52.45
C GLY A 389 6.65 3.01 53.07
N GLU A 390 5.32 2.92 52.97
CA GLU A 390 4.49 1.86 53.61
C GLU A 390 4.23 0.69 52.65
N ARG A 391 4.81 0.72 51.45
CA ARG A 391 4.71 -0.36 50.43
C ARG A 391 5.97 -1.23 50.50
N GLU A 392 5.96 -2.42 49.87
CA GLU A 392 7.17 -3.27 49.66
C GLU A 392 7.70 -3.00 48.25
N ILE A 393 8.81 -2.24 48.14
CA ILE A 393 9.40 -1.80 46.83
C ILE A 393 10.89 -2.18 46.81
N ALA A 394 11.18 -3.44 46.45
CA ALA A 394 12.56 -4.01 46.36
C ALA A 394 13.20 -3.59 45.03
N ASP A 395 12.37 -3.28 44.04
CA ASP A 395 12.77 -2.76 42.71
C ASP A 395 12.30 -1.29 42.64
N VAL A 396 11.25 -1.00 41.87
CA VAL A 396 10.68 0.37 41.69
C VAL A 396 9.16 0.23 41.67
N PHE A 397 8.43 1.16 42.26
CA PHE A 397 6.94 1.21 42.17
C PHE A 397 6.55 1.93 40.89
N ALA A 398 5.57 1.38 40.17
CA ALA A 398 5.03 1.93 38.91
C ALA A 398 3.54 1.57 38.83
N THR A 399 2.79 2.31 38.02
CA THR A 399 1.31 2.27 37.95
C THR A 399 0.89 3.33 36.93
N ASP A 400 -0.20 3.07 36.20
CA ASP A 400 -0.84 4.05 35.30
C ASP A 400 -2.24 4.34 35.84
N ASN A 401 -2.46 4.13 37.14
CA ASN A 401 -3.72 4.39 37.89
C ASN A 401 -3.40 4.53 39.37
N LEU A 402 -2.49 5.46 39.72
CA LEU A 402 -2.04 5.76 41.11
C LEU A 402 -3.25 6.02 42.00
N ALA A 403 -4.30 6.64 41.46
CA ALA A 403 -5.57 6.91 42.17
C ALA A 403 -6.15 5.61 42.72
N GLY A 404 -6.21 4.56 41.89
CA GLY A 404 -6.76 3.24 42.27
C GLY A 404 -6.01 2.60 43.42
N ASN A 405 -4.73 2.95 43.59
CA ASN A 405 -3.84 2.44 44.66
C ASN A 405 -3.89 3.42 45.85
N TYR A 406 -3.84 4.72 45.57
CA TYR A 406 -3.72 5.84 46.55
C TYR A 406 -4.84 6.84 46.28
N PRO A 407 -6.09 6.53 46.70
CA PRO A 407 -7.26 7.36 46.40
C PRO A 407 -7.10 8.88 46.55
N THR A 408 -6.23 9.33 47.46
CA THR A 408 -6.02 10.76 47.80
C THR A 408 -5.27 11.47 46.67
N ALA A 409 -4.65 10.72 45.76
CA ALA A 409 -3.87 11.23 44.62
C ALA A 409 -4.74 11.27 43.36
N ALA A 410 -6.06 11.25 43.54
CA ALA A 410 -7.05 11.58 42.48
C ALA A 410 -7.18 13.11 42.42
N ALA A 411 -6.80 13.78 43.51
CA ALA A 411 -6.82 15.25 43.64
C ALA A 411 -5.84 15.87 42.63
N TYR A 412 -4.78 15.15 42.24
CA TYR A 412 -3.77 15.62 41.25
C TYR A 412 -3.64 14.62 40.10
N ALA A 413 -4.75 14.00 39.69
CA ALA A 413 -4.83 13.01 38.59
C ALA A 413 -4.40 13.66 37.27
N SER A 414 -4.94 14.83 36.98
CA SER A 414 -4.65 15.67 35.79
C SER A 414 -3.15 15.67 35.49
N VAL A 415 -2.29 15.67 36.52
CA VAL A 415 -0.81 15.84 36.41
C VAL A 415 -0.07 14.52 36.71
N ALA A 416 -0.56 13.68 37.65
CA ALA A 416 0.07 12.39 38.05
C ALA A 416 -0.98 11.29 38.27
N SER A 417 -1.41 10.65 37.18
CA SER A 417 -2.20 9.38 37.15
C SER A 417 -1.24 8.20 37.01
N GLY A 418 -0.06 8.47 36.45
CA GLY A 418 1.03 7.51 36.28
C GLY A 418 2.28 8.01 36.96
N ILE A 419 2.88 7.18 37.82
CA ILE A 419 4.21 7.46 38.45
C ILE A 419 5.08 6.22 38.31
N ILE A 420 6.37 6.42 38.06
CA ILE A 420 7.48 5.49 38.37
C ILE A 420 8.21 6.08 39.58
N ALA A 421 7.85 5.64 40.79
CA ALA A 421 8.54 5.97 42.05
C ALA A 421 9.70 5.02 42.24
N MSE A 422 10.77 5.51 42.86
CA MSE A 422 12.04 4.82 42.89
C MSE A 422 12.88 5.38 44.02
O MSE A 422 13.17 6.57 44.02
CB MSE A 422 12.73 5.05 41.54
CG MSE A 422 13.75 4.02 41.17
SE MSE A 422 13.92 4.08 39.22
CE MSE A 422 15.22 5.56 38.97
N ARG A 423 13.23 4.55 45.01
CA ARG A 423 14.06 5.01 46.12
C ARG A 423 15.52 4.95 45.68
N VAL A 424 16.27 6.03 45.87
CA VAL A 424 17.66 6.22 45.34
C VAL A 424 18.62 6.25 46.52
N SER A 425 18.36 5.41 47.53
CA SER A 425 19.32 5.04 48.61
C SER A 425 18.93 3.69 49.25
N GLU A 426 19.68 3.30 50.29
CA GLU A 426 19.36 2.16 51.20
C GLU A 426 18.59 2.71 52.40
N LEU A 427 19.11 3.80 52.99
CA LEU A 427 18.41 4.66 53.97
C LEU A 427 17.30 5.43 53.25
N HIS A 428 16.06 5.30 53.74
CA HIS A 428 14.84 5.91 53.15
C HIS A 428 14.94 7.45 53.19
N GLY A 429 14.06 8.15 52.47
CA GLY A 429 13.96 9.61 52.50
C GLY A 429 14.71 10.31 51.38
N SER A 430 15.33 9.58 50.45
CA SER A 430 15.77 10.08 49.10
C SER A 430 15.09 9.27 47.99
N TRP A 431 14.42 9.93 47.02
CA TRP A 431 13.64 9.29 45.92
C TRP A 431 13.93 9.95 44.57
N LEU A 432 13.52 9.28 43.49
CA LEU A 432 13.33 9.85 42.13
C LEU A 432 12.02 9.28 41.57
N ILE A 433 10.98 10.09 41.55
CA ILE A 433 9.62 9.77 41.00
C ILE A 433 9.48 10.45 39.63
N TRP A 434 8.92 9.73 38.64
CA TRP A 434 8.47 10.29 37.33
C TRP A 434 6.94 10.36 37.32
N PHE A 435 6.40 11.47 36.85
CA PHE A 435 4.93 11.74 36.79
C PHE A 435 4.47 11.71 35.34
N ARG A 436 3.22 11.27 35.16
CA ARG A 436 2.57 11.11 33.84
C ARG A 436 1.10 11.48 34.01
N PRO A 437 0.53 12.31 33.12
CA PRO A 437 -0.79 12.91 33.36
C PRO A 437 -1.93 11.98 32.96
N GLU A 438 -3.07 12.11 33.64
CA GLU A 438 -4.37 11.49 33.24
C GLU A 438 -4.54 11.64 31.73
N VAL A 439 -4.79 10.55 31.03
CA VAL A 439 -5.35 10.55 29.65
C VAL A 439 -6.75 9.98 29.75
N ILE A 440 -7.77 10.83 29.63
CA ILE A 440 -9.19 10.38 29.44
C ILE A 440 -9.22 9.62 28.11
N LYS A 441 -9.93 8.50 28.05
CA LYS A 441 -10.30 7.84 26.77
C LYS A 441 -11.64 7.11 26.96
N THR A 442 -12.57 7.27 26.02
CA THR A 442 -13.83 6.50 25.96
C THR A 442 -13.51 5.06 25.61
N VAL A 443 -14.04 4.11 26.37
CA VAL A 443 -13.85 2.66 26.14
C VAL A 443 -15.22 2.08 25.81
N ARG A 444 -15.35 1.45 24.65
CA ARG A 444 -16.62 0.85 24.16
C ARG A 444 -16.50 -0.67 24.34
N TRP A 445 -17.32 -1.22 25.23
CA TRP A 445 -17.22 -2.62 25.72
C TRP A 445 -18.09 -3.56 24.87
N GLY A 446 -19.32 -3.22 24.56
CA GLY A 446 -20.29 -4.20 24.02
C GLY A 446 -20.52 -5.31 25.03
N GLY A 447 -21.14 -4.96 26.16
CA GLY A 447 -21.21 -5.82 27.36
C GLY A 447 -21.13 -5.04 28.66
N ASP A 448 -20.13 -5.32 29.51
CA ASP A 448 -20.08 -4.84 30.92
C ASP A 448 -18.83 -5.37 31.65
N PRO A 449 -18.68 -5.08 32.96
CA PRO A 449 -17.89 -5.92 33.87
C PRO A 449 -18.66 -7.19 34.31
N HIS A 460 -23.67 -18.09 34.34
CA HIS A 460 -24.25 -18.00 32.98
C HIS A 460 -23.66 -16.80 32.24
N PRO A 461 -23.61 -16.83 30.89
CA PRO A 461 -23.13 -15.69 30.09
C PRO A 461 -24.19 -14.60 29.93
N ARG A 462 -23.80 -13.45 29.39
CA ARG A 462 -24.63 -12.22 29.25
C ARG A 462 -25.36 -12.24 27.90
N LYS A 463 -26.57 -11.68 27.86
CA LYS A 463 -27.51 -11.75 26.69
C LYS A 463 -27.30 -10.57 25.74
N SER A 464 -26.93 -9.41 26.28
CA SER A 464 -26.76 -8.13 25.53
C SER A 464 -25.26 -7.85 25.31
N PHE A 465 -24.87 -7.61 24.05
CA PHE A 465 -23.52 -7.11 23.65
C PHE A 465 -23.68 -5.73 22.99
N GLU A 466 -24.61 -4.93 23.49
CA GLU A 466 -24.91 -3.55 23.02
C GLU A 466 -23.79 -2.63 23.49
N ILE A 467 -23.24 -1.81 22.58
CA ILE A 467 -21.98 -1.02 22.80
C ILE A 467 -22.11 -0.23 24.11
N TRP A 468 -21.50 -0.74 25.17
CA TRP A 468 -21.50 -0.17 26.53
C TRP A 468 -20.29 0.75 26.69
N LYS A 469 -20.53 2.05 26.90
CA LYS A 469 -19.51 3.13 26.90
C LYS A 469 -19.02 3.33 28.35
N GLU A 470 -17.87 3.99 28.50
CA GLU A 470 -17.40 4.57 29.78
C GLU A 470 -16.15 5.41 29.49
N GLN A 471 -15.99 6.54 30.20
CA GLN A 471 -14.76 7.36 30.22
C GLN A 471 -13.80 6.76 31.26
N LEU A 472 -12.56 6.47 30.86
CA LEU A 472 -11.51 5.99 31.81
C LEU A 472 -10.78 7.22 32.35
N ARG A 473 -10.89 7.44 33.65
CA ARG A 473 -10.33 8.60 34.38
C ARG A 473 -9.11 8.15 35.17
N ASN A 474 -8.33 9.10 35.67
CA ASN A 474 -7.27 8.88 36.70
C ASN A 474 -6.25 7.85 36.18
N THR A 475 -6.19 7.63 34.86
CA THR A 475 -5.35 6.60 34.20
C THR A 475 -4.46 7.22 33.13
N SER A 476 -3.14 7.16 33.31
CA SER A 476 -2.11 7.70 32.37
C SER A 476 -1.92 6.75 31.19
N PHE A 477 -1.09 7.15 30.21
CA PHE A 477 -0.60 6.25 29.13
C PHE A 477 0.27 5.19 29.79
N PRO A 478 0.14 3.90 29.40
CA PRO A 478 0.82 2.81 30.10
C PRO A 478 2.36 2.84 29.98
N TRP A 479 3.04 2.40 31.03
CA TRP A 479 4.53 2.35 31.11
C TRP A 479 5.05 1.18 30.29
N SER A 480 5.80 1.45 29.21
CA SER A 480 6.43 0.40 28.36
C SER A 480 7.50 -0.32 29.17
N GLU A 481 7.86 -1.55 28.78
CA GLU A 481 8.86 -2.36 29.52
C GLU A 481 10.27 -1.77 29.30
N PRO A 482 10.62 -1.23 28.09
CA PRO A 482 11.90 -0.57 27.91
C PRO A 482 12.05 0.70 28.77
N GLU A 483 10.93 1.34 29.10
CA GLU A 483 10.88 2.55 29.95
C GLU A 483 11.24 2.18 31.39
N LEU A 484 10.56 1.18 31.97
CA LEU A 484 10.80 0.71 33.36
C LEU A 484 12.25 0.26 33.47
N ALA A 485 12.72 -0.54 32.52
CA ALA A 485 14.08 -1.11 32.44
C ALA A 485 15.13 0.00 32.41
N ALA A 486 14.82 1.11 31.72
CA ALA A 486 15.70 2.31 31.65
C ALA A 486 15.77 2.96 33.03
N ALA A 487 14.63 2.98 33.75
CA ALA A 487 14.50 3.51 35.12
C ALA A 487 15.29 2.62 36.08
N ARG A 488 14.99 1.31 36.11
CA ARG A 488 15.70 0.32 36.97
C ARG A 488 17.19 0.60 36.89
N GLU A 489 17.73 0.72 35.68
CA GLU A 489 19.16 1.00 35.40
C GLU A 489 19.57 2.27 36.15
N LEU A 490 18.99 3.42 35.78
CA LEU A 490 19.36 4.76 36.31
C LEU A 490 19.44 4.73 37.84
N ARG A 491 18.52 4.01 38.50
CA ARG A 491 18.46 3.83 39.98
C ARG A 491 19.79 3.30 40.48
N GLY A 492 20.21 2.13 39.98
CA GLY A 492 21.56 1.58 40.22
C GLY A 492 22.59 2.69 40.22
N ALA A 493 22.66 3.44 39.12
CA ALA A 493 23.65 4.51 38.88
C ALA A 493 23.59 5.56 39.98
N ILE A 494 22.38 6.03 40.32
CA ILE A 494 22.19 7.09 41.36
C ILE A 494 22.59 6.48 42.71
N ILE A 495 21.97 5.37 43.12
CA ILE A 495 22.20 4.68 44.42
C ILE A 495 23.72 4.49 44.60
N GLY A 496 24.42 4.18 43.50
CA GLY A 496 25.87 3.93 43.50
C GLY A 496 26.70 5.18 43.74
N ILE A 497 26.26 6.33 43.22
CA ILE A 497 26.97 7.63 43.35
C ILE A 497 26.69 8.19 44.76
N VAL A 498 25.54 7.87 45.35
CA VAL A 498 25.16 8.28 46.74
C VAL A 498 26.10 7.57 47.73
N LEU A 499 26.47 6.31 47.46
CA LEU A 499 27.46 5.55 48.27
C LEU A 499 28.87 6.03 47.92
N CYS B 20 36.45 -9.19 -14.13
CA CYS B 20 35.62 -10.36 -13.64
C CYS B 20 34.23 -9.86 -13.23
N GLY B 21 34.18 -8.89 -12.30
CA GLY B 21 32.96 -8.13 -11.93
C GLY B 21 32.40 -7.34 -13.11
N ALA B 22 33.24 -7.10 -14.14
CA ALA B 22 32.93 -6.31 -15.36
C ALA B 22 31.68 -6.85 -16.07
N GLU B 23 31.73 -8.10 -16.54
CA GLU B 23 30.77 -8.67 -17.53
C GLU B 23 29.32 -8.44 -17.10
N PRO B 24 28.48 -7.79 -17.94
CA PRO B 24 27.08 -7.55 -17.59
C PRO B 24 26.21 -8.78 -17.90
N ILE B 25 25.80 -9.51 -16.86
CA ILE B 25 25.14 -10.85 -16.98
C ILE B 25 23.62 -10.68 -17.17
N HIS B 26 23.10 -9.47 -17.02
CA HIS B 26 21.64 -9.17 -17.05
C HIS B 26 21.16 -8.89 -18.49
N ILE B 27 22.08 -8.67 -19.43
CA ILE B 27 21.76 -8.30 -20.84
C ILE B 27 22.53 -9.19 -21.82
N PRO B 28 22.38 -10.53 -21.74
CA PRO B 28 23.05 -11.44 -22.67
C PRO B 28 22.31 -11.67 -23.99
N GLY B 29 21.09 -11.13 -24.12
CA GLY B 29 20.29 -11.17 -25.37
C GLY B 29 20.01 -12.58 -25.85
N ALA B 30 19.94 -13.54 -24.93
CA ALA B 30 19.69 -14.98 -25.20
C ALA B 30 18.92 -15.58 -24.03
N ILE B 31 18.21 -16.70 -24.26
CA ILE B 31 17.54 -17.52 -23.20
C ILE B 31 18.12 -18.93 -23.25
N GLN B 32 17.82 -19.72 -22.22
CA GLN B 32 18.03 -21.19 -22.18
C GLN B 32 16.99 -21.85 -23.08
N GLU B 33 17.11 -23.16 -23.32
CA GLU B 33 16.27 -23.88 -24.31
C GLU B 33 14.90 -24.24 -23.71
N HIS B 34 14.81 -24.29 -22.38
CA HIS B 34 13.69 -24.93 -21.64
C HIS B 34 12.42 -24.06 -21.67
N GLY B 35 12.51 -22.83 -22.17
CA GLY B 35 11.35 -21.93 -22.34
C GLY B 35 11.51 -21.04 -23.55
N ALA B 36 10.54 -20.14 -23.75
CA ALA B 36 10.52 -19.11 -24.82
C ALA B 36 10.20 -17.76 -24.17
N LEU B 37 10.74 -16.68 -24.72
CA LEU B 37 10.57 -15.29 -24.22
C LEU B 37 9.98 -14.42 -25.33
N LEU B 38 8.97 -13.60 -24.99
CA LEU B 38 8.20 -12.76 -25.93
C LEU B 38 7.98 -11.39 -25.28
N VAL B 39 8.54 -10.32 -25.86
CA VAL B 39 8.41 -8.93 -25.37
C VAL B 39 7.24 -8.24 -26.08
N LEU B 40 6.29 -7.70 -25.32
CA LEU B 40 5.17 -6.87 -25.83
C LEU B 40 5.36 -5.43 -25.32
N SER B 41 5.00 -4.43 -26.11
CA SER B 41 4.89 -3.01 -25.70
C SER B 41 3.53 -2.81 -25.02
N ARG B 43 -0.05 0.65 -24.04
CA ARG B 43 -0.41 -0.78 -24.07
C ARG B 43 -1.23 -1.08 -25.34
N GLU B 44 -0.56 -1.26 -26.49
CA GLU B 44 -1.17 -1.80 -27.75
C GLU B 44 -0.85 -3.30 -27.93
N PHE B 45 -0.02 -3.88 -27.03
CA PHE B 45 0.23 -5.34 -26.84
C PHE B 45 0.90 -5.92 -28.09
N SER B 46 1.88 -5.20 -28.67
CA SER B 46 2.50 -5.52 -29.97
C SER B 46 3.86 -6.17 -29.74
N VAL B 47 4.14 -7.27 -30.46
CA VAL B 47 5.41 -8.06 -30.33
C VAL B 47 6.58 -7.16 -30.77
N VAL B 48 7.47 -6.82 -29.84
CA VAL B 48 8.69 -6.01 -30.10
C VAL B 48 9.86 -6.96 -30.35
N GLN B 49 10.14 -7.83 -29.37
CA GLN B 49 11.26 -8.84 -29.41
C GLN B 49 10.67 -10.22 -29.12
N ALA B 50 11.38 -11.27 -29.55
CA ALA B 50 11.07 -12.68 -29.22
C ALA B 50 12.34 -13.52 -29.40
N SER B 51 12.49 -14.57 -28.58
CA SER B 51 13.47 -15.66 -28.77
C SER B 51 13.20 -16.33 -30.13
N ASP B 52 14.22 -16.90 -30.76
CA ASP B 52 14.12 -17.61 -32.06
C ASP B 52 13.18 -18.82 -31.93
N ASN B 53 13.17 -19.49 -30.77
CA ASN B 53 12.45 -20.78 -30.53
C ASN B 53 10.96 -20.54 -30.23
N LEU B 54 10.53 -19.28 -30.02
CA LEU B 54 9.14 -18.93 -29.62
C LEU B 54 8.13 -19.73 -30.45
N ALA B 55 8.34 -19.83 -31.76
CA ALA B 55 7.47 -20.53 -32.74
C ALA B 55 7.19 -21.97 -32.26
N ASN B 56 8.21 -22.64 -31.72
CA ASN B 56 8.17 -24.06 -31.29
C ASN B 56 7.17 -24.24 -30.14
N TYR B 57 7.15 -23.31 -29.18
CA TYR B 57 6.36 -23.40 -27.92
C TYR B 57 4.93 -22.90 -28.16
N ILE B 58 4.75 -21.59 -28.38
CA ILE B 58 3.41 -20.97 -28.56
C ILE B 58 2.69 -21.63 -29.74
N GLY B 59 3.44 -22.08 -30.76
CA GLY B 59 2.92 -22.80 -31.93
C GLY B 59 2.23 -21.87 -32.92
N VAL B 60 2.54 -20.58 -32.86
CA VAL B 60 1.89 -19.51 -33.68
C VAL B 60 3.00 -18.62 -34.23
N ASP B 61 2.74 -17.94 -35.35
CA ASP B 61 3.76 -17.12 -36.07
C ASP B 61 4.08 -15.86 -35.27
N LEU B 62 3.12 -15.36 -34.48
CA LEU B 62 3.16 -14.08 -33.70
C LEU B 62 4.53 -13.43 -33.84
N PRO B 63 4.83 -12.81 -35.01
CA PRO B 63 6.16 -12.25 -35.27
C PRO B 63 6.37 -10.81 -34.80
N ILE B 64 7.56 -10.26 -35.09
CA ILE B 64 7.96 -8.85 -34.85
C ILE B 64 6.94 -7.93 -35.54
N GLY B 65 6.46 -6.89 -34.84
CA GLY B 65 5.48 -5.90 -35.32
C GLY B 65 4.06 -6.33 -35.02
N ALA B 66 3.77 -7.64 -35.01
CA ALA B 66 2.41 -8.22 -34.93
C ALA B 66 1.76 -7.85 -33.60
N VAL B 67 0.47 -7.48 -33.67
CA VAL B 67 -0.36 -7.09 -32.49
C VAL B 67 -1.12 -8.35 -32.01
N ALA B 68 -1.17 -8.56 -30.69
CA ALA B 68 -1.69 -9.77 -30.02
C ALA B 68 -3.23 -9.79 -30.06
N THR B 69 -3.80 -10.89 -30.57
CA THR B 69 -5.26 -11.20 -30.59
C THR B 69 -5.46 -12.64 -30.11
N GLU B 70 -6.71 -13.02 -29.82
CA GLU B 70 -7.06 -14.29 -29.12
C GLU B 70 -6.38 -15.47 -29.82
N ALA B 71 -6.49 -15.56 -31.15
CA ALA B 71 -5.97 -16.69 -31.96
C ALA B 71 -4.43 -16.68 -31.99
N ASN B 72 -3.82 -15.51 -31.73
CA ASN B 72 -2.35 -15.26 -31.84
C ASN B 72 -1.70 -15.60 -30.49
N VAL B 78 -7.08 -11.64 -18.86
CA VAL B 78 -6.45 -11.76 -17.51
C VAL B 78 -5.14 -10.95 -17.50
N LEU B 79 -4.34 -11.07 -18.56
CA LEU B 79 -3.02 -10.38 -18.73
C LEU B 79 -3.25 -8.87 -18.74
N SER B 80 -4.20 -8.41 -19.57
CA SER B 80 -4.68 -7.00 -19.67
C SER B 80 -5.03 -6.48 -18.27
N ALA B 81 -5.87 -7.23 -17.54
CA ALA B 81 -6.38 -6.87 -16.19
C ALA B 81 -5.24 -6.92 -15.16
N TRP B 82 -4.20 -7.74 -15.39
CA TRP B 82 -3.01 -7.83 -14.50
C TRP B 82 -2.14 -6.58 -14.67
N TYR B 83 -1.97 -6.13 -15.92
CA TYR B 83 -1.08 -4.98 -16.27
C TYR B 83 -1.59 -3.71 -15.57
N SER B 84 -2.90 -3.52 -15.62
CA SER B 84 -3.66 -2.39 -15.01
C SER B 84 -3.55 -2.41 -13.48
N GLY B 85 -3.30 -3.59 -12.89
CA GLY B 85 -3.29 -3.84 -11.43
C GLY B 85 -1.91 -3.67 -10.82
N GLU B 86 -1.85 -3.62 -9.49
CA GLU B 86 -0.61 -3.41 -8.68
C GLU B 86 0.30 -4.63 -8.82
N GLU B 87 -0.27 -5.84 -8.85
CA GLU B 87 0.46 -7.15 -8.86
C GLU B 87 1.64 -7.06 -9.83
N SER B 88 2.83 -7.49 -9.37
CA SER B 88 4.15 -7.29 -10.02
C SER B 88 4.43 -8.39 -11.05
N ASN B 89 4.06 -9.64 -10.74
CA ASN B 89 4.24 -10.81 -11.64
C ASN B 89 2.86 -11.37 -12.03
N PHE B 90 2.86 -12.23 -13.05
CA PHE B 90 1.66 -12.85 -13.68
C PHE B 90 1.89 -14.35 -13.84
N ARG B 91 0.84 -15.15 -13.64
CA ARG B 91 0.85 -16.62 -13.87
C ARG B 91 -0.49 -17.02 -14.47
N TYR B 92 -0.46 -17.78 -15.57
CA TYR B 92 -1.64 -18.44 -16.20
C TYR B 92 -1.18 -19.83 -16.66
N ALA B 93 -1.84 -20.87 -16.16
CA ALA B 93 -1.61 -22.29 -16.52
C ALA B 93 -2.42 -22.59 -17.78
N TRP B 94 -1.77 -22.59 -18.94
CA TRP B 94 -2.39 -22.80 -20.27
C TRP B 94 -2.56 -24.31 -20.49
N ALA B 95 -3.69 -24.86 -20.01
CA ALA B 95 -4.00 -26.30 -19.96
C ALA B 95 -3.90 -26.93 -21.35
N GLU B 96 -4.48 -26.28 -22.37
CA GLU B 96 -4.74 -26.84 -23.72
C GLU B 96 -3.40 -27.21 -24.41
N LYS B 97 -2.38 -26.35 -24.28
CA LYS B 97 -1.02 -26.59 -24.88
C LYS B 97 -0.10 -27.23 -23.85
N LYS B 98 -0.57 -27.37 -22.59
CA LYS B 98 0.21 -27.93 -21.45
C LYS B 98 1.45 -27.04 -21.23
N LEU B 99 1.21 -25.76 -20.97
CA LEU B 99 2.25 -24.73 -20.74
C LEU B 99 1.92 -23.89 -19.49
N ASP B 100 2.96 -23.34 -18.87
CA ASP B 100 2.87 -22.30 -17.82
C ASP B 100 3.35 -20.98 -18.45
N VAL B 101 2.50 -19.96 -18.43
CA VAL B 101 2.87 -18.57 -18.85
C VAL B 101 3.20 -17.77 -17.59
N SER B 102 4.30 -17.01 -17.59
CA SER B 102 4.76 -16.17 -16.46
C SER B 102 5.37 -14.86 -16.99
N ALA B 103 4.71 -13.74 -16.73
CA ALA B 103 5.10 -12.41 -17.24
C ALA B 103 5.46 -11.46 -16.08
N HIS B 104 6.53 -10.68 -16.25
CA HIS B 104 6.86 -9.50 -15.41
C HIS B 104 6.81 -8.23 -16.28
N ARG B 105 6.79 -7.06 -15.66
CA ARG B 105 6.86 -5.73 -16.31
C ARG B 105 8.33 -5.28 -16.28
N SER B 106 8.79 -4.60 -17.32
CA SER B 106 10.21 -4.19 -17.53
C SER B 106 10.24 -2.75 -18.07
N GLY B 107 9.69 -1.80 -17.30
CA GLY B 107 9.40 -0.43 -17.76
C GLY B 107 8.18 -0.42 -18.67
N THR B 108 8.28 0.22 -19.84
CA THR B 108 7.18 0.30 -20.84
C THR B 108 6.91 -1.09 -21.44
N LEU B 109 7.79 -2.06 -21.19
CA LEU B 109 7.74 -3.42 -21.79
C LEU B 109 6.93 -4.34 -20.86
N VAL B 110 6.44 -5.45 -21.41
CA VAL B 110 5.97 -6.64 -20.66
C VAL B 110 6.79 -7.83 -21.18
N ILE B 111 7.72 -8.34 -20.38
CA ILE B 111 8.48 -9.59 -20.69
C ILE B 111 7.59 -10.78 -20.31
N LEU B 112 7.38 -11.71 -21.24
CA LEU B 112 6.43 -12.85 -21.13
C LEU B 112 7.21 -14.14 -21.45
N GLU B 113 7.33 -15.04 -20.47
CA GLU B 113 8.12 -16.30 -20.58
C GLU B 113 7.16 -17.50 -20.46
N VAL B 114 7.25 -18.43 -21.41
CA VAL B 114 6.45 -19.69 -21.38
C VAL B 114 7.42 -20.87 -21.30
N GLU B 115 7.03 -21.92 -20.58
CA GLU B 115 7.79 -23.20 -20.48
C GLU B 115 6.81 -24.35 -20.23
N LYS B 116 7.20 -25.58 -20.55
CA LYS B 116 6.33 -26.79 -20.47
C LYS B 116 5.97 -27.06 -19.01
N ALA B 117 4.67 -27.10 -18.70
CA ALA B 117 4.10 -27.26 -17.34
C ALA B 117 4.49 -28.65 -16.79
N GLY B 118 5.36 -28.69 -15.79
CA GLY B 118 5.71 -29.92 -15.03
C GLY B 118 4.46 -30.66 -14.57
N VAL B 119 4.33 -31.94 -14.93
CA VAL B 119 3.07 -32.73 -14.82
C VAL B 119 3.09 -33.49 -13.50
N GLY B 120 1.89 -33.86 -13.01
CA GLY B 120 1.71 -34.72 -11.83
C GLY B 120 1.60 -33.95 -10.51
N GLU B 121 2.20 -32.75 -10.45
CA GLU B 121 2.40 -32.00 -9.17
C GLU B 121 1.04 -31.59 -8.60
N SER B 122 0.94 -31.59 -7.26
CA SER B 122 -0.25 -31.19 -6.47
C SER B 122 0.12 -30.00 -5.56
N ALA B 123 -0.68 -28.94 -5.57
CA ALA B 123 -0.51 -27.72 -4.73
C ALA B 123 -1.00 -27.98 -3.30
N GLU B 124 -1.86 -28.99 -3.12
CA GLU B 124 -2.41 -29.37 -1.79
C GLU B 124 -1.32 -30.03 -0.94
N LYS B 125 -0.43 -30.80 -1.57
CA LYS B 125 0.80 -31.35 -0.94
C LYS B 125 1.69 -30.19 -0.54
N LEU B 126 2.15 -29.39 -1.51
CA LEU B 126 3.08 -28.24 -1.31
C LEU B 126 2.61 -27.36 -0.16
N MSE B 127 1.32 -27.01 -0.15
CA MSE B 127 0.74 -26.19 0.90
C MSE B 127 0.90 -26.89 2.26
O MSE B 127 1.27 -26.25 3.25
CB MSE B 127 -0.74 -25.92 0.62
CG MSE B 127 -1.52 -25.33 1.78
SE MSE B 127 -1.11 -23.44 1.87
CE MSE B 127 -2.32 -22.75 0.48
N GLY B 128 0.57 -28.18 2.31
CA GLY B 128 0.74 -28.98 3.51
C GLY B 128 2.17 -28.94 4.02
N GLU B 129 3.15 -28.94 3.12
CA GLU B 129 4.60 -29.04 3.44
C GLU B 129 5.10 -27.70 3.98
N LEU B 130 4.61 -26.58 3.44
CA LEU B 130 5.01 -25.21 3.86
C LEU B 130 4.25 -24.81 5.13
N THR B 131 3.03 -25.33 5.34
CA THR B 131 2.25 -25.18 6.60
C THR B 131 3.08 -25.77 7.76
N SER B 132 3.73 -26.90 7.51
CA SER B 132 4.56 -27.64 8.49
C SER B 132 5.82 -26.82 8.83
N LEU B 133 6.60 -26.47 7.81
CA LEU B 133 7.87 -25.71 7.95
C LEU B 133 7.58 -24.43 8.73
N ALA B 134 6.61 -23.62 8.28
CA ALA B 134 6.23 -22.31 8.86
C ALA B 134 5.89 -22.52 10.35
N LYS B 135 5.09 -23.54 10.66
CA LYS B 135 4.64 -23.84 12.05
C LYS B 135 5.84 -24.27 12.91
N TYR B 136 6.81 -24.97 12.30
CA TYR B 136 8.05 -25.47 12.97
C TYR B 136 9.02 -24.32 13.25
N LEU B 137 9.33 -23.52 12.22
CA LEU B 137 10.23 -22.35 12.33
C LEU B 137 9.68 -21.41 13.42
N ASN B 138 8.36 -21.26 13.50
CA ASN B 138 7.67 -20.35 14.46
C ASN B 138 7.76 -20.92 15.87
N SER B 139 8.01 -22.22 16.02
CA SER B 139 8.18 -22.93 17.32
C SER B 139 9.66 -22.85 17.75
N ALA B 140 10.16 -21.61 17.90
CA ALA B 140 11.57 -21.19 18.08
C ALA B 140 12.53 -22.36 18.28
N PRO B 141 13.04 -22.96 17.18
CA PRO B 141 14.12 -23.94 17.26
C PRO B 141 15.48 -23.31 16.92
N SER B 142 16.56 -23.96 17.36
CA SER B 142 17.97 -23.54 17.09
C SER B 142 18.12 -23.17 15.63
N LEU B 143 18.89 -22.11 15.35
CA LEU B 143 19.08 -21.58 13.99
C LEU B 143 19.57 -22.70 13.07
N GLU B 144 20.45 -23.56 13.59
CA GLU B 144 21.02 -24.72 12.84
C GLU B 144 19.89 -25.68 12.49
N ASP B 145 19.05 -26.03 13.48
CA ASP B 145 17.90 -26.97 13.30
C ASP B 145 17.03 -26.42 12.16
N ALA B 146 16.64 -25.15 12.27
CA ALA B 146 15.82 -24.41 11.26
C ALA B 146 16.49 -24.49 9.89
N LEU B 147 17.80 -24.19 9.81
CA LEU B 147 18.58 -24.18 8.55
C LEU B 147 18.40 -25.52 7.81
N PHE B 148 18.60 -26.63 8.52
CA PHE B 148 18.55 -28.01 7.96
C PHE B 148 17.12 -28.33 7.52
N ARG B 149 16.15 -28.24 8.44
CA ARG B 149 14.73 -28.55 8.17
C ARG B 149 14.33 -27.99 6.80
N THR B 150 14.69 -26.73 6.55
CA THR B 150 14.40 -25.98 5.30
C THR B 150 15.11 -26.68 4.13
N ALA B 151 16.44 -26.77 4.20
CA ALA B 151 17.28 -27.49 3.21
C ALA B 151 16.66 -28.86 2.91
N GLN B 152 16.14 -29.55 3.95
CA GLN B 152 15.49 -30.89 3.87
C GLN B 152 14.18 -30.80 3.05
N LEU B 153 13.32 -29.84 3.37
CA LEU B 153 12.02 -29.64 2.66
C LEU B 153 12.28 -29.36 1.18
N VAL B 154 13.21 -28.44 0.87
CA VAL B 154 13.52 -28.04 -0.53
C VAL B 154 14.10 -29.27 -1.27
N SER B 155 14.92 -30.06 -0.59
CA SER B 155 15.48 -31.30 -1.17
C SER B 155 14.35 -32.27 -1.52
N SER B 156 13.27 -32.25 -0.72
CA SER B 156 12.10 -33.15 -0.88
C SER B 156 11.31 -32.81 -2.16
N ILE B 157 10.90 -31.54 -2.31
CA ILE B 157 9.93 -31.10 -3.36
C ILE B 157 10.66 -30.85 -4.69
N SER B 158 11.93 -30.45 -4.65
CA SER B 158 12.78 -30.20 -5.84
C SER B 158 13.26 -31.51 -6.44
N GLY B 159 13.67 -32.45 -5.57
CA GLY B 159 14.26 -33.73 -5.96
C GLY B 159 15.64 -33.55 -6.56
N HIS B 160 16.52 -32.81 -5.87
CA HIS B 160 17.90 -32.52 -6.32
C HIS B 160 18.89 -33.41 -5.56
N ASP B 161 19.97 -33.81 -6.25
CA ASP B 161 21.04 -34.69 -5.70
C ASP B 161 21.60 -34.09 -4.40
N ARG B 162 21.65 -32.76 -4.31
CA ARG B 162 22.17 -31.99 -3.14
C ARG B 162 21.38 -30.69 -3.02
N THR B 163 21.13 -30.23 -1.79
CA THR B 163 20.33 -29.02 -1.48
C THR B 163 20.99 -28.29 -0.31
N LEU B 164 22.14 -27.66 -0.55
CA LEU B 164 22.93 -26.97 0.51
C LEU B 164 22.43 -25.55 0.73
N ILE B 165 22.56 -25.04 1.97
CA ILE B 165 22.32 -23.62 2.33
C ILE B 165 23.67 -22.97 2.61
N TYR B 166 23.82 -21.71 2.20
CA TYR B 166 25.09 -20.99 1.99
C TYR B 166 24.96 -19.59 2.58
N ASP B 167 25.67 -19.31 3.69
CA ASP B 167 25.56 -18.05 4.47
C ASP B 167 26.78 -17.19 4.16
N PHE B 168 26.54 -16.00 3.59
CA PHE B 168 27.57 -14.99 3.28
C PHE B 168 28.09 -14.40 4.59
N GLY B 169 29.40 -14.14 4.60
CA GLY B 169 30.07 -13.27 5.59
C GLY B 169 30.16 -11.86 5.06
N LEU B 170 31.00 -11.04 5.70
CA LEU B 170 31.21 -9.63 5.27
C LEU B 170 31.98 -9.64 3.94
N ASP B 171 33.09 -10.37 3.88
CA ASP B 171 34.00 -10.41 2.69
C ASP B 171 33.27 -11.01 1.48
N TRP B 172 32.07 -11.55 1.68
CA TRP B 172 31.14 -12.08 0.63
C TRP B 172 31.60 -13.45 0.11
N SER B 173 32.62 -14.02 0.75
CA SER B 173 32.86 -15.49 0.80
C SER B 173 31.62 -16.11 1.46
N GLY B 174 31.48 -17.44 1.40
CA GLY B 174 30.29 -18.13 1.93
C GLY B 174 30.63 -19.46 2.56
N HIS B 175 29.93 -19.78 3.65
CA HIS B 175 30.11 -21.00 4.48
C HIS B 175 28.84 -21.88 4.33
N VAL B 176 29.00 -23.13 3.88
CA VAL B 176 27.85 -24.07 3.72
C VAL B 176 27.42 -24.53 5.11
N VAL B 177 26.27 -24.03 5.59
CA VAL B 177 25.82 -24.11 7.02
C VAL B 177 24.84 -25.27 7.20
N ALA B 178 24.26 -25.77 6.11
CA ALA B 178 23.30 -26.90 6.11
C ALA B 178 23.36 -27.59 4.74
N GLU B 179 22.91 -28.84 4.66
CA GLU B 179 22.99 -29.68 3.44
C GLU B 179 21.91 -30.76 3.50
N ALA B 180 21.52 -31.29 2.35
CA ALA B 180 20.54 -32.40 2.20
C ALA B 180 20.65 -33.00 0.79
N GLY B 181 21.00 -34.27 0.68
CA GLY B 181 21.28 -34.91 -0.63
C GLY B 181 20.94 -36.39 -0.66
N SER B 182 20.69 -36.90 -1.87
CA SER B 182 20.58 -38.35 -2.19
C SER B 182 21.95 -39.02 -1.98
N GLY B 183 23.03 -38.25 -1.92
CA GLY B 183 24.42 -38.72 -1.76
C GLY B 183 25.08 -38.95 -3.11
N ALA B 184 24.41 -38.55 -4.19
CA ALA B 184 24.91 -38.67 -5.59
C ALA B 184 26.09 -37.73 -5.79
N LEU B 185 26.03 -36.52 -5.23
CA LEU B 185 27.08 -35.47 -5.33
C LEU B 185 27.80 -35.32 -3.98
N PRO B 186 29.04 -34.77 -3.97
CA PRO B 186 29.84 -34.65 -2.74
C PRO B 186 29.17 -33.80 -1.65
N SER B 187 29.61 -34.00 -0.40
CA SER B 187 29.19 -33.19 0.77
C SER B 187 30.10 -31.96 0.87
N TYR B 188 29.52 -30.76 0.72
CA TYR B 188 30.22 -29.45 0.87
C TYR B 188 29.92 -28.86 2.25
N LEU B 189 29.15 -29.56 3.10
CA LEU B 189 28.76 -29.08 4.45
C LEU B 189 30.01 -28.67 5.22
N GLY B 190 30.07 -27.43 5.70
CA GLY B 190 31.16 -26.89 6.54
C GLY B 190 32.26 -26.22 5.75
N LEU B 191 32.31 -26.44 4.43
CA LEU B 191 33.34 -25.86 3.54
C LEU B 191 32.99 -24.39 3.28
N ARG B 192 34.00 -23.53 3.19
CA ARG B 192 33.84 -22.10 2.81
C ARG B 192 34.26 -21.95 1.34
N PHE B 193 33.59 -21.08 0.59
CA PHE B 193 33.92 -20.78 -0.83
C PHE B 193 34.26 -19.31 -0.93
N PRO B 194 35.20 -18.92 -1.84
CA PRO B 194 35.60 -17.53 -1.99
C PRO B 194 34.48 -16.67 -2.60
N ALA B 195 34.55 -15.36 -2.37
CA ALA B 195 33.55 -14.37 -2.85
C ALA B 195 33.54 -14.42 -4.39
N GLY B 196 34.68 -14.61 -5.03
CA GLY B 196 34.86 -14.63 -6.50
C GLY B 196 33.99 -15.66 -7.20
N ASP B 197 33.44 -16.63 -6.47
CA ASP B 197 32.56 -17.70 -7.00
C ASP B 197 31.17 -17.13 -7.37
N ILE B 198 30.73 -16.10 -6.64
CA ILE B 198 29.47 -15.35 -6.91
C ILE B 198 29.85 -13.88 -6.93
N PRO B 199 30.20 -13.32 -8.12
CA PRO B 199 30.83 -12.00 -8.20
C PRO B 199 29.84 -10.86 -7.94
N PRO B 200 30.33 -9.63 -7.66
CA PRO B 200 29.48 -8.54 -7.16
C PRO B 200 28.17 -8.32 -7.92
N GLN B 201 28.22 -8.33 -9.25
CA GLN B 201 27.03 -8.08 -10.12
C GLN B 201 26.02 -9.21 -9.88
N ALA B 202 26.49 -10.46 -9.81
CA ALA B 202 25.66 -11.64 -9.52
C ALA B 202 24.93 -11.40 -8.20
N ARG B 203 25.68 -11.08 -7.15
CA ARG B 203 25.13 -10.80 -5.80
C ARG B 203 24.03 -9.74 -5.92
N GLN B 204 24.35 -8.60 -6.54
CA GLN B 204 23.41 -7.46 -6.71
C GLN B 204 22.11 -7.97 -7.33
N LEU B 205 22.20 -8.61 -8.49
CA LEU B 205 21.02 -9.16 -9.22
C LEU B 205 20.23 -10.06 -8.28
N TYR B 206 20.88 -11.01 -7.62
CA TYR B 206 20.23 -12.08 -6.80
C TYR B 206 19.55 -11.47 -5.58
N THR B 207 19.88 -10.22 -5.22
CA THR B 207 19.26 -9.50 -4.09
C THR B 207 17.89 -8.94 -4.51
N ILE B 208 17.65 -8.81 -5.82
CA ILE B 208 16.40 -8.24 -6.38
C ILE B 208 15.61 -9.32 -7.12
N ASN B 209 16.30 -10.24 -7.80
CA ASN B 209 15.70 -11.43 -8.48
C ASN B 209 16.13 -12.69 -7.73
N ARG B 210 15.35 -13.10 -6.73
CA ARG B 210 15.74 -14.08 -5.69
C ARG B 210 15.42 -15.52 -6.12
N LEU B 211 15.75 -15.89 -7.36
CA LEU B 211 15.45 -17.24 -7.91
C LEU B 211 16.02 -17.37 -9.33
N ARG B 212 16.82 -18.41 -9.58
CA ARG B 212 17.37 -18.72 -10.93
C ARG B 212 17.57 -20.23 -11.05
N MSE B 213 17.18 -20.80 -12.20
CA MSE B 213 17.30 -22.23 -12.44
C MSE B 213 18.04 -22.47 -13.76
O MSE B 213 17.72 -21.88 -14.79
CB MSE B 213 15.93 -22.88 -12.52
CG MSE B 213 15.97 -24.39 -12.59
SE MSE B 213 14.28 -25.23 -13.06
CE MSE B 213 13.71 -24.68 -14.84
N ILE B 214 19.02 -23.38 -13.69
CA ILE B 214 19.78 -23.84 -14.84
C ILE B 214 19.54 -25.35 -14.97
N PRO B 215 18.50 -25.83 -15.71
CA PRO B 215 18.15 -27.25 -15.73
C PRO B 215 19.11 -28.13 -16.54
N ASP B 216 19.93 -27.53 -17.42
CA ASP B 216 20.95 -28.25 -18.23
C ASP B 216 22.12 -27.31 -18.53
N VAL B 217 23.33 -27.68 -18.08
CA VAL B 217 24.59 -26.89 -18.15
C VAL B 217 25.01 -26.70 -19.61
N ASP B 218 24.80 -27.72 -20.45
CA ASP B 218 25.33 -27.74 -21.85
C ASP B 218 24.26 -27.23 -22.83
N TYR B 219 23.25 -26.50 -22.34
CA TYR B 219 22.19 -25.90 -23.18
C TYR B 219 22.87 -25.01 -24.23
N LYS B 220 22.28 -24.91 -25.43
CA LYS B 220 22.73 -24.01 -26.52
C LYS B 220 21.91 -22.72 -26.44
N PRO B 221 22.54 -21.57 -26.13
CA PRO B 221 21.83 -20.28 -26.07
C PRO B 221 20.90 -20.02 -27.25
N VAL B 222 19.65 -19.66 -26.94
CA VAL B 222 18.56 -19.36 -27.92
C VAL B 222 18.47 -17.84 -28.08
N PRO B 223 18.90 -17.26 -29.22
CA PRO B 223 18.96 -15.80 -29.37
C PRO B 223 17.60 -15.09 -29.33
N ILE B 224 17.60 -13.83 -28.84
CA ILE B 224 16.44 -12.91 -28.89
C ILE B 224 16.68 -11.88 -30.01
N ARG B 225 15.71 -11.75 -30.92
CA ARG B 225 15.77 -10.87 -32.12
C ARG B 225 14.56 -9.94 -32.12
N PRO B 226 14.70 -8.64 -32.45
CA PRO B 226 16.01 -8.02 -32.69
C PRO B 226 16.84 -7.86 -31.41
N GLU B 227 18.15 -7.61 -31.54
CA GLU B 227 19.09 -7.34 -30.42
C GLU B 227 18.72 -6.02 -29.75
N VAL B 228 18.26 -5.04 -30.54
CA VAL B 228 17.86 -3.69 -30.06
C VAL B 228 16.33 -3.54 -30.15
N ASN B 229 15.69 -3.28 -29.01
CA ASN B 229 14.22 -3.13 -28.85
C ASN B 229 13.78 -1.81 -29.51
N ALA B 230 12.70 -1.84 -30.30
CA ALA B 230 12.14 -0.66 -31.00
C ALA B 230 11.70 0.40 -29.99
N GLU B 231 10.86 0.01 -29.02
CA GLU B 231 10.19 0.93 -28.05
C GLU B 231 11.22 1.64 -27.17
N THR B 232 12.26 0.93 -26.70
CA THR B 232 13.27 1.47 -25.73
C THR B 232 14.52 1.94 -26.49
N GLY B 233 14.86 1.30 -27.61
CA GLY B 233 16.07 1.62 -28.40
C GLY B 233 17.36 1.16 -27.71
N ALA B 234 17.25 0.16 -26.82
CA ALA B 234 18.35 -0.37 -25.98
C ALA B 234 18.19 -1.88 -25.80
N VAL B 235 19.30 -2.58 -25.53
CA VAL B 235 19.35 -4.05 -25.22
C VAL B 235 18.33 -4.37 -24.12
N LEU B 236 17.61 -5.50 -24.26
CA LEU B 236 16.57 -5.96 -23.29
C LEU B 236 17.24 -6.26 -21.95
N ASP B 237 16.93 -5.48 -20.91
CA ASP B 237 17.30 -5.77 -19.51
C ASP B 237 16.51 -6.99 -19.07
N MSE B 238 17.21 -8.12 -18.90
CA MSE B 238 16.61 -9.41 -18.58
C MSE B 238 16.92 -9.74 -17.12
O MSE B 238 17.07 -10.90 -16.77
CB MSE B 238 17.15 -10.50 -19.50
CG MSE B 238 17.50 -10.03 -20.87
SE MSE B 238 17.71 -11.45 -22.18
CE MSE B 238 16.40 -12.87 -21.73
N SER B 239 16.97 -8.71 -16.27
CA SER B 239 17.27 -8.91 -14.86
C SER B 239 16.29 -9.91 -14.23
N PHE B 240 14.99 -9.80 -14.51
CA PHE B 240 13.91 -10.60 -13.87
C PHE B 240 13.42 -11.71 -14.81
N SER B 241 14.08 -11.90 -15.95
CA SER B 241 13.84 -13.04 -16.87
C SER B 241 14.33 -14.32 -16.21
N GLN B 242 13.41 -15.27 -15.98
CA GLN B 242 13.69 -16.63 -15.43
C GLN B 242 14.56 -17.40 -16.42
N LEU B 243 14.36 -17.21 -17.73
CA LEU B 243 15.00 -18.00 -18.83
C LEU B 243 16.37 -17.42 -19.21
N ARG B 244 16.77 -16.30 -18.61
CA ARG B 244 18.03 -15.57 -18.97
C ARG B 244 19.17 -16.57 -19.09
N SER B 245 19.83 -16.61 -20.25
CA SER B 245 21.10 -17.35 -20.48
C SER B 245 22.16 -16.86 -19.50
N VAL B 246 22.91 -17.79 -18.89
CA VAL B 246 23.84 -17.49 -17.77
C VAL B 246 25.26 -17.35 -18.30
N SER B 247 26.14 -16.75 -17.49
CA SER B 247 27.56 -16.48 -17.79
C SER B 247 28.23 -17.75 -18.29
N PRO B 248 28.84 -17.76 -19.49
CA PRO B 248 29.61 -18.92 -19.95
C PRO B 248 30.65 -19.37 -18.91
N VAL B 249 31.28 -18.41 -18.20
CA VAL B 249 32.34 -18.68 -17.19
C VAL B 249 31.76 -19.54 -16.06
N HIS B 250 30.51 -19.34 -15.67
CA HIS B 250 29.83 -20.10 -14.57
C HIS B 250 29.44 -21.48 -15.07
N LEU B 251 28.90 -21.58 -16.28
CA LEU B 251 28.60 -22.89 -16.92
C LEU B 251 29.87 -23.77 -16.88
N GLU B 252 31.06 -23.15 -16.97
CA GLU B 252 32.37 -23.84 -16.87
C GLU B 252 32.58 -24.29 -15.42
N TYR B 253 32.46 -23.37 -14.46
CA TYR B 253 32.52 -23.64 -12.99
C TYR B 253 31.62 -24.82 -12.64
N MSE B 254 30.43 -24.89 -13.23
CA MSE B 254 29.49 -25.96 -12.98
C MSE B 254 30.04 -27.27 -13.52
O MSE B 254 29.99 -28.29 -12.84
CB MSE B 254 28.12 -25.63 -13.59
CG MSE B 254 27.36 -24.54 -12.89
SE MSE B 254 25.59 -24.28 -13.68
CE MSE B 254 24.77 -26.05 -13.80
N ARG B 255 30.58 -27.23 -14.74
CA ARG B 255 31.17 -28.41 -15.36
C ARG B 255 32.31 -28.94 -14.47
N ASN B 256 33.24 -28.07 -14.09
CA ASN B 256 34.41 -28.37 -13.23
C ASN B 256 33.95 -29.11 -11.97
N MSE B 257 32.84 -28.61 -11.40
CA MSE B 257 32.27 -29.15 -10.16
C MSE B 257 31.66 -30.53 -10.41
O MSE B 257 31.63 -31.35 -9.50
CB MSE B 257 31.20 -28.20 -9.62
CG MSE B 257 30.62 -28.60 -8.28
SE MSE B 257 29.67 -27.09 -7.48
CE MSE B 257 30.99 -25.95 -6.57
N GLY B 258 31.16 -30.75 -11.62
CA GLY B 258 30.51 -31.99 -11.99
C GLY B 258 29.00 -31.94 -11.75
N THR B 259 28.41 -30.74 -11.92
CA THR B 259 26.94 -30.50 -11.88
C THR B 259 26.45 -30.22 -13.30
N ALA B 260 25.37 -30.88 -13.70
CA ALA B 260 24.70 -30.71 -15.02
C ALA B 260 23.51 -29.76 -14.87
N ALA B 261 23.00 -29.59 -13.65
CA ALA B 261 21.79 -28.80 -13.33
C ALA B 261 21.98 -28.07 -11.99
N SER B 262 21.27 -26.95 -11.84
CA SER B 262 21.29 -26.06 -10.64
C SER B 262 19.94 -25.38 -10.44
N MSE B 263 19.76 -24.84 -9.23
CA MSE B 263 18.68 -23.93 -8.92
C MSE B 263 18.96 -23.28 -7.58
O MSE B 263 18.95 -23.94 -6.55
CB MSE B 263 17.33 -24.67 -8.84
CG MSE B 263 16.18 -23.74 -8.56
SE MSE B 263 14.73 -24.63 -7.64
CE MSE B 263 15.01 -24.63 -5.71
N SER B 264 19.25 -21.97 -7.60
CA SER B 264 19.49 -21.21 -6.39
C SER B 264 18.25 -20.40 -6.04
N VAL B 265 18.09 -20.04 -4.76
CA VAL B 265 16.96 -19.22 -4.22
C VAL B 265 17.55 -18.29 -3.16
N SER B 266 17.49 -16.99 -3.37
CA SER B 266 18.13 -15.97 -2.49
C SER B 266 17.38 -15.90 -1.15
N ILE B 267 18.12 -16.08 -0.06
CA ILE B 267 17.67 -15.86 1.35
C ILE B 267 18.02 -14.41 1.69
N VAL B 268 17.01 -13.54 1.79
CA VAL B 268 17.19 -12.07 2.01
C VAL B 268 16.51 -11.68 3.31
N VAL B 269 17.28 -11.06 4.21
CA VAL B 269 16.84 -10.65 5.58
C VAL B 269 17.02 -9.13 5.70
N ASN B 270 15.91 -8.39 5.79
CA ASN B 270 15.91 -6.90 5.90
C ASN B 270 16.66 -6.35 4.68
N GLY B 271 16.29 -6.80 3.48
CA GLY B 271 16.76 -6.26 2.19
C GLY B 271 18.21 -6.58 1.90
N ALA B 272 18.86 -7.37 2.76
CA ALA B 272 20.26 -7.80 2.61
C ALA B 272 20.30 -9.27 2.21
N LEU B 273 21.03 -9.57 1.13
CA LEU B 273 21.31 -10.96 0.70
C LEU B 273 22.11 -11.63 1.80
N TRP B 274 21.45 -12.49 2.58
CA TRP B 274 22.03 -13.20 3.75
C TRP B 274 22.76 -14.46 3.26
N GLY B 275 22.18 -15.14 2.26
CA GLY B 275 22.67 -16.44 1.75
C GLY B 275 21.86 -16.94 0.57
N LEU B 276 22.07 -18.20 0.20
CA LEU B 276 21.33 -18.93 -0.87
C LEU B 276 20.93 -20.32 -0.38
N ILE B 277 19.71 -20.74 -0.71
CA ILE B 277 19.34 -22.18 -0.90
C ILE B 277 19.84 -22.56 -2.30
N ALA B 278 20.78 -23.51 -2.40
CA ALA B 278 21.44 -23.89 -3.67
C ALA B 278 21.36 -25.41 -3.90
N CYS B 279 20.46 -25.84 -4.79
CA CYS B 279 20.30 -27.24 -5.24
C CYS B 279 21.20 -27.50 -6.45
N HIS B 280 21.73 -28.73 -6.57
CA HIS B 280 22.55 -29.21 -7.71
C HIS B 280 22.06 -30.60 -8.14
N HIS B 281 22.52 -31.08 -9.31
CA HIS B 281 22.19 -32.43 -9.85
C HIS B 281 23.34 -32.93 -10.73
N ALA B 282 23.67 -34.22 -10.62
CA ALA B 282 24.73 -34.90 -11.41
C ALA B 282 24.34 -34.95 -12.89
N THR B 283 23.05 -35.14 -13.16
CA THR B 283 22.45 -35.19 -14.51
C THR B 283 21.51 -34.00 -14.69
N PRO B 284 21.21 -33.58 -15.94
CA PRO B 284 20.21 -32.53 -16.19
C PRO B 284 18.91 -32.82 -15.44
N HIS B 285 18.24 -31.76 -14.96
CA HIS B 285 17.09 -31.86 -14.03
C HIS B 285 16.33 -30.53 -13.97
N SER B 286 15.09 -30.51 -14.46
CA SER B 286 14.19 -29.33 -14.51
C SER B 286 13.21 -29.41 -13.33
N VAL B 287 12.54 -28.30 -13.01
CA VAL B 287 11.65 -28.14 -11.83
C VAL B 287 10.51 -27.16 -12.19
N SER B 288 9.28 -27.51 -11.81
CA SER B 288 8.04 -26.77 -12.18
C SER B 288 8.09 -25.34 -11.65
N LEU B 289 7.31 -24.43 -12.24
CA LEU B 289 7.11 -23.06 -11.72
C LEU B 289 6.59 -23.19 -10.29
N ALA B 290 5.56 -24.02 -10.08
CA ALA B 290 4.86 -24.24 -8.78
C ALA B 290 5.86 -24.58 -7.68
N VAL B 291 6.85 -25.44 -7.97
CA VAL B 291 7.83 -25.97 -6.97
C VAL B 291 8.91 -24.91 -6.72
N ARG B 292 9.35 -24.19 -7.76
CA ARG B 292 10.30 -23.05 -7.61
C ARG B 292 9.65 -22.00 -6.70
N GLU B 293 8.34 -21.80 -6.82
CA GLU B 293 7.57 -20.76 -6.07
C GLU B 293 7.29 -21.26 -4.65
N ALA B 294 7.36 -22.57 -4.41
CA ALA B 294 7.30 -23.17 -3.05
C ALA B 294 8.63 -22.95 -2.32
N CYS B 295 9.75 -23.05 -3.04
CA CYS B 295 11.14 -22.89 -2.51
C CYS B 295 11.43 -21.43 -2.17
N ASP B 296 10.92 -20.49 -2.98
CA ASP B 296 10.99 -19.05 -2.69
C ASP B 296 10.30 -18.81 -1.34
N PHE B 297 9.11 -19.38 -1.15
CA PHE B 297 8.28 -19.27 0.08
C PHE B 297 9.07 -19.84 1.27
N ALA B 298 9.68 -21.01 1.10
CA ALA B 298 10.57 -21.62 2.11
C ALA B 298 11.67 -20.63 2.48
N ALA B 299 12.37 -20.10 1.48
CA ALA B 299 13.50 -19.16 1.66
C ALA B 299 13.03 -17.94 2.48
N GLN B 300 11.81 -17.47 2.23
CA GLN B 300 11.20 -16.32 2.97
C GLN B 300 10.98 -16.72 4.43
N LEU B 301 10.29 -17.84 4.65
CA LEU B 301 9.97 -18.36 6.01
C LEU B 301 11.26 -18.52 6.81
N LEU B 302 12.28 -19.15 6.23
CA LEU B 302 13.63 -19.28 6.83
C LEU B 302 14.19 -17.89 7.15
N SER B 303 14.04 -16.94 6.23
CA SER B 303 14.57 -15.56 6.34
C SER B 303 13.91 -14.84 7.50
N MSE B 304 12.65 -15.16 7.77
CA MSE B 304 11.94 -14.58 8.89
C MSE B 304 12.49 -15.14 10.20
O MSE B 304 12.57 -14.43 11.21
CB MSE B 304 10.43 -14.83 8.76
CG MSE B 304 9.77 -14.07 7.65
SE MSE B 304 7.82 -14.36 7.59
CE MSE B 304 7.31 -14.95 5.77
N ARG B 305 12.87 -16.41 10.19
CA ARG B 305 13.47 -17.03 11.36
C ARG B 305 14.87 -16.47 11.57
N ILE B 306 15.70 -16.46 10.52
CA ILE B 306 17.10 -15.93 10.57
C ILE B 306 17.08 -14.55 11.24
N ALA B 307 16.07 -13.73 10.97
CA ALA B 307 15.91 -12.35 11.49
C ALA B 307 15.49 -12.36 12.95
N MSE B 308 14.57 -13.26 13.32
CA MSE B 308 14.07 -13.32 14.68
C MSE B 308 15.15 -13.86 15.63
O MSE B 308 15.37 -13.35 16.73
CB MSE B 308 12.80 -14.17 14.72
CG MSE B 308 11.58 -13.44 14.24
SE MSE B 308 10.06 -14.66 14.21
CE MSE B 308 9.89 -15.40 12.41
N GLU B 309 15.86 -14.88 15.16
CA GLU B 309 17.00 -15.40 15.90
C GLU B 309 18.03 -14.27 15.99
N GLN B 310 18.56 -13.87 14.83
CA GLN B 310 19.59 -12.80 14.69
C GLN B 310 19.17 -11.57 15.52
N SER B 311 17.87 -11.31 15.68
CA SER B 311 17.32 -10.16 16.43
C SER B 311 17.38 -10.40 17.94
N SER B 312 16.63 -11.39 18.46
CA SER B 312 16.46 -11.66 19.91
C SER B 312 17.81 -12.04 20.54
N GLN B 313 18.74 -12.54 19.74
CA GLN B 313 20.14 -12.80 20.14
C GLN B 313 20.84 -11.47 20.38
N ASP B 314 20.87 -10.62 19.35
CA ASP B 314 21.44 -9.24 19.35
C ASP B 314 20.77 -8.40 20.45
N ALA B 315 19.50 -8.64 20.72
CA ALA B 315 18.67 -7.93 21.73
C ALA B 315 19.21 -8.20 23.13
N SER B 316 19.34 -9.49 23.49
CA SER B 316 19.88 -9.99 24.78
C SER B 316 21.31 -9.46 25.01
N ARG B 317 22.07 -9.27 23.93
CA ARG B 317 23.51 -8.85 23.97
C ARG B 317 23.62 -7.37 24.38
N ARG B 318 22.81 -6.49 23.79
CA ARG B 318 22.73 -5.05 24.12
C ARG B 318 22.34 -4.88 25.59
N VAL B 319 21.39 -5.68 26.11
CA VAL B 319 20.96 -5.67 27.54
C VAL B 319 22.17 -6.04 28.43
N GLU B 320 22.86 -7.15 28.11
CA GLU B 320 23.99 -7.70 28.89
C GLU B 320 25.14 -6.69 28.92
N LEU B 321 25.39 -5.99 27.80
CA LEU B 321 26.45 -4.95 27.65
C LEU B 321 26.02 -3.64 28.29
N GLY B 322 24.72 -3.37 28.34
CA GLY B 322 24.13 -2.19 28.98
C GLY B 322 24.36 -2.22 30.47
N HIS B 323 24.01 -3.34 31.13
CA HIS B 323 24.16 -3.58 32.59
C HIS B 323 25.62 -3.28 33.01
N ILE B 324 26.57 -3.62 32.15
CA ILE B 324 28.04 -3.35 32.34
C ILE B 324 28.30 -1.85 32.24
N GLN B 325 27.97 -1.25 31.09
CA GLN B 325 28.15 0.21 30.80
C GLN B 325 27.58 1.03 31.98
N ALA B 326 26.46 0.59 32.55
CA ALA B 326 25.85 1.15 33.77
C ALA B 326 26.88 1.15 34.89
N ARG B 327 27.41 -0.03 35.24
CA ARG B 327 28.37 -0.24 36.37
C ARG B 327 29.63 0.60 36.14
N LEU B 328 30.12 0.67 34.91
CA LEU B 328 31.32 1.46 34.54
C LEU B 328 31.04 2.97 34.72
N LEU B 329 29.85 3.41 34.33
CA LEU B 329 29.47 4.86 34.41
C LEU B 329 29.15 5.22 35.87
N LYS B 330 28.52 4.33 36.61
CA LYS B 330 28.25 4.46 38.08
C LYS B 330 29.57 4.65 38.82
N GLY B 331 30.54 3.77 38.56
CA GLY B 331 31.88 3.78 39.19
C GLY B 331 32.67 5.04 38.84
N MSE B 332 32.61 5.44 37.56
CA MSE B 332 33.36 6.58 37.06
C MSE B 332 32.83 7.89 37.67
O MSE B 332 33.55 8.87 37.73
CB MSE B 332 33.27 6.66 35.53
CG MSE B 332 34.37 5.91 34.82
SE MSE B 332 34.40 6.35 32.90
CE MSE B 332 32.82 5.52 32.10
N ALA B 333 31.55 7.88 38.07
CA ALA B 333 30.93 9.05 38.68
C ALA B 333 31.20 9.09 40.19
N ALA B 334 31.11 7.93 40.86
CA ALA B 334 31.16 7.80 42.34
C ALA B 334 32.58 7.98 42.88
N ALA B 335 33.61 7.50 42.16
CA ALA B 335 35.01 7.43 42.63
C ALA B 335 35.66 8.81 42.54
N GLU B 336 36.75 9.03 43.29
CA GLU B 336 37.48 10.32 43.44
C GLU B 336 38.17 10.68 42.11
N LYS B 337 39.01 9.80 41.57
CA LYS B 337 39.57 9.92 40.20
C LYS B 337 38.70 9.07 39.27
N TRP B 338 38.20 9.66 38.17
CA TRP B 338 37.23 9.03 37.23
C TRP B 338 37.81 7.72 36.70
N VAL B 339 39.12 7.69 36.43
CA VAL B 339 39.84 6.54 35.78
C VAL B 339 39.64 5.27 36.59
N ASP B 340 39.50 5.37 37.91
CA ASP B 340 39.37 4.23 38.86
C ASP B 340 37.99 3.56 38.74
N GLY B 341 37.04 4.18 38.03
CA GLY B 341 35.76 3.54 37.67
C GLY B 341 35.95 2.37 36.72
N LEU B 342 37.08 2.36 35.99
CA LEU B 342 37.43 1.34 34.97
C LEU B 342 38.47 0.35 35.53
N LEU B 343 39.54 0.85 36.16
CA LEU B 343 40.69 -0.01 36.57
C LEU B 343 40.81 -0.10 38.11
N GLY B 344 39.88 0.50 38.84
CA GLY B 344 39.92 0.62 40.31
C GLY B 344 40.13 -0.72 41.00
N GLY B 345 39.15 -1.62 40.90
CA GLY B 345 39.14 -2.92 41.61
C GLY B 345 39.15 -4.11 40.66
N GLU B 346 38.96 -5.31 41.20
CA GLU B 346 38.96 -6.60 40.46
C GLU B 346 37.73 -6.66 39.55
N GLY B 347 36.57 -6.27 40.09
CA GLY B 347 35.27 -6.23 39.38
C GLY B 347 35.25 -5.20 38.28
N GLU B 348 35.79 -3.99 38.54
CA GLU B 348 35.84 -2.86 37.57
C GLU B 348 36.69 -3.26 36.37
N ARG B 349 37.91 -3.75 36.63
CA ARG B 349 38.86 -4.20 35.59
C ARG B 349 38.25 -5.33 34.76
N GLU B 350 37.40 -6.16 35.39
CA GLU B 350 36.68 -7.30 34.73
C GLU B 350 35.54 -6.75 33.87
N ASP B 351 34.85 -5.70 34.31
CA ASP B 351 33.77 -5.04 33.54
C ASP B 351 34.38 -4.39 32.31
N LEU B 352 35.40 -3.53 32.48
CA LEU B 352 36.11 -2.86 31.36
C LEU B 352 36.36 -3.86 30.23
N LEU B 353 36.79 -5.08 30.55
CA LEU B 353 37.08 -6.14 29.54
C LEU B 353 35.79 -6.71 28.95
N LYS B 354 34.80 -7.04 29.80
CA LYS B 354 33.53 -7.70 29.38
C LYS B 354 32.67 -6.73 28.54
N GLN B 355 32.95 -5.42 28.60
CA GLN B 355 32.17 -4.33 27.95
C GLN B 355 32.20 -4.47 26.42
N VAL B 356 33.20 -5.17 25.87
CA VAL B 356 33.28 -5.53 24.41
C VAL B 356 33.64 -7.02 24.27
N GLY B 357 33.52 -7.80 25.34
CA GLY B 357 33.98 -9.19 25.40
C GLY B 357 35.44 -9.32 24.96
N ALA B 358 36.33 -8.51 25.54
CA ALA B 358 37.77 -8.46 25.23
C ALA B 358 38.54 -9.29 26.27
N ASP B 359 39.73 -9.76 25.92
CA ASP B 359 40.64 -10.47 26.87
C ASP B 359 41.60 -9.47 27.52
N GLY B 360 41.79 -8.30 26.93
CA GLY B 360 42.72 -7.28 27.43
C GLY B 360 42.28 -5.88 27.07
N ALA B 361 42.76 -4.88 27.82
CA ALA B 361 42.50 -3.43 27.60
C ALA B 361 43.75 -2.63 27.98
N ALA B 362 44.03 -1.56 27.24
CA ALA B 362 45.07 -0.56 27.55
C ALA B 362 44.41 0.82 27.59
N LEU B 363 44.40 1.47 28.75
CA LEU B 363 43.86 2.84 28.93
C LEU B 363 45.04 3.81 29.04
N VAL B 364 45.48 4.36 27.90
CA VAL B 364 46.59 5.35 27.80
C VAL B 364 46.03 6.76 28.06
N LEU B 365 46.76 7.55 28.85
CA LEU B 365 46.43 8.97 29.15
C LEU B 365 47.72 9.81 29.08
N GLY B 366 48.20 10.08 27.86
CA GLY B 366 49.51 10.72 27.62
C GLY B 366 50.64 9.72 27.78
N ASP B 367 51.43 9.86 28.86
CA ASP B 367 52.54 8.93 29.23
C ASP B 367 52.13 8.10 30.46
N ASP B 368 50.83 7.82 30.59
CA ASP B 368 50.24 7.19 31.81
C ASP B 368 49.47 5.94 31.38
N TYR B 369 50.19 4.85 31.11
CA TYR B 369 49.64 3.56 30.60
C TYR B 369 49.07 2.76 31.77
N GLU B 370 47.97 2.06 31.51
CA GLU B 370 47.32 1.11 32.45
C GLU B 370 46.84 -0.09 31.65
N LEU B 371 47.59 -1.19 31.66
CA LEU B 371 47.27 -2.44 30.93
C LEU B 371 46.39 -3.32 31.82
N VAL B 372 45.38 -3.97 31.24
CA VAL B 372 44.41 -4.85 31.96
C VAL B 372 44.34 -6.20 31.23
N GLY B 373 44.20 -7.30 31.97
CA GLY B 373 44.08 -8.66 31.43
C GLY B 373 45.30 -9.07 30.62
N ASN B 374 45.09 -9.57 29.40
CA ASN B 374 46.15 -10.00 28.44
C ASN B 374 46.32 -8.94 27.36
N THR B 375 47.40 -8.14 27.44
CA THR B 375 47.76 -7.08 26.47
C THR B 375 49.12 -7.36 25.85
N PRO B 376 49.49 -6.71 24.73
CA PRO B 376 50.90 -6.62 24.32
C PRO B 376 51.62 -5.67 25.29
N SER B 377 52.95 -5.64 25.26
CA SER B 377 53.80 -4.83 26.18
C SER B 377 53.54 -3.34 25.96
N ARG B 378 53.87 -2.50 26.94
CA ARG B 378 53.80 -1.03 26.85
C ARG B 378 54.48 -0.59 25.54
N GLU B 379 55.72 -1.02 25.32
CA GLU B 379 56.55 -0.67 24.14
C GLU B 379 55.81 -1.06 22.85
N GLN B 380 55.08 -2.17 22.86
CA GLN B 380 54.28 -2.67 21.70
C GLN B 380 53.04 -1.80 21.49
N VAL B 381 52.40 -1.31 22.57
CA VAL B 381 51.16 -0.47 22.53
C VAL B 381 51.54 0.96 22.12
N GLU B 382 52.60 1.52 22.71
CA GLU B 382 53.22 2.81 22.28
C GLU B 382 53.30 2.83 20.76
N GLU B 383 53.96 1.81 20.19
CA GLU B 383 54.23 1.66 18.74
C GLU B 383 52.90 1.45 17.99
N LEU B 384 51.92 0.79 18.62
CA LEU B 384 50.53 0.61 18.08
C LEU B 384 49.88 1.99 17.97
N ILE B 385 49.86 2.75 19.07
CA ILE B 385 49.24 4.11 19.15
C ILE B 385 49.91 5.04 18.12
N LEU B 386 51.21 4.87 17.85
CA LEU B 386 51.97 5.70 16.87
C LEU B 386 51.40 5.48 15.46
N TRP B 387 50.83 4.31 15.19
CA TRP B 387 50.29 3.90 13.86
C TRP B 387 48.81 4.27 13.75
N LEU B 388 48.05 4.17 14.85
CA LEU B 388 46.62 4.60 14.91
C LEU B 388 46.53 6.13 14.75
N GLY B 389 47.59 6.85 15.11
CA GLY B 389 47.72 8.30 14.90
C GLY B 389 47.74 8.68 13.43
N GLU B 390 48.21 7.78 12.56
CA GLU B 390 48.41 8.03 11.11
C GLU B 390 47.19 7.58 10.29
N ARG B 391 46.12 7.09 10.95
CA ARG B 391 45.01 6.34 10.28
C ARG B 391 43.81 7.27 10.06
N GLU B 392 43.35 7.92 11.12
CA GLU B 392 42.22 8.91 11.11
C GLU B 392 40.92 8.20 11.51
N ILE B 393 40.47 8.39 12.75
CA ILE B 393 39.43 7.58 13.44
C ILE B 393 38.37 8.53 14.00
N ALA B 394 37.35 8.83 13.18
CA ALA B 394 36.21 9.73 13.48
C ALA B 394 35.20 9.03 14.41
N ASP B 395 35.19 7.69 14.38
CA ASP B 395 34.37 6.81 15.25
C ASP B 395 35.32 6.07 16.19
N VAL B 396 35.53 4.78 15.94
CA VAL B 396 36.52 3.91 16.63
C VAL B 396 37.17 3.03 15.56
N PHE B 397 38.47 2.73 15.67
CA PHE B 397 39.15 1.72 14.82
C PHE B 397 38.92 0.34 15.42
N ALA B 398 38.58 -0.63 14.57
CA ALA B 398 38.31 -2.03 14.92
C ALA B 398 38.73 -2.91 13.75
N THR B 399 38.97 -4.18 14.03
CA THR B 399 39.56 -5.19 13.11
C THR B 399 39.68 -6.49 13.88
N ASP B 400 39.55 -7.63 13.19
CA ASP B 400 39.82 -8.98 13.75
C ASP B 400 40.99 -9.60 13.00
N ASN B 401 41.85 -8.75 12.39
CA ASN B 401 43.08 -9.12 11.65
C ASN B 401 44.00 -7.89 11.60
N LEU B 402 44.35 -7.36 12.78
CA LEU B 402 45.24 -6.17 12.94
C LEU B 402 46.54 -6.38 12.17
N ALA B 403 47.03 -7.62 12.12
CA ALA B 403 48.25 -8.03 11.37
C ALA B 403 48.11 -7.61 9.90
N GLY B 404 46.97 -7.91 9.27
CA GLY B 404 46.68 -7.59 7.87
C GLY B 404 46.74 -6.10 7.58
N ASN B 405 46.48 -5.27 8.59
CA ASN B 405 46.51 -3.77 8.50
C ASN B 405 47.89 -3.28 8.94
N TYR B 406 48.43 -3.84 10.02
CA TYR B 406 49.68 -3.42 10.71
C TYR B 406 50.60 -4.63 10.84
N PRO B 407 51.29 -5.03 9.73
CA PRO B 407 52.10 -6.25 9.70
C PRO B 407 53.00 -6.53 10.91
N THR B 408 53.48 -5.47 11.57
CA THR B 408 54.46 -5.54 12.70
C THR B 408 53.76 -6.07 13.96
N ALA B 409 52.43 -6.08 14.00
CA ALA B 409 51.62 -6.54 15.14
C ALA B 409 51.20 -8.00 14.93
N ALA B 410 51.91 -8.73 14.05
CA ALA B 410 51.85 -10.20 13.94
C ALA B 410 52.77 -10.78 15.02
N ALA B 411 53.72 -9.98 15.50
CA ALA B 411 54.68 -10.33 16.56
C ALA B 411 53.94 -10.62 17.87
N TYR B 412 52.76 -10.00 18.08
CA TYR B 412 51.92 -10.17 19.29
C TYR B 412 50.50 -10.59 18.89
N ALA B 413 50.38 -11.43 17.84
CA ALA B 413 49.10 -11.95 17.31
C ALA B 413 48.38 -12.78 18.38
N SER B 414 49.13 -13.69 19.01
CA SER B 414 48.68 -14.57 20.11
C SER B 414 47.78 -13.82 21.08
N VAL B 415 48.07 -12.54 21.35
CA VAL B 415 47.43 -11.71 22.41
C VAL B 415 46.53 -10.62 21.80
N ALA B 416 46.89 -10.03 20.65
CA ALA B 416 46.12 -8.95 19.96
C ALA B 416 46.10 -9.15 18.44
N SER B 417 45.19 -9.99 17.96
CA SER B 417 44.79 -10.14 16.53
C SER B 417 43.56 -9.28 16.25
N GLY B 418 42.81 -8.99 17.31
CA GLY B 418 41.62 -8.11 17.29
C GLY B 418 41.80 -6.98 18.28
N ILE B 419 41.61 -5.73 17.82
CA ILE B 419 41.60 -4.53 18.69
C ILE B 419 40.39 -3.68 18.32
N ILE B 420 39.76 -3.10 19.34
CA ILE B 420 38.91 -1.88 19.25
C ILE B 420 39.73 -0.73 19.86
N ALA B 421 40.44 0.02 19.01
CA ALA B 421 41.17 1.24 19.38
C ALA B 421 40.20 2.41 19.33
N MSE B 422 40.44 3.40 20.21
CA MSE B 422 39.47 4.43 20.48
C MSE B 422 40.20 5.59 21.17
O MSE B 422 40.75 5.41 22.24
CB MSE B 422 38.38 3.86 21.39
CG MSE B 422 37.08 4.56 21.32
SE MSE B 422 35.81 3.30 22.07
CE MSE B 422 35.86 3.53 24.01
N ARG B 423 40.21 6.76 20.53
CA ARG B 423 40.78 7.95 21.14
C ARG B 423 39.76 8.54 22.12
N VAL B 424 40.19 8.81 23.36
CA VAL B 424 39.28 9.20 24.48
C VAL B 424 39.57 10.65 24.87
N SER B 425 39.89 11.49 23.87
CA SER B 425 39.88 12.97 24.03
C SER B 425 39.75 13.68 22.67
N GLU B 426 39.74 15.01 22.74
CA GLU B 426 39.86 15.94 21.57
C GLU B 426 41.35 16.30 21.42
N LEU B 427 42.00 16.64 22.54
CA LEU B 427 43.48 16.72 22.70
C LEU B 427 44.09 15.32 22.55
N HIS B 428 45.04 15.18 21.62
CA HIS B 428 45.71 13.90 21.24
C HIS B 428 46.44 13.29 22.45
N GLY B 429 46.82 12.01 22.36
CA GLY B 429 47.75 11.36 23.31
C GLY B 429 47.07 10.55 24.39
N SER B 430 45.73 10.45 24.41
CA SER B 430 44.96 9.61 25.37
C SER B 430 44.05 8.64 24.60
N TRP B 431 44.12 7.33 24.90
CA TRP B 431 43.37 6.26 24.17
C TRP B 431 42.73 5.25 25.15
N LEU B 432 41.80 4.44 24.62
CA LEU B 432 41.32 3.18 25.25
C LEU B 432 41.21 2.12 24.15
N ILE B 433 42.15 1.18 24.12
CA ILE B 433 42.19 0.04 23.17
C ILE B 433 41.75 -1.23 23.91
N TRP B 434 40.92 -2.05 23.25
CA TRP B 434 40.57 -3.43 23.70
C TRP B 434 41.31 -4.44 22.82
N PHE B 435 41.90 -5.46 23.44
CA PHE B 435 42.68 -6.53 22.76
C PHE B 435 41.88 -7.83 22.79
N ARG B 436 42.06 -8.63 21.74
CA ARG B 436 41.37 -9.92 21.53
C ARG B 436 42.39 -10.86 20.88
N PRO B 437 42.55 -12.10 21.38
CA PRO B 437 43.66 -12.94 20.98
C PRO B 437 43.38 -13.67 19.67
N GLU B 438 44.44 -13.96 18.91
CA GLU B 438 44.40 -14.89 17.74
C GLU B 438 43.58 -16.11 18.13
N VAL B 439 42.59 -16.45 17.32
CA VAL B 439 41.94 -17.78 17.35
C VAL B 439 42.34 -18.48 16.06
N ILE B 440 43.25 -19.44 16.16
CA ILE B 440 43.56 -20.37 15.04
C ILE B 440 42.27 -21.14 14.79
N LYS B 441 41.91 -21.34 13.53
CA LYS B 441 40.78 -22.21 13.13
C LYS B 441 41.16 -22.82 11.78
N THR B 442 40.98 -24.13 11.62
CA THR B 442 41.16 -24.82 10.32
C THR B 442 40.02 -24.38 9.42
N VAL B 443 40.36 -23.93 8.20
CA VAL B 443 39.35 -23.48 7.20
C VAL B 443 39.46 -24.46 6.03
N ARG B 444 38.37 -25.14 5.72
CA ARG B 444 38.28 -26.10 4.60
C ARG B 444 37.55 -25.40 3.46
N TRP B 445 38.29 -25.14 2.38
CA TRP B 445 37.85 -24.27 1.26
C TRP B 445 37.16 -25.10 0.18
N GLY B 446 37.66 -26.29 -0.14
CA GLY B 446 37.19 -27.02 -1.34
C GLY B 446 37.48 -26.18 -2.57
N GLY B 447 38.77 -26.02 -2.85
CA GLY B 447 39.32 -25.17 -3.93
C GLY B 447 40.43 -24.32 -3.38
N ASP B 448 41.48 -24.05 -4.18
CA ASP B 448 42.40 -22.91 -3.91
C ASP B 448 41.63 -21.65 -4.29
N PRO B 449 41.33 -20.75 -3.32
CA PRO B 449 40.65 -19.49 -3.63
C PRO B 449 41.60 -18.39 -4.13
N HIS B 450 42.92 -18.62 -4.04
CA HIS B 450 44.00 -17.64 -4.35
C HIS B 450 44.59 -17.96 -5.73
N ILE B 459 39.76 -13.93 -16.38
CA ILE B 459 39.84 -15.02 -15.37
C ILE B 459 38.98 -16.19 -15.84
N HIS B 460 39.51 -17.41 -15.75
CA HIS B 460 38.79 -18.71 -15.91
C HIS B 460 38.60 -19.35 -14.53
N PRO B 461 37.57 -20.21 -14.34
CA PRO B 461 37.33 -20.84 -13.04
C PRO B 461 38.26 -22.04 -12.77
N ARG B 462 38.25 -22.54 -11.53
CA ARG B 462 39.16 -23.59 -11.03
C ARG B 462 38.52 -24.97 -11.25
N LYS B 463 39.35 -25.99 -11.48
CA LYS B 463 38.93 -27.37 -11.89
C LYS B 463 38.71 -28.26 -10.66
N SER B 464 39.46 -28.05 -9.58
CA SER B 464 39.46 -28.90 -8.35
C SER B 464 38.70 -28.20 -7.23
N PHE B 465 37.69 -28.88 -6.66
CA PHE B 465 36.96 -28.47 -5.43
C PHE B 465 37.19 -29.50 -4.33
N GLU B 466 38.36 -30.13 -4.34
CA GLU B 466 38.85 -31.08 -3.31
C GLU B 466 39.19 -30.29 -2.05
N ILE B 467 38.71 -30.74 -0.88
CA ILE B 467 38.77 -30.02 0.43
C ILE B 467 40.19 -29.48 0.64
N TRP B 468 40.38 -28.19 0.35
CA TRP B 468 41.67 -27.46 0.50
C TRP B 468 41.71 -26.83 1.88
N LYS B 469 42.65 -27.28 2.72
CA LYS B 469 42.73 -26.94 4.16
C LYS B 469 43.69 -25.75 4.30
N GLU B 470 43.62 -25.08 5.45
CA GLU B 470 44.64 -24.11 5.93
C GLU B 470 44.27 -23.75 7.37
N GLN B 471 45.29 -23.46 8.18
CA GLN B 471 45.14 -22.83 9.52
C GLN B 471 45.08 -21.31 9.33
N LEU B 472 44.04 -20.66 9.85
CA LEU B 472 43.87 -19.19 9.70
C LEU B 472 44.47 -18.54 10.94
N ARG B 473 45.50 -17.73 10.70
CA ARG B 473 46.35 -17.13 11.76
C ARG B 473 45.99 -15.65 11.92
N ASN B 474 46.50 -15.04 12.98
CA ASN B 474 46.55 -13.56 13.16
C ASN B 474 45.12 -12.98 13.13
N THR B 475 44.09 -13.81 13.33
CA THR B 475 42.66 -13.43 13.20
C THR B 475 41.89 -13.79 14.48
N SER B 476 41.35 -12.80 15.18
CA SER B 476 40.56 -12.93 16.43
C SER B 476 39.12 -13.34 16.10
N PHE B 477 38.30 -13.59 17.12
CA PHE B 477 36.84 -13.77 16.99
C PHE B 477 36.26 -12.42 16.55
N PRO B 478 35.32 -12.38 15.60
CA PRO B 478 34.82 -11.12 15.04
C PRO B 478 34.04 -10.24 16.03
N TRP B 479 34.17 -8.92 15.86
CA TRP B 479 33.53 -7.89 16.73
C TRP B 479 32.04 -7.77 16.37
N SER B 480 31.15 -8.12 17.29
CA SER B 480 29.67 -7.98 17.10
C SER B 480 29.30 -6.50 17.04
N GLU B 481 28.15 -6.17 16.45
CA GLU B 481 27.71 -4.76 16.29
C GLU B 481 27.28 -4.20 17.66
N PRO B 482 26.64 -4.98 18.56
CA PRO B 482 26.33 -4.48 19.91
C PRO B 482 27.60 -4.19 20.73
N GLU B 483 28.70 -4.88 20.41
CA GLU B 483 30.02 -4.69 21.08
C GLU B 483 30.60 -3.33 20.67
N LEU B 484 30.70 -3.05 19.37
CA LEU B 484 31.23 -1.76 18.84
C LEU B 484 30.39 -0.61 19.39
N ALA B 485 29.06 -0.76 19.34
CA ALA B 485 28.07 0.25 19.78
C ALA B 485 28.25 0.53 21.29
N ALA B 486 28.59 -0.49 22.07
CA ALA B 486 28.88 -0.37 23.52
C ALA B 486 30.16 0.46 23.71
N ALA B 487 31.14 0.24 22.83
CA ALA B 487 32.44 0.97 22.80
C ALA B 487 32.18 2.43 22.42
N ARG B 488 31.54 2.67 21.27
CA ARG B 488 31.17 4.03 20.78
C ARG B 488 30.62 4.83 21.96
N GLU B 489 29.65 4.26 22.68
CA GLU B 489 28.99 4.87 23.86
C GLU B 489 30.08 5.30 24.86
N LEU B 490 30.80 4.32 25.41
CA LEU B 490 31.77 4.53 26.53
C LEU B 490 32.72 5.67 26.19
N ARG B 491 33.14 5.78 24.92
CA ARG B 491 34.04 6.85 24.41
C ARG B 491 33.43 8.22 24.73
N GLY B 492 32.21 8.47 24.25
CA GLY B 492 31.41 9.65 24.61
C GLY B 492 31.56 9.95 26.09
N ALA B 493 31.26 8.97 26.94
CA ALA B 493 31.25 9.08 28.42
C ALA B 493 32.63 9.55 28.91
N ILE B 494 33.70 8.90 28.45
CA ILE B 494 35.09 9.22 28.88
C ILE B 494 35.42 10.64 28.38
N ILE B 495 35.32 10.87 27.07
CA ILE B 495 35.65 12.18 26.42
C ILE B 495 34.91 13.31 27.16
N GLY B 496 33.69 13.04 27.61
CA GLY B 496 32.82 13.99 28.33
C GLY B 496 33.33 14.31 29.72
N ILE B 497 33.88 13.32 30.42
CA ILE B 497 34.42 13.46 31.81
C ILE B 497 35.78 14.16 31.75
N VAL B 498 36.52 13.98 30.66
CA VAL B 498 37.83 14.65 30.41
C VAL B 498 37.59 16.16 30.25
N LEU B 499 36.48 16.56 29.63
CA LEU B 499 36.04 17.99 29.55
C LEU B 499 35.47 18.43 30.91
N SER C 19 24.02 4.26 -28.43
CA SER C 19 22.76 4.88 -28.94
C SER C 19 22.11 5.73 -27.84
N CYS C 20 20.95 6.34 -28.15
CA CYS C 20 20.23 7.36 -27.33
C CYS C 20 19.83 6.77 -25.96
N GLY C 21 19.12 5.64 -25.98
CA GLY C 21 18.55 5.00 -24.78
C GLY C 21 19.61 4.45 -23.85
N ALA C 22 20.85 4.27 -24.33
CA ALA C 22 21.96 3.54 -23.66
C ALA C 22 22.24 4.10 -22.26
N GLU C 23 22.68 5.36 -22.19
CA GLU C 23 23.28 6.00 -20.97
C GLU C 23 22.45 5.74 -19.72
N PRO C 24 23.05 5.16 -18.65
CA PRO C 24 22.31 4.91 -17.40
C PRO C 24 22.32 6.16 -16.50
N ILE C 25 21.21 6.92 -16.50
CA ILE C 25 21.18 8.32 -15.98
C ILE C 25 20.93 8.34 -14.46
N HIS C 26 20.56 7.21 -13.88
CA HIS C 26 20.10 7.11 -12.47
C HIS C 26 21.28 6.82 -11.53
N ILE C 27 22.44 6.41 -12.08
CA ILE C 27 23.64 5.98 -11.29
C ILE C 27 24.89 6.68 -11.81
N PRO C 28 24.91 8.04 -11.92
CA PRO C 28 26.07 8.78 -12.41
C PRO C 28 27.13 9.06 -11.34
N GLY C 29 26.85 8.71 -10.08
CA GLY C 29 27.80 8.76 -8.95
C GLY C 29 28.33 10.17 -8.71
N ALA C 30 27.52 11.19 -9.02
CA ALA C 30 27.86 12.63 -8.87
C ALA C 30 26.59 13.41 -8.56
N ILE C 31 26.71 14.58 -7.93
CA ILE C 31 25.59 15.54 -7.69
C ILE C 31 25.93 16.87 -8.37
N GLN C 32 24.94 17.76 -8.48
CA GLN C 32 25.11 19.19 -8.85
C GLN C 32 25.71 19.90 -7.63
N GLU C 33 26.11 21.16 -7.79
CA GLU C 33 26.90 21.90 -6.76
C GLU C 33 25.97 22.49 -5.71
N HIS C 34 24.69 22.63 -6.02
CA HIS C 34 23.72 23.45 -5.23
C HIS C 34 23.29 22.73 -3.95
N GLY C 35 23.69 21.47 -3.75
CA GLY C 35 23.45 20.72 -2.50
C GLY C 35 24.58 19.75 -2.20
N ALA C 36 24.41 18.96 -1.13
CA ALA C 36 25.33 17.88 -0.70
C ALA C 36 24.51 16.61 -0.44
N LEU C 37 25.12 15.45 -0.65
CA LEU C 37 24.47 14.11 -0.51
C LEU C 37 25.27 13.27 0.49
N LEU C 38 24.57 12.58 1.38
CA LEU C 38 25.14 11.78 2.50
C LEU C 38 24.35 10.47 2.63
N VAL C 39 24.98 9.32 2.39
CA VAL C 39 24.34 7.97 2.51
C VAL C 39 24.64 7.40 3.90
N LEU C 40 23.59 7.01 4.62
CA LEU C 40 23.68 6.28 5.91
C LEU C 40 23.13 4.87 5.72
N SER C 41 23.72 3.88 6.40
CA SER C 41 23.17 2.51 6.53
C SER C 41 22.14 2.51 7.65
N ALA C 42 20.96 1.92 7.41
CA ALA C 42 19.78 1.98 8.29
C ALA C 42 20.12 1.48 9.69
N ARG C 43 20.86 0.36 9.78
CA ARG C 43 21.21 -0.31 11.06
C ARG C 43 21.61 0.74 12.11
N GLU C 44 22.85 1.23 12.06
CA GLU C 44 23.48 2.03 13.13
C GLU C 44 23.62 3.50 12.70
N PHE C 45 23.12 3.86 11.51
CA PHE C 45 23.13 5.24 10.92
C PHE C 45 24.57 5.70 10.69
N SER C 46 25.37 4.84 10.06
CA SER C 46 26.81 5.04 9.80
C SER C 46 27.01 5.55 8.36
N VAL C 47 27.85 6.57 8.20
CA VAL C 47 28.14 7.21 6.88
C VAL C 47 28.83 6.18 5.98
N VAL C 48 28.18 5.78 4.91
CA VAL C 48 28.73 4.81 3.91
C VAL C 48 29.37 5.61 2.76
N GLN C 49 28.57 6.47 2.10
CA GLN C 49 29.01 7.34 0.99
C GLN C 49 28.69 8.81 1.33
N ALA C 50 29.41 9.73 0.69
CA ALA C 50 29.14 11.19 0.74
C ALA C 50 29.75 11.85 -0.49
N SER C 51 29.09 12.90 -0.99
CA SER C 51 29.64 13.86 -1.98
C SER C 51 30.92 14.49 -1.41
N ASP C 52 31.86 14.89 -2.29
CA ASP C 52 33.14 15.53 -1.89
C ASP C 52 32.86 16.86 -1.17
N ASN C 53 31.80 17.58 -1.56
CA ASN C 53 31.50 18.95 -1.09
C ASN C 53 30.79 18.94 0.28
N LEU C 54 30.35 17.76 0.77
CA LEU C 54 29.55 17.62 2.02
C LEU C 54 30.16 18.49 3.13
N ALA C 55 31.48 18.48 3.29
CA ALA C 55 32.24 19.25 4.30
C ALA C 55 31.85 20.73 4.27
N ASN C 56 31.66 21.29 3.07
CA ASN C 56 31.36 22.73 2.82
C ASN C 56 30.02 23.12 3.43
N TYR C 57 29.01 22.24 3.29
CA TYR C 57 27.59 22.52 3.67
C TYR C 57 27.38 22.21 5.15
N ILE C 58 27.45 20.93 5.56
CA ILE C 58 27.23 20.50 6.97
C ILE C 58 28.21 21.25 7.88
N GLY C 59 29.42 21.55 7.40
CA GLY C 59 30.46 22.30 8.12
C GLY C 59 31.13 21.47 9.19
N VAL C 60 31.05 20.14 9.08
CA VAL C 60 31.53 19.16 10.10
C VAL C 60 32.34 18.09 9.38
N ASP C 61 33.27 17.46 10.13
CA ASP C 61 33.82 16.14 9.79
C ASP C 61 32.79 15.09 10.21
N LEU C 62 31.81 14.80 9.35
CA LEU C 62 30.97 13.55 9.35
C LEU C 62 31.45 12.66 8.20
N PRO C 63 32.63 11.99 8.34
CA PRO C 63 33.25 11.27 7.24
C PRO C 63 32.81 9.82 7.05
N ILE C 64 33.43 9.13 6.09
CA ILE C 64 33.28 7.67 5.78
C ILE C 64 33.54 6.87 7.07
N GLY C 65 32.67 5.91 7.38
CA GLY C 65 32.76 5.05 8.57
C GLY C 65 32.04 5.64 9.78
N ALA C 66 31.99 6.97 9.89
CA ALA C 66 31.56 7.71 11.10
C ALA C 66 30.08 7.41 11.40
N VAL C 67 29.76 7.19 12.68
CA VAL C 67 28.38 6.88 13.15
C VAL C 67 27.74 8.19 13.62
N ALA C 68 26.48 8.42 13.22
CA ALA C 68 25.75 9.69 13.44
C ALA C 68 25.20 9.74 14.86
N THR C 69 25.48 10.83 15.59
CA THR C 69 24.90 11.13 16.94
C THR C 69 24.35 12.55 16.94
N GLU C 70 23.69 12.94 18.04
CA GLU C 70 23.12 14.30 18.28
C GLU C 70 24.14 15.37 17.87
N ALA C 71 25.39 15.25 18.33
CA ALA C 71 26.48 16.21 18.10
C ALA C 71 26.88 16.27 16.61
N ASN C 72 26.58 15.25 15.82
CA ASN C 72 26.75 15.23 14.34
C ASN C 72 25.51 15.85 13.67
N LEU C 73 24.36 15.16 13.81
CA LEU C 73 23.06 15.48 13.17
C LEU C 73 22.00 15.62 14.26
N PRO C 74 21.63 16.84 14.71
CA PRO C 74 20.69 16.99 15.83
C PRO C 74 19.34 16.32 15.56
N PHE C 75 18.94 16.26 14.29
CA PHE C 75 17.66 15.70 13.79
C PHE C 75 17.69 14.17 13.73
N ILE C 76 18.72 13.53 14.29
CA ILE C 76 18.97 12.06 14.14
C ILE C 76 17.82 11.25 14.74
N SER C 77 17.29 11.70 15.89
CA SER C 77 16.16 11.06 16.60
C SER C 77 14.94 11.01 15.68
N VAL C 78 14.64 12.14 15.03
CA VAL C 78 13.44 12.36 14.17
C VAL C 78 13.60 11.54 12.88
N LEU C 79 14.81 11.52 12.30
CA LEU C 79 15.20 10.70 11.12
C LEU C 79 15.01 9.21 11.47
N SER C 80 15.55 8.78 12.61
CA SER C 80 15.38 7.42 13.20
C SER C 80 13.89 7.05 13.24
N ALA C 81 13.06 7.92 13.83
CA ALA C 81 11.61 7.71 14.02
C ALA C 81 10.88 7.75 12.66
N TRP C 82 11.43 8.45 11.66
CA TRP C 82 10.85 8.52 10.29
C TRP C 82 11.10 7.19 9.57
N TYR C 83 12.30 6.63 9.72
CA TYR C 83 12.73 5.38 9.05
C TYR C 83 11.80 4.22 9.45
N SER C 84 11.49 4.15 10.76
CA SER C 84 10.62 3.14 11.40
C SER C 84 9.16 3.29 10.91
N GLY C 85 8.78 4.48 10.44
CA GLY C 85 7.40 4.85 10.04
C GLY C 85 7.14 4.61 8.57
N GLU C 86 5.85 4.66 8.18
CA GLU C 86 5.36 4.43 6.79
C GLU C 86 5.86 5.53 5.85
N GLU C 87 5.87 6.78 6.33
CA GLU C 87 6.18 8.01 5.55
C GLU C 87 7.40 7.74 4.65
N SER C 88 7.30 8.11 3.37
CA SER C 88 8.23 7.73 2.27
C SER C 88 9.41 8.70 2.18
N ASN C 89 9.15 10.00 2.37
CA ASN C 89 10.19 11.07 2.35
C ASN C 89 10.26 11.72 3.73
N PHE C 90 11.31 12.53 3.92
CA PHE C 90 11.65 13.21 5.19
C PHE C 90 12.03 14.65 4.88
N ARG C 91 11.65 15.58 5.77
CA ARG C 91 12.00 17.02 5.69
C ARG C 91 12.24 17.53 7.12
N TYR C 92 13.36 18.21 7.33
CA TYR C 92 13.75 18.87 8.60
C TYR C 92 14.50 20.16 8.26
N ALA C 93 14.01 21.30 8.75
CA ALA C 93 14.63 22.63 8.60
C ALA C 93 15.71 22.81 9.68
N TRP C 94 16.97 22.59 9.30
CA TRP C 94 18.14 22.61 10.22
C TRP C 94 18.56 24.07 10.40
N ALA C 95 17.96 24.73 11.39
CA ALA C 95 18.09 26.18 11.69
C ALA C 95 19.56 26.57 11.88
N GLU C 96 20.31 25.79 12.67
CA GLU C 96 21.65 26.14 13.21
C GLU C 96 22.65 26.32 12.06
N LYS C 97 22.61 25.45 11.05
CA LYS C 97 23.49 25.47 9.86
C LYS C 97 22.84 26.26 8.72
N LYS C 98 21.56 26.64 8.89
CA LYS C 98 20.73 27.34 7.87
C LYS C 98 20.62 26.45 6.63
N LEU C 99 20.12 25.22 6.82
CA LEU C 99 19.97 24.20 5.75
C LEU C 99 18.57 23.59 5.81
N ASP C 100 18.10 23.09 4.66
CA ASP C 100 16.93 22.19 4.54
C ASP C 100 17.46 20.79 4.25
N VAL C 101 17.13 19.84 5.12
CA VAL C 101 17.51 18.41 5.00
C VAL C 101 16.31 17.68 4.39
N SER C 102 16.54 16.82 3.40
CA SER C 102 15.49 16.03 2.71
C SER C 102 16.03 14.64 2.37
N ALA C 103 15.49 13.61 3.02
CA ALA C 103 15.96 12.20 2.91
C ALA C 103 14.85 11.32 2.32
N HIS C 104 15.24 10.42 1.40
CA HIS C 104 14.41 9.27 0.94
C HIS C 104 15.11 7.97 1.33
N ARG C 105 14.39 6.84 1.23
CA ARG C 105 14.93 5.48 1.52
C ARG C 105 15.33 4.86 0.18
N SER C 106 16.40 4.06 0.16
CA SER C 106 16.96 3.40 -1.05
C SER C 106 17.34 1.95 -0.70
N GLY C 107 16.34 1.15 -0.31
CA GLY C 107 16.55 -0.17 0.30
C GLY C 107 17.05 -0.03 1.73
N THR C 108 18.11 -0.75 2.10
CA THR C 108 18.73 -0.72 3.45
C THR C 108 19.37 0.65 3.70
N LEU C 109 19.51 1.47 2.65
CA LEU C 109 20.20 2.79 2.70
C LEU C 109 19.19 3.89 3.04
N VAL C 110 19.69 5.00 3.57
CA VAL C 110 18.96 6.30 3.68
C VAL C 110 19.79 7.32 2.91
N ILE C 111 19.32 7.76 1.74
CA ILE C 111 19.94 8.86 0.95
C ILE C 111 19.43 10.17 1.56
N LEU C 112 20.35 11.07 1.91
CA LEU C 112 20.08 12.31 2.69
C LEU C 112 20.72 13.47 1.93
N GLU C 113 19.91 14.42 1.45
CA GLU C 113 20.36 15.58 0.64
C GLU C 113 20.08 16.87 1.40
N VAL C 114 21.09 17.73 1.50
CA VAL C 114 20.97 19.07 2.16
C VAL C 114 21.26 20.14 1.11
N GLU C 115 20.58 21.28 1.20
CA GLU C 115 20.86 22.49 0.39
C GLU C 115 20.43 23.71 1.21
N LYS C 116 21.00 24.88 0.89
CA LYS C 116 20.92 26.12 1.71
C LYS C 116 19.46 26.61 1.73
N ALA C 117 18.90 26.77 2.92
CA ALA C 117 17.47 27.09 3.17
C ALA C 117 17.15 28.48 2.62
N GLY C 118 16.37 28.54 1.52
CA GLY C 118 15.90 29.78 0.89
C GLY C 118 15.23 30.69 1.92
N VAL C 119 15.70 31.94 2.04
CA VAL C 119 15.01 33.01 2.81
C VAL C 119 14.06 33.74 1.86
N GLY C 120 13.11 34.51 2.40
CA GLY C 120 12.34 35.52 1.65
C GLY C 120 11.01 34.99 1.13
N GLU C 121 10.90 33.69 0.88
CA GLU C 121 9.62 33.02 0.43
C GLU C 121 8.56 33.21 1.53
N SER C 122 7.29 33.43 1.14
CA SER C 122 6.10 33.40 2.04
C SER C 122 5.16 32.30 1.54
N ALA C 123 4.77 31.37 2.41
CA ALA C 123 3.92 30.21 2.09
C ALA C 123 2.44 30.63 2.06
N GLU C 124 2.11 31.76 2.71
CA GLU C 124 0.73 32.32 2.77
C GLU C 124 0.33 32.85 1.39
N LYS C 125 1.29 33.47 0.68
CA LYS C 125 1.13 33.91 -0.73
C LYS C 125 0.91 32.67 -1.59
N LEU C 126 1.90 31.77 -1.64
CA LEU C 126 1.91 30.52 -2.46
C LEU C 126 0.58 29.79 -2.30
N MSE C 127 0.12 29.60 -1.06
CA MSE C 127 -1.12 28.92 -0.78
C MSE C 127 -2.29 29.64 -1.43
O MSE C 127 -3.15 29.02 -2.06
CB MSE C 127 -1.35 28.79 0.73
CG MSE C 127 -2.68 28.20 1.09
SE MSE C 127 -2.74 26.28 0.70
CE MSE C 127 -1.61 25.53 2.11
N GLY C 128 -2.33 30.97 -1.26
CA GLY C 128 -3.34 31.79 -1.91
C GLY C 128 -3.38 31.60 -3.43
N GLU C 129 -2.20 31.45 -4.05
CA GLU C 129 -2.05 31.37 -5.53
C GLU C 129 -2.50 29.99 -6.03
N LEU C 130 -2.24 28.92 -5.27
CA LEU C 130 -2.62 27.53 -5.66
C LEU C 130 -4.08 27.25 -5.28
N THR C 131 -4.60 27.94 -4.27
CA THR C 131 -6.06 27.95 -3.94
C THR C 131 -6.85 28.47 -5.15
N SER C 132 -6.31 29.48 -5.83
CA SER C 132 -6.91 30.12 -7.04
C SER C 132 -6.88 29.14 -8.21
N LEU C 133 -5.70 28.61 -8.56
CA LEU C 133 -5.54 27.65 -9.69
C LEU C 133 -6.51 26.48 -9.50
N ALA C 134 -6.45 25.83 -8.33
CA ALA C 134 -7.28 24.65 -7.99
C ALA C 134 -8.76 24.98 -8.17
N LYS C 135 -9.21 26.13 -7.67
CA LYS C 135 -10.62 26.58 -7.72
C LYS C 135 -11.01 26.87 -9.18
N TYR C 136 -10.07 27.36 -10.00
CA TYR C 136 -10.27 27.70 -11.43
C TYR C 136 -10.37 26.42 -12.27
N LEU C 137 -9.38 25.53 -12.14
CA LEU C 137 -9.34 24.21 -12.84
C LEU C 137 -10.65 23.45 -12.55
N ASN C 138 -11.14 23.53 -11.32
CA ASN C 138 -12.35 22.81 -10.86
C ASN C 138 -13.61 23.44 -11.48
N SER C 139 -13.52 24.69 -11.94
CA SER C 139 -14.62 25.45 -12.60
C SER C 139 -14.59 25.16 -14.12
N ALA C 140 -14.71 23.88 -14.47
CA ALA C 140 -14.51 23.24 -15.81
C ALA C 140 -14.27 24.28 -16.92
N PRO C 141 -13.01 24.71 -17.13
CA PRO C 141 -12.64 25.51 -18.30
C PRO C 141 -11.99 24.67 -19.40
N SER C 142 -12.01 25.17 -20.64
CA SER C 142 -11.42 24.52 -21.83
C SER C 142 -10.02 24.02 -21.49
N LEU C 143 -9.66 22.85 -22.00
CA LEU C 143 -8.35 22.19 -21.74
C LEU C 143 -7.23 23.19 -22.02
N GLU C 144 -7.34 23.96 -23.11
CA GLU C 144 -6.32 24.95 -23.52
C GLU C 144 -6.23 26.04 -22.45
N ASP C 145 -7.38 26.57 -22.03
CA ASP C 145 -7.46 27.64 -20.99
C ASP C 145 -6.73 27.14 -19.73
N ALA C 146 -7.09 25.95 -19.25
CA ALA C 146 -6.48 25.26 -18.09
C ALA C 146 -4.96 25.16 -18.29
N LEU C 147 -4.53 24.66 -19.46
CA LEU C 147 -3.09 24.45 -19.79
C LEU C 147 -2.31 25.75 -19.55
N PHE C 148 -2.80 26.87 -20.09
CA PHE C 148 -2.13 28.20 -20.02
C PHE C 148 -2.12 28.69 -18.57
N ARG C 149 -3.30 28.80 -17.95
CA ARG C 149 -3.44 29.30 -16.56
C ARG C 149 -2.35 28.69 -15.67
N THR C 150 -2.14 27.37 -15.79
CA THR C 150 -1.12 26.60 -15.02
C THR C 150 0.26 27.11 -15.40
N ALA C 151 0.62 27.01 -16.67
CA ALA C 151 1.89 27.54 -17.23
C ALA C 151 2.13 28.96 -16.71
N GLN C 152 1.08 29.78 -16.63
CA GLN C 152 1.10 31.19 -16.13
C GLN C 152 1.43 31.22 -14.63
N LEU C 153 0.75 30.42 -13.81
CA LEU C 153 0.98 30.34 -12.34
C LEU C 153 2.43 29.93 -12.07
N VAL C 154 2.91 28.89 -12.73
CA VAL C 154 4.28 28.34 -12.52
C VAL C 154 5.29 29.41 -12.95
N SER C 155 5.00 30.12 -14.04
CA SER C 155 5.86 31.23 -14.53
C SER C 155 5.94 32.32 -13.46
N SER C 156 4.85 32.53 -12.71
CA SER C 156 4.73 33.57 -11.66
C SER C 156 5.64 33.25 -10.46
N ILE C 157 5.52 32.07 -9.88
CA ILE C 157 6.15 31.70 -8.57
C ILE C 157 7.60 31.25 -8.79
N SER C 158 7.91 30.66 -9.96
CA SER C 158 9.27 30.18 -10.32
C SER C 158 10.13 31.37 -10.75
N GLY C 159 9.54 32.29 -11.53
CA GLY C 159 10.23 33.46 -12.11
C GLY C 159 11.20 33.02 -13.19
N HIS C 160 10.73 32.22 -14.15
CA HIS C 160 11.54 31.68 -15.28
C HIS C 160 11.24 32.48 -16.55
N ASP C 161 12.26 32.66 -17.39
CA ASP C 161 12.20 33.44 -18.66
C ASP C 161 11.08 32.86 -19.54
N ARG C 162 10.85 31.55 -19.47
CA ARG C 162 9.85 30.80 -20.27
C ARG C 162 9.34 29.64 -19.42
N THR C 163 8.05 29.32 -19.53
CA THR C 163 7.36 28.26 -18.74
C THR C 163 6.38 27.53 -19.66
N LEU C 164 6.90 26.71 -20.58
CA LEU C 164 6.07 26.02 -21.61
C LEU C 164 5.55 24.69 -21.06
N ILE C 165 4.37 24.27 -21.52
CA ILE C 165 3.79 22.94 -21.25
C ILE C 165 3.87 22.12 -22.54
N TYR C 166 4.19 20.82 -22.38
CA TYR C 166 4.69 19.91 -23.43
C TYR C 166 3.92 18.59 -23.34
N ASP C 167 3.06 18.32 -24.32
CA ASP C 167 2.13 17.16 -24.33
C ASP C 167 2.67 16.11 -25.31
N PHE C 168 2.98 14.92 -24.78
CA PHE C 168 3.44 13.75 -25.57
C PHE C 168 2.27 13.23 -26.41
N GLY C 169 2.61 12.78 -27.62
CA GLY C 169 1.76 11.92 -28.47
C GLY C 169 2.10 10.45 -28.26
N LEU C 170 1.67 9.59 -29.17
CA LEU C 170 1.94 8.13 -29.12
C LEU C 170 3.44 7.92 -29.40
N ASP C 171 3.95 8.48 -30.50
CA ASP C 171 5.35 8.28 -30.98
C ASP C 171 6.34 8.87 -29.96
N TRP C 172 5.85 9.59 -28.95
CA TRP C 172 6.61 10.15 -27.80
C TRP C 172 7.40 11.40 -28.20
N SER C 173 7.18 11.88 -29.43
CA SER C 173 7.39 13.30 -29.82
C SER C 173 6.47 14.14 -28.92
N GLY C 174 6.65 15.46 -28.90
CA GLY C 174 5.89 16.36 -28.01
C GLY C 174 5.56 17.68 -28.67
N HIS C 175 4.37 18.22 -28.38
CA HIS C 175 3.80 19.47 -28.94
C HIS C 175 3.70 20.49 -27.79
N VAL C 176 4.32 21.67 -27.96
CA VAL C 176 4.25 22.77 -26.94
C VAL C 176 2.85 23.39 -27.04
N VAL C 177 1.99 23.07 -26.07
CA VAL C 177 0.51 23.31 -26.12
C VAL C 177 0.17 24.61 -25.39
N ALA C 178 1.07 25.11 -24.54
CA ALA C 178 0.93 26.36 -23.77
C ALA C 178 2.31 26.91 -23.48
N GLU C 179 2.41 28.21 -23.20
CA GLU C 179 3.68 28.92 -22.95
C GLU C 179 3.42 30.15 -22.08
N ALA C 180 4.45 30.64 -21.40
CA ALA C 180 4.40 31.83 -20.53
C ALA C 180 5.82 32.32 -20.24
N GLY C 181 6.17 33.53 -20.69
CA GLY C 181 7.56 34.02 -20.65
C GLY C 181 7.65 35.52 -20.44
N SER C 182 8.76 35.96 -19.84
CA SER C 182 9.20 37.38 -19.76
C SER C 182 9.53 37.91 -21.17
N GLY C 183 9.74 37.01 -22.14
CA GLY C 183 10.07 37.35 -23.53
C GLY C 183 11.59 37.37 -23.75
N ALA C 184 12.35 37.00 -22.71
CA ALA C 184 13.82 36.88 -22.73
C ALA C 184 14.24 35.76 -23.68
N LEU C 185 13.53 34.63 -23.68
CA LEU C 185 13.81 33.44 -24.52
C LEU C 185 12.75 33.30 -25.63
N PRO C 186 13.08 32.61 -26.74
CA PRO C 186 12.17 32.51 -27.89
C PRO C 186 10.84 31.80 -27.57
N SER C 187 9.83 32.03 -28.42
CA SER C 187 8.49 31.38 -28.34
C SER C 187 8.54 30.05 -29.09
N TYR C 188 8.35 28.93 -28.39
CA TYR C 188 8.26 27.56 -28.98
C TYR C 188 6.79 27.12 -29.05
N LEU C 189 5.85 28.00 -28.67
CA LEU C 189 4.39 27.68 -28.65
C LEU C 189 3.97 27.14 -30.02
N GLY C 190 3.40 25.93 -30.06
CA GLY C 190 2.84 25.30 -31.28
C GLY C 190 3.84 24.41 -31.99
N LEU C 191 5.14 24.52 -31.67
CA LEU C 191 6.22 23.68 -32.25
C LEU C 191 6.16 22.28 -31.66
N ARG C 192 6.41 21.26 -32.48
CA ARG C 192 6.53 19.84 -32.07
C ARG C 192 8.02 19.50 -32.03
N PHE C 193 8.46 18.69 -31.07
CA PHE C 193 9.86 18.23 -30.94
C PHE C 193 9.90 16.72 -31.03
N PRO C 194 10.98 16.12 -31.58
CA PRO C 194 11.07 14.66 -31.73
C PRO C 194 11.22 13.93 -30.37
N ALA C 195 10.88 12.64 -30.37
CA ALA C 195 10.90 11.78 -29.18
C ALA C 195 12.30 11.71 -28.59
N GLY C 196 13.32 11.68 -29.47
CA GLY C 196 14.75 11.52 -29.10
C GLY C 196 15.23 12.60 -28.13
N ASP C 197 14.48 13.71 -28.01
CA ASP C 197 14.81 14.87 -27.15
C ASP C 197 14.60 14.52 -25.67
N ILE C 198 13.66 13.62 -25.37
CA ILE C 198 13.45 13.03 -24.00
C ILE C 198 13.44 11.51 -24.18
N PRO C 199 14.61 10.85 -24.05
CA PRO C 199 14.75 9.45 -24.46
C PRO C 199 14.10 8.49 -23.46
N PRO C 200 13.85 7.22 -23.88
CA PRO C 200 13.02 6.30 -23.11
C PRO C 200 13.35 6.19 -21.62
N GLN C 201 14.64 6.13 -21.26
CA GLN C 201 15.08 5.98 -19.84
C GLN C 201 14.67 7.24 -19.09
N ALA C 202 14.87 8.41 -19.69
CA ALA C 202 14.48 9.72 -19.13
C ALA C 202 12.98 9.66 -18.80
N ARG C 203 12.17 9.30 -19.81
CA ARG C 203 10.69 9.17 -19.69
C ARG C 203 10.39 8.29 -18.47
N GLN C 204 10.96 7.08 -18.44
CA GLN C 204 10.72 6.08 -17.37
C GLN C 204 10.98 6.72 -16.00
N LEU C 205 12.18 7.26 -15.80
CA LEU C 205 12.56 7.90 -14.52
C LEU C 205 11.54 8.98 -14.16
N TYR C 206 11.22 9.87 -15.10
CA TYR C 206 10.37 11.07 -14.87
C TYR C 206 8.92 10.66 -14.55
N THR C 207 8.56 9.41 -14.83
CA THR C 207 7.21 8.84 -14.51
C THR C 207 7.13 8.48 -13.03
N ILE C 208 8.29 8.30 -12.37
CA ILE C 208 8.37 7.89 -10.93
C ILE C 208 8.94 9.04 -10.10
N ASN C 209 9.90 9.79 -10.64
CA ASN C 209 10.50 10.99 -9.99
C ASN C 209 10.08 12.23 -10.79
N ARG C 210 8.95 12.83 -10.42
CA ARG C 210 8.18 13.80 -11.25
C ARG C 210 8.66 15.23 -10.99
N LEU C 211 9.97 15.48 -10.92
CA LEU C 211 10.53 16.83 -10.66
C LEU C 211 12.07 16.76 -10.74
N ARG C 212 12.68 17.63 -11.55
CA ARG C 212 14.15 17.77 -11.66
C ARG C 212 14.47 19.22 -11.98
N MSE C 213 15.47 19.77 -11.29
CA MSE C 213 15.88 21.16 -11.47
C MSE C 213 17.38 21.22 -11.77
O MSE C 213 18.17 20.60 -11.07
CB MSE C 213 15.58 21.99 -10.22
CG MSE C 213 15.84 23.47 -10.41
SE MSE C 213 15.86 24.44 -8.68
CE MSE C 213 17.36 23.85 -7.55
N ILE C 214 17.72 21.96 -12.82
CA ILE C 214 19.10 22.22 -13.22
C ILE C 214 19.33 23.73 -13.14
N PRO C 215 19.79 24.28 -11.99
CA PRO C 215 19.84 25.73 -11.82
C PRO C 215 20.99 26.42 -12.56
N ASP C 216 22.00 25.66 -13.00
CA ASP C 216 23.15 26.18 -13.80
C ASP C 216 23.65 25.06 -14.70
N VAL C 217 23.67 25.30 -16.02
CA VAL C 217 24.01 24.32 -17.08
C VAL C 217 25.50 23.96 -16.99
N ASP C 218 26.36 24.91 -16.64
CA ASP C 218 27.83 24.75 -16.68
C ASP C 218 28.35 24.31 -15.30
N TYR C 219 27.48 23.79 -14.43
CA TYR C 219 27.84 23.28 -13.08
C TYR C 219 28.92 22.22 -13.27
N LYS C 220 29.85 22.11 -12.32
CA LYS C 220 30.92 21.08 -12.30
C LYS C 220 30.43 19.92 -11.43
N PRO C 221 30.19 18.71 -12.01
CA PRO C 221 29.77 17.55 -11.24
C PRO C 221 30.62 17.32 -9.98
N VAL C 222 29.95 17.15 -8.83
CA VAL C 222 30.55 16.93 -7.49
C VAL C 222 30.53 15.44 -7.18
N PRO C 223 31.68 14.74 -7.21
CA PRO C 223 31.71 13.28 -7.08
C PRO C 223 31.23 12.74 -5.72
N ILE C 224 30.63 11.55 -5.72
CA ILE C 224 30.28 10.77 -4.50
C ILE C 224 31.30 9.65 -4.31
N ARG C 225 31.90 9.58 -3.12
CA ARG C 225 32.99 8.63 -2.77
C ARG C 225 32.59 7.86 -1.51
N PRO C 226 32.82 6.53 -1.43
CA PRO C 226 33.32 5.75 -2.56
C PRO C 226 32.26 5.55 -3.65
N GLU C 227 32.70 5.15 -4.85
CA GLU C 227 31.82 4.82 -6.01
C GLU C 227 30.99 3.57 -5.67
N VAL C 228 31.60 2.65 -4.94
CA VAL C 228 31.05 1.31 -4.58
C VAL C 228 30.82 1.30 -3.06
N ASN C 229 29.59 0.99 -2.62
CA ASN C 229 29.19 0.83 -1.19
C ASN C 229 29.82 -0.47 -0.65
N ALA C 230 30.42 -0.44 0.55
CA ALA C 230 31.06 -1.62 1.20
C ALA C 230 30.04 -2.73 1.42
N GLU C 231 28.92 -2.42 2.08
CA GLU C 231 27.90 -3.41 2.54
C GLU C 231 27.23 -4.09 1.33
N THR C 232 26.92 -3.36 0.26
CA THR C 232 26.17 -3.87 -0.92
C THR C 232 27.14 -4.25 -2.05
N GLY C 233 28.29 -3.58 -2.16
CA GLY C 233 29.28 -3.79 -3.24
C GLY C 233 28.81 -3.25 -4.58
N ALA C 234 27.88 -2.29 -4.58
CA ALA C 234 27.17 -1.80 -5.79
C ALA C 234 26.84 -0.31 -5.68
N VAL C 235 26.76 0.31 -6.86
CA VAL C 235 26.50 1.76 -7.08
C VAL C 235 25.22 2.16 -6.34
N LEU C 236 25.24 3.34 -5.73
CA LEU C 236 24.07 4.12 -5.23
C LEU C 236 23.09 4.41 -6.37
N ASP C 237 21.91 3.79 -6.33
CA ASP C 237 20.75 4.15 -7.18
C ASP C 237 20.24 5.51 -6.74
N MSE C 238 20.44 6.54 -7.59
CA MSE C 238 20.09 7.91 -7.28
C MSE C 238 18.85 8.33 -8.06
O MSE C 238 18.71 9.49 -8.44
CB MSE C 238 21.26 8.84 -7.61
CG MSE C 238 22.64 8.20 -7.48
SE MSE C 238 24.02 9.60 -7.56
CE MSE C 238 23.41 11.18 -6.58
N SER C 239 17.92 7.39 -8.28
CA SER C 239 16.72 7.66 -9.06
C SER C 239 15.95 8.83 -8.43
N PHE C 240 15.82 8.86 -7.10
CA PHE C 240 14.99 9.82 -6.33
C PHE C 240 15.86 10.89 -5.67
N SER C 241 17.17 10.92 -5.98
CA SER C 241 18.09 12.01 -5.57
C SER C 241 17.72 13.28 -6.36
N GLN C 242 17.33 14.33 -5.64
CA GLN C 242 17.02 15.68 -6.20
C GLN C 242 18.29 16.27 -6.85
N LEU C 243 19.46 16.02 -6.25
CA LEU C 243 20.76 16.64 -6.63
C LEU C 243 21.45 15.86 -7.76
N ARG C 244 20.90 14.74 -8.20
CA ARG C 244 21.54 13.84 -9.21
C ARG C 244 22.08 14.67 -10.39
N SER C 245 23.38 14.55 -10.67
CA SER C 245 24.04 15.12 -11.87
C SER C 245 23.38 14.56 -13.13
N VAL C 246 23.12 15.42 -14.10
CA VAL C 246 22.31 15.12 -15.32
C VAL C 246 23.24 14.76 -16.49
N SER C 247 22.66 14.15 -17.53
CA SER C 247 23.37 13.64 -18.73
C SER C 247 24.19 14.75 -19.36
N PRO C 248 25.52 14.57 -19.55
CA PRO C 248 26.33 15.54 -20.28
C PRO C 248 25.71 15.92 -21.65
N VAL C 249 25.12 14.93 -22.32
CA VAL C 249 24.50 15.09 -23.68
C VAL C 249 23.39 16.14 -23.61
N HIS C 250 22.61 16.16 -22.52
CA HIS C 250 21.45 17.09 -22.35
C HIS C 250 21.96 18.49 -22.00
N LEU C 251 22.95 18.59 -21.11
CA LEU C 251 23.61 19.87 -20.79
C LEU C 251 24.06 20.55 -22.10
N GLU C 252 24.45 19.75 -23.11
CA GLU C 252 24.82 20.24 -24.47
C GLU C 252 23.57 20.76 -25.19
N TYR C 253 22.51 19.94 -25.25
CA TYR C 253 21.18 20.29 -25.80
C TYR C 253 20.71 21.63 -25.23
N MSE C 254 20.93 21.82 -23.93
CA MSE C 254 20.51 23.04 -23.24
C MSE C 254 21.35 24.22 -23.75
O MSE C 254 20.81 25.28 -24.03
CB MSE C 254 20.62 22.87 -21.72
CG MSE C 254 19.55 21.95 -21.14
SE MSE C 254 19.32 22.03 -19.20
CE MSE C 254 19.91 23.77 -18.54
N ARG C 255 22.67 24.01 -23.87
CA ARG C 255 23.56 25.04 -24.35
C ARG C 255 23.14 25.47 -25.76
N ASN C 256 22.96 24.49 -26.66
CA ASN C 256 22.54 24.71 -28.07
C ASN C 256 21.30 25.58 -28.13
N MSE C 257 20.36 25.30 -27.21
CA MSE C 257 19.08 25.99 -27.13
C MSE C 257 19.28 27.42 -26.62
O MSE C 257 18.50 28.29 -26.96
CB MSE C 257 18.13 25.25 -26.18
CG MSE C 257 16.75 25.80 -26.12
SE MSE C 257 15.49 24.48 -25.37
CE MSE C 257 14.94 23.28 -26.82
N GLY C 258 20.30 27.62 -25.78
CA GLY C 258 20.60 28.93 -25.22
C GLY C 258 19.95 29.11 -23.86
N THR C 259 19.80 28.02 -23.11
CA THR C 259 19.28 27.99 -21.72
C THR C 259 20.44 27.68 -20.78
N ALA C 260 20.57 28.46 -19.70
CA ALA C 260 21.57 28.30 -18.64
C ALA C 260 20.95 27.55 -17.45
N ALA C 261 19.62 27.54 -17.35
CA ALA C 261 18.88 26.95 -16.21
C ALA C 261 17.59 26.27 -16.72
N SER C 262 17.11 25.28 -15.97
CA SER C 262 15.89 24.48 -16.30
C SER C 262 15.20 24.02 -15.01
N MSE C 263 13.94 23.59 -15.17
CA MSE C 263 13.21 22.86 -14.16
C MSE C 263 11.99 22.25 -14.82
O MSE C 263 11.10 23.00 -15.22
CB MSE C 263 12.80 23.77 -12.99
CG MSE C 263 11.50 23.36 -12.31
SE MSE C 263 11.14 24.33 -10.70
CE MSE C 263 9.29 23.86 -10.37
N SER C 264 11.97 20.91 -14.92
CA SER C 264 10.80 20.22 -15.45
C SER C 264 9.99 19.65 -14.29
N VAL C 265 8.70 19.40 -14.52
CA VAL C 265 7.75 18.82 -13.52
C VAL C 265 6.82 17.89 -14.30
N SER C 266 6.85 16.58 -14.01
CA SER C 266 6.13 15.55 -14.81
C SER C 266 4.63 15.68 -14.58
N ILE C 267 3.88 15.81 -15.66
CA ILE C 267 2.38 15.74 -15.69
C ILE C 267 2.03 14.29 -15.97
N VAL C 268 1.51 13.57 -14.98
CA VAL C 268 1.17 12.11 -15.08
C VAL C 268 -0.33 11.94 -14.87
N VAL C 269 -1.01 11.33 -15.84
CA VAL C 269 -2.48 11.10 -15.83
C VAL C 269 -2.73 9.60 -15.95
N ASN C 270 -3.28 9.01 -14.89
CA ASN C 270 -3.59 7.55 -14.81
C ASN C 270 -2.28 6.79 -15.03
N GLY C 271 -1.22 7.16 -14.30
CA GLY C 271 0.06 6.43 -14.24
C GLY C 271 0.88 6.55 -15.52
N ALA C 272 0.40 7.33 -16.49
CA ALA C 272 1.06 7.57 -17.79
C ALA C 272 1.65 8.97 -17.80
N LEU C 273 2.94 9.09 -18.14
CA LEU C 273 3.60 10.39 -18.40
C LEU C 273 2.89 11.06 -19.58
N TRP C 274 2.03 12.04 -19.30
CA TRP C 274 1.19 12.77 -20.29
C TRP C 274 2.00 13.89 -20.95
N GLY C 275 2.86 14.55 -20.16
CA GLY C 275 3.65 15.71 -20.58
C GLY C 275 4.56 16.22 -19.49
N LEU C 276 5.13 17.41 -19.70
CA LEU C 276 5.97 18.15 -18.72
C LEU C 276 5.52 19.61 -18.66
N ILE C 277 5.51 20.17 -17.45
CA ILE C 277 5.70 21.63 -17.21
C ILE C 277 7.22 21.85 -17.27
N ALA C 278 7.71 22.66 -18.21
CA ALA C 278 9.16 22.85 -18.45
C ALA C 278 9.51 24.34 -18.46
N CYS C 279 10.12 24.82 -17.38
CA CYS C 279 10.67 26.20 -17.25
C CYS C 279 12.11 26.23 -17.73
N HIS C 280 12.52 27.36 -18.32
CA HIS C 280 13.90 27.65 -18.81
C HIS C 280 14.31 29.07 -18.37
N HIS C 281 15.59 29.39 -18.48
CA HIS C 281 16.16 30.73 -18.13
C HIS C 281 17.40 31.01 -18.99
N ALA C 282 17.55 32.24 -19.47
CA ALA C 282 18.70 32.69 -20.30
C ALA C 282 19.97 32.69 -19.45
N THR C 283 19.85 33.05 -18.18
CA THR C 283 20.95 33.07 -17.18
C THR C 283 20.69 32.00 -16.12
N PRO C 284 21.74 31.54 -15.40
CA PRO C 284 21.54 30.62 -14.27
C PRO C 284 20.47 31.14 -13.30
N HIS C 285 19.69 30.24 -12.69
CA HIS C 285 18.47 30.58 -11.92
C HIS C 285 18.03 29.38 -11.07
N SER C 286 18.12 29.51 -9.75
CA SER C 286 17.74 28.47 -8.75
C SER C 286 16.34 28.78 -8.23
N VAL C 287 15.70 27.80 -7.57
CA VAL C 287 14.30 27.89 -7.08
C VAL C 287 14.18 27.13 -5.75
N SER C 288 13.48 27.72 -4.78
CA SER C 288 13.36 27.23 -3.38
C SER C 288 12.71 25.84 -3.36
N LEU C 289 12.93 25.08 -2.28
CA LEU C 289 12.23 23.81 -2.02
C LEU C 289 10.72 24.09 -2.05
N ALA C 290 10.29 25.12 -1.31
CA ALA C 290 8.87 25.50 -1.12
C ALA C 290 8.19 25.70 -2.49
N VAL C 291 8.86 26.36 -3.43
CA VAL C 291 8.31 26.74 -4.76
C VAL C 291 8.31 25.53 -5.69
N ARG C 292 9.34 24.68 -5.62
CA ARG C 292 9.40 23.39 -6.37
C ARG C 292 8.21 22.53 -5.94
N GLU C 293 7.88 22.56 -4.64
CA GLU C 293 6.80 21.74 -4.02
C GLU C 293 5.43 22.33 -4.36
N ALA C 294 5.37 23.63 -4.69
CA ALA C 294 4.16 24.31 -5.19
C ALA C 294 3.89 23.91 -6.64
N CYS C 295 4.94 23.77 -7.46
CA CYS C 295 4.88 23.43 -8.92
C CYS C 295 4.49 21.96 -9.11
N ASP C 296 4.98 21.08 -8.25
CA ASP C 296 4.57 19.65 -8.24
C ASP C 296 3.05 19.60 -8.01
N PHE C 297 2.56 20.37 -7.02
CA PHE C 297 1.12 20.47 -6.65
C PHE C 297 0.33 20.96 -7.86
N ALA C 298 0.81 22.03 -8.52
CA ALA C 298 0.21 22.56 -9.76
C ALA C 298 0.11 21.43 -10.79
N ALA C 299 1.22 20.73 -11.06
CA ALA C 299 1.30 19.64 -12.05
C ALA C 299 0.25 18.58 -11.74
N GLN C 300 0.02 18.29 -10.47
CA GLN C 300 -0.99 17.28 -10.02
C GLN C 300 -2.38 17.80 -10.34
N LEU C 301 -2.69 19.02 -9.88
CA LEU C 301 -4.00 19.69 -10.09
C LEU C 301 -4.34 19.70 -11.59
N LEU C 302 -3.39 20.15 -12.43
CA LEU C 302 -3.51 20.14 -13.91
C LEU C 302 -3.78 18.70 -14.39
N SER C 303 -3.07 17.72 -13.84
CA SER C 303 -3.16 16.28 -14.24
C SER C 303 -4.56 15.75 -13.93
N MSE C 304 -5.17 16.27 -12.85
CA MSE C 304 -6.52 15.87 -12.50
C MSE C 304 -7.52 16.46 -13.50
O MSE C 304 -8.51 15.82 -13.84
CB MSE C 304 -6.83 16.31 -11.07
CG MSE C 304 -6.06 15.51 -10.03
SE MSE C 304 -6.25 16.17 -8.22
CE MSE C 304 -7.07 14.61 -7.33
N ARG C 305 -7.24 17.67 -13.97
CA ARG C 305 -8.08 18.31 -14.97
C ARG C 305 -7.91 17.61 -16.31
N ILE C 306 -6.67 17.39 -16.74
CA ILE C 306 -6.35 16.70 -18.03
C ILE C 306 -7.16 15.39 -18.11
N ALA C 307 -7.33 14.68 -16.99
CA ALA C 307 -8.05 13.39 -16.90
C ALA C 307 -9.55 13.60 -17.00
N MSE C 308 -10.05 14.63 -16.31
CA MSE C 308 -11.48 14.90 -16.24
C MSE C 308 -11.97 15.43 -17.57
O MSE C 308 -13.12 15.18 -17.91
CB MSE C 308 -11.77 15.90 -15.13
CG MSE C 308 -11.79 15.29 -13.75
SE MSE C 308 -12.03 16.65 -12.36
CE MSE C 308 -13.96 17.06 -12.15
N GLU C 309 -11.16 16.25 -18.26
CA GLU C 309 -11.49 16.73 -19.60
C GLU C 309 -11.85 15.55 -20.49
N GLN C 310 -10.88 14.69 -20.80
CA GLN C 310 -11.02 13.54 -21.73
C GLN C 310 -12.31 12.76 -21.42
N SER C 311 -12.68 12.70 -20.13
CA SER C 311 -13.86 11.93 -19.65
C SER C 311 -15.16 12.71 -19.90
N SER C 312 -15.33 13.87 -19.23
CA SER C 312 -16.59 14.67 -19.23
C SER C 312 -16.91 15.15 -20.65
N GLN C 313 -15.90 15.26 -21.51
CA GLN C 313 -16.05 15.55 -22.97
C GLN C 313 -16.74 14.35 -23.63
N ASP C 314 -16.10 13.17 -23.53
CA ASP C 314 -16.58 11.87 -24.03
C ASP C 314 -17.97 11.55 -23.46
N ALA C 315 -18.22 11.96 -22.21
CA ALA C 315 -19.49 11.71 -21.47
C ALA C 315 -20.64 12.46 -22.14
N SER C 316 -20.48 13.78 -22.32
CA SER C 316 -21.46 14.70 -22.96
C SER C 316 -21.77 14.23 -24.38
N ARG C 317 -20.78 13.62 -25.05
CA ARG C 317 -20.83 13.23 -26.47
C ARG C 317 -21.76 12.03 -26.67
N ARG C 318 -21.64 11.00 -25.82
CA ARG C 318 -22.49 9.79 -25.84
C ARG C 318 -23.97 10.17 -25.67
N VAL C 319 -24.25 11.11 -24.74
CA VAL C 319 -25.62 11.63 -24.45
C VAL C 319 -26.16 12.32 -25.71
N GLU C 320 -25.37 13.24 -26.29
CA GLU C 320 -25.75 14.06 -27.47
C GLU C 320 -26.05 13.15 -28.67
N LEU C 321 -25.25 12.09 -28.85
CA LEU C 321 -25.38 11.10 -29.96
C LEU C 321 -26.53 10.13 -29.67
N GLY C 322 -26.83 9.88 -28.38
CA GLY C 322 -27.96 9.04 -27.95
C GLY C 322 -29.30 9.66 -28.34
N HIS C 323 -29.49 10.93 -27.98
CA HIS C 323 -30.73 11.73 -28.27
C HIS C 323 -31.05 11.67 -29.77
N ILE C 324 -30.01 11.68 -30.62
CA ILE C 324 -30.10 11.55 -32.11
C ILE C 324 -30.57 10.14 -32.45
N GLN C 325 -29.80 9.12 -32.06
CA GLN C 325 -30.10 7.67 -32.29
C GLN C 325 -31.56 7.38 -31.94
N ALA C 326 -32.07 7.98 -30.87
CA ALA C 326 -33.49 7.94 -30.45
C ALA C 326 -34.37 8.40 -31.61
N ARG C 327 -34.15 9.64 -32.09
CA ARG C 327 -34.97 10.30 -33.13
C ARG C 327 -34.92 9.48 -34.42
N LEU C 328 -33.74 8.96 -34.77
CA LEU C 328 -33.53 8.14 -35.99
C LEU C 328 -34.30 6.82 -35.87
N LEU C 329 -34.29 6.20 -34.69
CA LEU C 329 -34.96 4.88 -34.45
C LEU C 329 -36.48 5.09 -34.40
N LYS C 330 -36.93 6.18 -33.76
CA LYS C 330 -38.37 6.57 -33.70
C LYS C 330 -38.91 6.74 -35.14
N GLY C 331 -38.20 7.53 -35.96
CA GLY C 331 -38.56 7.84 -37.36
C GLY C 331 -38.57 6.60 -38.24
N MSE C 332 -37.55 5.75 -38.08
CA MSE C 332 -37.39 4.55 -38.89
C MSE C 332 -38.50 3.54 -38.61
O MSE C 332 -38.80 2.71 -39.46
CB MSE C 332 -36.04 3.88 -38.61
CG MSE C 332 -34.91 4.36 -39.48
SE MSE C 332 -33.47 3.09 -39.24
CE MSE C 332 -32.59 3.54 -37.54
N ALA C 333 -39.07 3.60 -37.40
CA ALA C 333 -40.14 2.70 -37.01
C ALA C 333 -41.49 3.25 -37.46
N ALA C 334 -41.72 4.56 -37.32
CA ALA C 334 -43.01 5.25 -37.55
C ALA C 334 -43.34 5.34 -39.05
N ALA C 335 -42.34 5.56 -39.90
CA ALA C 335 -42.48 5.70 -41.38
C ALA C 335 -42.74 4.33 -42.02
N GLU C 336 -43.31 4.32 -43.23
CA GLU C 336 -43.75 3.09 -43.97
C GLU C 336 -42.50 2.33 -44.44
N LYS C 337 -41.61 2.99 -45.18
CA LYS C 337 -40.28 2.48 -45.60
C LYS C 337 -39.25 2.99 -44.58
N TRP C 338 -38.46 2.07 -44.00
CA TRP C 338 -37.50 2.38 -42.91
C TRP C 338 -36.54 3.49 -43.34
N VAL C 339 -36.12 3.49 -44.60
CA VAL C 339 -35.10 4.41 -45.18
C VAL C 339 -35.51 5.88 -44.94
N ASP C 340 -36.81 6.18 -44.93
CA ASP C 340 -37.38 7.55 -44.81
C ASP C 340 -37.21 8.08 -43.37
N GLY C 341 -36.83 7.22 -42.43
CA GLY C 341 -36.46 7.65 -41.06
C GLY C 341 -35.17 8.44 -41.06
N LEU C 342 -34.34 8.27 -42.10
CA LEU C 342 -33.00 8.89 -42.24
C LEU C 342 -33.06 10.05 -43.25
N LEU C 343 -33.74 9.86 -44.40
CA LEU C 343 -33.76 10.82 -45.53
C LEU C 343 -35.13 11.51 -45.67
N GLY C 344 -36.09 11.18 -44.81
CA GLY C 344 -37.48 11.70 -44.86
C GLY C 344 -37.56 13.22 -45.06
N GLY C 345 -37.12 13.99 -44.07
CA GLY C 345 -37.26 15.46 -44.01
C GLY C 345 -35.91 16.15 -43.89
N GLU C 346 -35.93 17.47 -43.68
CA GLU C 346 -34.73 18.33 -43.48
C GLU C 346 -34.03 17.97 -42.16
N GLY C 347 -34.82 17.78 -41.10
CA GLY C 347 -34.37 17.37 -39.76
C GLY C 347 -33.76 15.99 -39.74
N GLU C 348 -34.41 15.02 -40.41
CA GLU C 348 -33.95 13.61 -40.49
C GLU C 348 -32.60 13.54 -41.21
N ARG C 349 -32.49 14.17 -42.38
CA ARG C 349 -31.26 14.23 -43.22
C ARG C 349 -30.13 14.85 -42.38
N GLU C 350 -30.48 15.80 -41.50
CA GLU C 350 -29.53 16.52 -40.61
C GLU C 350 -29.10 15.61 -39.45
N ASP C 351 -30.02 14.81 -38.93
CA ASP C 351 -29.74 13.83 -37.84
C ASP C 351 -28.80 12.75 -38.39
N LEU C 352 -29.18 12.10 -39.50
CA LEU C 352 -28.35 11.05 -40.16
C LEU C 352 -26.88 11.50 -40.17
N LEU C 353 -26.60 12.76 -40.51
CA LEU C 353 -25.22 13.30 -40.61
C LEU C 353 -24.62 13.51 -39.21
N LYS C 354 -25.38 14.12 -38.29
CA LYS C 354 -24.91 14.49 -36.93
C LYS C 354 -24.67 13.25 -36.07
N GLN C 355 -25.23 12.09 -36.46
CA GLN C 355 -25.19 10.81 -35.71
C GLN C 355 -23.74 10.30 -35.56
N VAL C 356 -22.82 10.72 -36.43
CA VAL C 356 -21.36 10.43 -36.31
C VAL C 356 -20.56 11.71 -36.52
N GLY C 357 -21.22 12.87 -36.49
CA GLY C 357 -20.62 14.18 -36.84
C GLY C 357 -19.97 14.13 -38.20
N ALA C 358 -20.71 13.69 -39.21
CA ALA C 358 -20.25 13.55 -40.61
C ALA C 358 -20.72 14.77 -41.40
N ASP C 359 -20.01 15.10 -42.49
CA ASP C 359 -20.40 16.18 -43.43
C ASP C 359 -21.29 15.60 -44.53
N GLY C 360 -21.22 14.28 -44.78
CA GLY C 360 -21.98 13.64 -45.86
C GLY C 360 -22.32 12.20 -45.52
N ALA C 361 -23.35 11.67 -46.19
CA ALA C 361 -23.82 10.27 -46.05
C ALA C 361 -24.31 9.76 -47.42
N ALA C 362 -24.07 8.49 -47.72
CA ALA C 362 -24.60 7.78 -48.90
C ALA C 362 -25.32 6.52 -48.41
N LEU C 363 -26.63 6.45 -48.64
CA LEU C 363 -27.47 5.28 -48.28
C LEU C 363 -27.77 4.50 -49.56
N VAL C 364 -26.91 3.52 -49.89
CA VAL C 364 -27.05 2.63 -51.08
C VAL C 364 -27.97 1.46 -50.74
N LEU C 365 -28.87 1.11 -51.66
CA LEU C 365 -29.80 -0.05 -51.53
C LEU C 365 -29.86 -0.78 -52.88
N GLY C 366 -28.82 -1.54 -53.21
CA GLY C 366 -28.64 -2.18 -54.53
C GLY C 366 -28.14 -1.16 -55.54
N ASP C 367 -29.01 -0.79 -56.50
CA ASP C 367 -28.73 0.25 -57.53
C ASP C 367 -29.55 1.50 -57.22
N ASP C 368 -29.81 1.77 -55.93
CA ASP C 368 -30.71 2.85 -55.46
C ASP C 368 -29.95 3.77 -54.49
N TYR C 369 -29.13 4.67 -55.05
CA TYR C 369 -28.23 5.59 -54.30
C TYR C 369 -29.02 6.79 -53.80
N GLU C 370 -28.70 7.27 -52.60
CA GLU C 370 -29.30 8.48 -51.97
C GLU C 370 -28.19 9.22 -51.22
N LEU C 371 -27.62 10.27 -51.82
CA LEU C 371 -26.47 11.03 -51.26
C LEU C 371 -27.04 12.16 -50.39
N VAL C 372 -26.39 12.45 -49.26
CA VAL C 372 -26.79 13.52 -48.29
C VAL C 372 -25.58 14.41 -48.01
N GLY C 373 -25.78 15.72 -47.87
CA GLY C 373 -24.71 16.69 -47.53
C GLY C 373 -23.63 16.76 -48.59
N ASN C 374 -22.36 16.64 -48.18
CA ASN C 374 -21.16 16.66 -49.04
C ASN C 374 -20.62 15.24 -49.21
N THR C 375 -20.87 14.60 -50.36
CA THR C 375 -20.41 13.23 -50.71
C THR C 375 -19.54 13.27 -51.96
N PRO C 376 -18.77 12.20 -52.25
CA PRO C 376 -18.23 11.99 -53.60
C PRO C 376 -19.39 11.60 -54.53
N SER C 377 -19.18 11.64 -55.85
CA SER C 377 -20.23 11.37 -56.87
C SER C 377 -20.67 9.91 -56.79
N ARG C 378 -21.86 9.60 -57.30
CA ARG C 378 -22.38 8.22 -57.44
C ARG C 378 -21.27 7.31 -58.00
N GLU C 379 -20.69 7.68 -59.15
CA GLU C 379 -19.64 6.89 -59.85
C GLU C 379 -18.45 6.64 -58.92
N GLN C 380 -18.13 7.61 -58.06
CA GLN C 380 -17.01 7.52 -57.08
C GLN C 380 -17.39 6.55 -55.94
N VAL C 381 -18.66 6.55 -55.51
CA VAL C 381 -19.19 5.72 -54.38
C VAL C 381 -19.36 4.27 -54.87
N GLU C 382 -19.94 4.08 -56.05
CA GLU C 382 -20.01 2.76 -56.75
C GLU C 382 -18.64 2.09 -56.65
N GLU C 383 -17.59 2.79 -57.10
CA GLU C 383 -16.19 2.29 -57.14
C GLU C 383 -15.66 2.10 -55.70
N LEU C 384 -16.11 2.92 -54.75
CA LEU C 384 -15.81 2.77 -53.30
C LEU C 384 -16.41 1.46 -52.81
N ILE C 385 -17.71 1.25 -53.03
CA ILE C 385 -18.46 0.05 -52.58
C ILE C 385 -17.84 -1.22 -53.21
N LEU C 386 -17.30 -1.13 -54.42
CA LEU C 386 -16.62 -2.26 -55.12
C LEU C 386 -15.38 -2.71 -54.34
N TRP C 387 -14.76 -1.79 -53.60
CA TRP C 387 -13.50 -2.03 -52.82
C TRP C 387 -13.84 -2.48 -51.40
N LEU C 388 -14.91 -1.93 -50.79
CA LEU C 388 -15.40 -2.35 -49.45
C LEU C 388 -15.94 -3.78 -49.52
N GLY C 389 -16.37 -4.24 -50.70
CA GLY C 389 -16.79 -5.62 -50.95
C GLY C 389 -15.65 -6.62 -50.78
N GLU C 390 -14.40 -6.19 -51.03
CA GLU C 390 -13.19 -7.04 -51.00
C GLU C 390 -12.52 -7.04 -49.62
N ARG C 391 -13.07 -6.32 -48.64
CA ARG C 391 -12.49 -6.14 -47.28
C ARG C 391 -13.21 -7.08 -46.31
N GLU C 392 -12.61 -7.28 -45.13
CA GLU C 392 -13.14 -8.09 -43.98
C GLU C 392 -13.90 -7.15 -43.03
N ILE C 393 -15.24 -7.22 -43.01
CA ILE C 393 -16.12 -6.25 -42.29
C ILE C 393 -17.11 -7.01 -41.38
N ALA C 394 -16.65 -7.45 -40.21
CA ALA C 394 -17.45 -8.15 -39.17
C ALA C 394 -18.26 -7.12 -38.35
N ASP C 395 -17.75 -5.89 -38.29
CA ASP C 395 -18.31 -4.76 -37.51
C ASP C 395 -18.77 -3.70 -38.54
N VAL C 396 -18.04 -2.58 -38.64
CA VAL C 396 -18.19 -1.50 -39.66
C VAL C 396 -16.77 -1.05 -40.02
N PHE C 397 -16.50 -0.68 -41.28
CA PHE C 397 -15.20 -0.13 -41.73
C PHE C 397 -15.15 1.36 -41.43
N ALA C 398 -14.02 1.84 -40.90
CA ALA C 398 -13.76 3.25 -40.56
C ALA C 398 -12.28 3.54 -40.76
N THR C 399 -11.94 4.82 -40.90
CA THR C 399 -10.59 5.32 -41.26
C THR C 399 -10.68 6.84 -41.35
N ASP C 400 -9.60 7.56 -41.02
CA ASP C 400 -9.49 9.03 -41.24
C ASP C 400 -8.37 9.30 -42.25
N ASN C 401 -8.06 8.31 -43.09
CA ASN C 401 -7.04 8.36 -44.18
C ASN C 401 -7.38 7.27 -45.20
N LEU C 402 -8.61 7.30 -45.74
CA LEU C 402 -9.13 6.35 -46.76
C LEU C 402 -8.16 6.28 -47.94
N ALA C 403 -7.52 7.40 -48.30
CA ALA C 403 -6.50 7.52 -49.36
C ALA C 403 -5.38 6.48 -49.13
N GLY C 404 -4.86 6.44 -47.90
CA GLY C 404 -3.75 5.55 -47.50
C GLY C 404 -4.12 4.08 -47.64
N ASN C 405 -5.42 3.75 -47.56
CA ASN C 405 -5.95 2.37 -47.71
C ASN C 405 -6.34 2.14 -49.17
N PRO C 407 -5.89 4.18 -52.46
CA PRO C 407 -5.18 5.25 -53.17
C PRO C 407 -6.00 6.05 -54.21
N THR C 408 -6.97 5.41 -54.88
CA THR C 408 -7.77 6.03 -55.97
C THR C 408 -8.80 7.00 -55.37
N ALA C 409 -9.02 6.96 -54.05
CA ALA C 409 -9.96 7.85 -53.32
C ALA C 409 -9.21 9.06 -52.75
N ALA C 410 -8.02 9.35 -53.28
CA ALA C 410 -7.29 10.63 -53.05
C ALA C 410 -7.85 11.66 -54.03
N ALA C 411 -8.49 11.18 -55.10
CA ALA C 411 -9.14 12.01 -56.14
C ALA C 411 -10.28 12.82 -55.52
N TYR C 412 -10.91 12.31 -54.44
CA TYR C 412 -12.03 12.97 -53.72
C TYR C 412 -11.70 13.14 -52.23
N ALA C 413 -10.43 13.40 -51.91
CA ALA C 413 -9.91 13.58 -50.53
C ALA C 413 -10.60 14.78 -49.88
N SER C 414 -10.65 15.91 -50.60
CA SER C 414 -11.29 17.18 -50.18
C SER C 414 -12.64 16.91 -49.48
N VAL C 415 -13.40 15.90 -49.96
CA VAL C 415 -14.80 15.61 -49.52
C VAL C 415 -14.88 14.31 -48.68
N ALA C 416 -14.05 13.29 -48.95
CA ALA C 416 -14.03 12.00 -48.22
C ALA C 416 -12.59 11.50 -48.01
N SER C 417 -11.93 12.00 -46.95
CA SER C 417 -10.66 11.47 -46.38
C SER C 417 -10.98 10.53 -45.23
N GLY C 418 -12.17 10.70 -44.64
CA GLY C 418 -12.71 9.88 -43.55
C GLY C 418 -14.05 9.31 -43.93
N ILE C 419 -14.22 7.99 -43.81
CA ILE C 419 -15.53 7.29 -44.01
C ILE C 419 -15.75 6.34 -42.85
N ILE C 420 -17.01 6.23 -42.40
CA ILE C 420 -17.58 5.07 -41.66
C ILE C 420 -18.51 4.34 -42.64
N ALA C 421 -17.98 3.32 -43.32
CA ALA C 421 -18.73 2.42 -44.23
C ALA C 421 -19.35 1.31 -43.40
N MSE C 422 -20.52 0.84 -43.85
CA MSE C 422 -21.35 -0.05 -43.05
C MSE C 422 -22.34 -0.76 -43.95
O MSE C 422 -23.16 -0.13 -44.61
CB MSE C 422 -22.05 0.80 -41.97
CG MSE C 422 -23.40 0.31 -41.50
SE MSE C 422 -24.09 1.53 -40.12
CE MSE C 422 -26.01 1.22 -40.36
N ARG C 423 -22.21 -2.10 -44.00
CA ARG C 423 -23.10 -2.93 -44.78
C ARG C 423 -24.37 -3.16 -43.96
N VAL C 424 -25.55 -2.99 -44.59
CA VAL C 424 -26.84 -3.43 -44.00
C VAL C 424 -27.24 -4.79 -44.61
N SER C 425 -26.58 -5.22 -45.70
CA SER C 425 -26.87 -6.52 -46.37
C SER C 425 -25.71 -6.92 -47.29
N GLU C 426 -25.25 -8.17 -47.16
CA GLU C 426 -24.30 -8.84 -48.09
C GLU C 426 -25.12 -9.61 -49.14
N LEU C 427 -25.15 -9.08 -50.36
CA LEU C 427 -25.88 -9.71 -51.50
C LEU C 427 -27.38 -9.40 -51.35
N HIS C 428 -27.75 -8.31 -50.64
CA HIS C 428 -28.85 -7.38 -51.05
C HIS C 428 -28.22 -6.14 -51.68
N GLY C 429 -26.90 -5.97 -51.51
CA GLY C 429 -26.07 -4.96 -52.19
C GLY C 429 -26.29 -3.57 -51.62
N SER C 430 -26.39 -3.47 -50.29
CA SER C 430 -26.99 -2.30 -49.57
C SER C 430 -26.02 -1.81 -48.48
N TRP C 431 -25.73 -0.50 -48.46
CA TRP C 431 -24.77 0.14 -47.53
C TRP C 431 -25.33 1.41 -46.91
N LEU C 432 -24.70 1.86 -45.81
CA LEU C 432 -24.77 3.24 -45.28
C LEU C 432 -23.35 3.71 -44.94
N ILE C 433 -22.78 4.58 -45.78
CA ILE C 433 -21.42 5.19 -45.57
C ILE C 433 -21.60 6.63 -45.08
N TRP C 434 -20.78 7.06 -44.12
CA TRP C 434 -20.62 8.48 -43.69
C TRP C 434 -19.29 9.01 -44.21
N PHE C 435 -19.31 10.23 -44.76
CA PHE C 435 -18.13 10.90 -45.35
C PHE C 435 -17.70 12.06 -44.45
N ARG C 436 -16.40 12.32 -44.45
CA ARG C 436 -15.74 13.36 -43.63
C ARG C 436 -14.60 13.94 -44.46
N PRO C 437 -14.48 15.29 -44.55
CA PRO C 437 -13.58 15.90 -45.50
C PRO C 437 -12.14 15.96 -44.99
N GLU C 438 -11.16 15.92 -45.91
CA GLU C 438 -9.73 16.23 -45.64
C GLU C 438 -9.69 17.48 -44.75
N VAL C 439 -8.98 17.39 -43.63
CA VAL C 439 -8.55 18.57 -42.83
C VAL C 439 -7.04 18.67 -43.00
N ILE C 440 -6.58 19.63 -43.80
CA ILE C 440 -5.14 19.99 -43.89
C ILE C 440 -4.78 20.51 -42.50
N LYS C 441 -3.62 20.14 -41.96
CA LYS C 441 -3.09 20.76 -40.73
C LYS C 441 -1.57 20.80 -40.87
N THR C 442 -1.02 22.00 -40.80
CA THR C 442 0.44 22.26 -40.81
C THR C 442 0.97 21.72 -39.48
N VAL C 443 2.07 20.96 -39.53
CA VAL C 443 2.87 20.59 -38.33
C VAL C 443 4.19 21.36 -38.40
N ARG C 444 4.45 22.19 -37.39
CA ARG C 444 5.63 23.08 -37.33
C ARG C 444 6.56 22.49 -36.26
N TRP C 445 7.71 21.99 -36.71
CA TRP C 445 8.66 21.18 -35.89
C TRP C 445 9.69 22.13 -35.27
N GLY C 446 10.36 21.75 -34.18
CA GLY C 446 11.44 22.55 -33.58
C GLY C 446 12.78 22.15 -34.14
N GLY C 447 12.93 22.17 -35.47
CA GLY C 447 14.12 21.72 -36.21
C GLY C 447 13.73 20.71 -37.28
N ASP C 448 14.73 20.17 -37.97
CA ASP C 448 14.59 18.93 -38.78
C ASP C 448 14.57 17.78 -37.77
N PRO C 449 13.45 17.03 -37.67
CA PRO C 449 13.38 15.87 -36.77
C PRO C 449 14.02 14.59 -37.32
N HIS C 450 14.42 14.60 -38.61
CA HIS C 450 15.19 13.53 -39.30
C HIS C 450 16.68 13.86 -39.29
N HIS C 460 26.39 15.46 -30.39
CA HIS C 460 25.33 14.44 -30.50
C HIS C 460 23.94 15.06 -30.60
N PRO C 461 23.57 16.07 -29.76
CA PRO C 461 22.32 16.80 -29.96
C PRO C 461 22.41 17.89 -31.04
N ARG C 462 21.27 18.48 -31.39
CA ARG C 462 21.10 19.41 -32.55
C ARG C 462 21.37 20.85 -32.11
N LYS C 463 21.97 21.69 -32.97
CA LYS C 463 22.27 23.12 -32.67
C LYS C 463 21.15 24.01 -33.23
N SER C 464 20.46 23.57 -34.30
CA SER C 464 19.43 24.35 -35.04
C SER C 464 18.03 23.86 -34.68
N PHE C 465 17.16 24.79 -34.26
CA PHE C 465 15.74 24.55 -33.91
C PHE C 465 14.83 25.32 -34.89
N GLU C 466 15.26 25.44 -36.15
CA GLU C 466 14.64 26.32 -37.18
C GLU C 466 13.32 25.70 -37.66
N ILE C 467 12.22 26.48 -37.64
CA ILE C 467 10.83 25.98 -37.83
C ILE C 467 10.77 25.20 -39.15
N TRP C 468 10.76 23.86 -39.08
CA TRP C 468 10.42 22.97 -40.23
C TRP C 468 8.90 22.75 -40.27
N LYS C 469 8.25 23.20 -41.36
CA LYS C 469 6.79 23.04 -41.62
C LYS C 469 6.55 21.74 -42.39
N GLU C 470 5.30 21.26 -42.43
CA GLU C 470 4.81 20.24 -43.40
C GLU C 470 3.29 20.05 -43.21
N GLN C 471 2.57 19.88 -44.32
CA GLN C 471 1.09 19.81 -44.40
C GLN C 471 0.70 18.33 -44.31
N LEU C 472 -0.22 17.95 -43.43
CA LEU C 472 -0.82 16.59 -43.42
C LEU C 472 -2.06 16.58 -44.32
N ARG C 473 -2.03 15.79 -45.39
CA ARG C 473 -3.07 15.76 -46.45
C ARG C 473 -3.91 14.48 -46.33
N ASN C 474 -5.02 14.41 -47.06
CA ASN C 474 -5.82 13.18 -47.30
C ASN C 474 -6.30 12.57 -45.99
N THR C 475 -6.29 13.34 -44.90
CA THR C 475 -6.58 12.87 -43.52
C THR C 475 -7.68 13.74 -42.91
N SER C 476 -8.83 13.14 -42.58
CA SER C 476 -10.01 13.80 -41.97
C SER C 476 -9.77 14.02 -40.48
N PHE C 477 -10.69 14.71 -39.81
CA PHE C 477 -10.73 14.81 -38.33
C PHE C 477 -11.00 13.41 -37.80
N PRO C 478 -10.28 12.96 -36.75
CA PRO C 478 -10.35 11.56 -36.32
C PRO C 478 -11.72 11.15 -35.76
N TRP C 479 -12.11 9.90 -35.99
CA TRP C 479 -13.39 9.32 -35.51
C TRP C 479 -13.26 9.04 -34.01
N SER C 480 -14.02 9.77 -33.18
CA SER C 480 -14.06 9.57 -31.71
C SER C 480 -14.69 8.21 -31.42
N GLU C 481 -14.45 7.66 -30.23
CA GLU C 481 -14.98 6.31 -29.87
C GLU C 481 -16.49 6.40 -29.64
N PRO C 482 -17.05 7.49 -29.05
CA PRO C 482 -18.51 7.63 -28.95
C PRO C 482 -19.20 7.72 -30.32
N GLU C 483 -18.49 8.21 -31.33
CA GLU C 483 -19.00 8.34 -32.72
C GLU C 483 -19.14 6.94 -33.34
N LEU C 484 -18.07 6.14 -33.30
CA LEU C 484 -18.08 4.77 -33.88
C LEU C 484 -19.16 3.94 -33.17
N ALA C 485 -19.22 4.03 -31.85
CA ALA C 485 -20.16 3.31 -30.96
C ALA C 485 -21.60 3.70 -31.31
N ALA C 486 -21.84 4.97 -31.67
CA ALA C 486 -23.16 5.48 -32.12
C ALA C 486 -23.51 4.85 -33.47
N ALA C 487 -22.52 4.66 -34.34
CA ALA C 487 -22.65 4.00 -35.66
C ALA C 487 -22.96 2.51 -35.44
N ARG C 488 -22.12 1.81 -34.69
CA ARG C 488 -22.30 0.37 -34.33
C ARG C 488 -23.76 0.16 -33.94
N GLU C 489 -24.26 1.00 -33.03
CA GLU C 489 -25.67 0.97 -32.54
C GLU C 489 -26.62 1.03 -33.74
N LEU C 490 -26.60 2.14 -34.48
CA LEU C 490 -27.55 2.44 -35.58
C LEU C 490 -27.62 1.24 -36.55
N ARG C 491 -26.50 0.57 -36.81
CA ARG C 491 -26.44 -0.64 -37.67
C ARG C 491 -27.40 -1.70 -37.14
N GLY C 492 -27.19 -2.12 -35.88
CA GLY C 492 -28.14 -2.96 -35.14
C GLY C 492 -29.57 -2.55 -35.46
N ALA C 493 -29.92 -1.29 -35.24
CA ALA C 493 -31.28 -0.72 -35.41
C ALA C 493 -31.77 -0.95 -36.84
N ILE C 494 -30.96 -0.65 -37.85
CA ILE C 494 -31.34 -0.82 -39.28
C ILE C 494 -31.54 -2.33 -39.53
N ILE C 495 -30.48 -3.11 -39.29
CA ILE C 495 -30.45 -4.58 -39.55
C ILE C 495 -31.64 -5.24 -38.84
N GLY C 496 -32.03 -4.72 -37.69
CA GLY C 496 -33.15 -5.20 -36.85
C GLY C 496 -34.49 -4.92 -37.48
N ILE C 497 -34.66 -3.78 -38.15
CA ILE C 497 -35.93 -3.39 -38.83
C ILE C 497 -36.07 -4.17 -40.14
N VAL C 498 -34.93 -4.52 -40.76
CA VAL C 498 -34.88 -5.34 -42.00
C VAL C 498 -35.36 -6.76 -41.69
N LEU C 499 -35.06 -7.27 -40.49
CA LEU C 499 -35.53 -8.58 -39.97
C LEU C 499 -37.02 -8.47 -39.59
N ARG C 500 -37.43 -7.48 -38.78
CA ARG C 500 -38.85 -7.25 -38.40
C ARG C 500 -39.71 -7.21 -39.68
N LYS C 501 -39.18 -6.65 -40.78
CA LYS C 501 -39.81 -6.70 -42.13
C LYS C 501 -39.53 -8.07 -42.77
N THR C 502 -40.16 -9.13 -42.23
CA THR C 502 -40.10 -10.53 -42.73
C THR C 502 -41.50 -11.16 -42.61
N GLU C 503 -42.14 -11.42 -43.76
CA GLU C 503 -43.44 -12.13 -43.87
C GLU C 503 -43.58 -12.73 -45.28
N CYS D 20 -40.76 19.95 5.28
CA CYS D 20 -41.39 21.14 5.93
C CYS D 20 -41.15 22.40 5.09
N GLY D 21 -39.87 22.72 4.81
CA GLY D 21 -39.43 23.93 4.08
C GLY D 21 -39.83 25.22 4.76
N ALA D 22 -40.10 25.17 6.08
CA ALA D 22 -40.81 26.21 6.88
C ALA D 22 -40.10 27.56 6.76
N GLU D 23 -38.85 27.64 7.26
CA GLU D 23 -38.03 28.89 7.33
C GLU D 23 -37.09 28.94 6.12
N PRO D 24 -37.00 30.11 5.45
CA PRO D 24 -35.88 30.41 4.56
C PRO D 24 -34.62 30.67 5.40
N ILE D 25 -33.63 29.78 5.29
CA ILE D 25 -32.48 29.66 6.22
C ILE D 25 -31.38 30.67 5.88
N HIS D 26 -31.45 31.32 4.72
CA HIS D 26 -30.39 32.21 4.17
C HIS D 26 -30.58 33.66 4.66
N ILE D 27 -31.75 33.99 5.22
CA ILE D 27 -32.11 35.37 5.66
C ILE D 27 -32.66 35.36 7.08
N PRO D 28 -31.89 34.83 8.07
CA PRO D 28 -32.33 34.83 9.46
C PRO D 28 -32.02 36.13 10.22
N GLY D 29 -31.29 37.06 9.58
CA GLY D 29 -31.01 38.42 10.11
C GLY D 29 -30.31 38.37 11.46
N ALA D 30 -29.50 37.35 11.71
CA ALA D 30 -28.72 37.13 12.94
C ALA D 30 -27.42 36.40 12.60
N ILE D 31 -26.40 36.53 13.44
CA ILE D 31 -25.12 35.78 13.34
C ILE D 31 -24.92 34.97 14.63
N GLN D 32 -23.96 34.03 14.59
CA GLN D 32 -23.41 33.34 15.78
C GLN D 32 -22.53 34.34 16.55
N GLU D 33 -22.10 33.98 17.75
CA GLU D 33 -21.38 34.90 18.68
C GLU D 33 -19.90 34.99 18.28
N HIS D 34 -19.37 34.01 17.54
CA HIS D 34 -17.91 33.79 17.36
C HIS D 34 -17.30 34.81 16.38
N GLY D 35 -18.12 35.62 15.72
CA GLY D 35 -17.66 36.71 14.84
C GLY D 35 -18.60 37.89 14.86
N ALA D 36 -18.32 38.91 14.05
CA ALA D 36 -19.13 40.12 13.83
C ALA D 36 -19.32 40.32 12.32
N LEU D 37 -20.45 40.89 11.93
CA LEU D 37 -20.83 41.12 10.50
C LEU D 37 -21.12 42.61 10.30
N LEU D 38 -20.59 43.16 9.20
CA LEU D 38 -20.65 44.60 8.86
C LEU D 38 -20.95 44.74 7.36
N VAL D 39 -22.11 45.30 7.02
CA VAL D 39 -22.52 45.53 5.59
C VAL D 39 -22.13 46.95 5.18
N LEU D 40 -21.39 47.07 4.07
CA LEU D 40 -21.05 48.37 3.44
C LEU D 40 -21.75 48.42 2.08
N SER D 41 -22.18 49.62 1.66
CA SER D 41 -22.64 49.91 0.28
C SER D 41 -21.40 50.17 -0.58
N ALA D 42 -21.33 49.56 -1.77
CA ALA D 42 -20.14 49.58 -2.64
C ALA D 42 -19.75 51.02 -2.99
N ARG D 43 -20.75 51.86 -3.29
CA ARG D 43 -20.59 53.29 -3.68
C ARG D 43 -19.51 53.94 -2.81
N GLU D 44 -19.84 54.36 -1.58
CA GLU D 44 -19.00 55.24 -0.73
C GLU D 44 -18.36 54.45 0.43
N PHE D 45 -18.61 53.13 0.51
CA PHE D 45 -18.15 52.21 1.61
C PHE D 45 -18.75 52.64 2.95
N SER D 46 -20.05 52.91 2.95
CA SER D 46 -20.81 53.43 4.10
C SER D 46 -21.54 52.29 4.80
N VAL D 47 -21.47 52.26 6.14
CA VAL D 47 -22.07 51.20 7.00
C VAL D 47 -23.59 51.27 6.85
N VAL D 48 -24.20 50.22 6.26
CA VAL D 48 -25.67 50.10 6.07
C VAL D 48 -26.24 49.29 7.23
N GLN D 49 -25.75 48.07 7.43
CA GLN D 49 -26.16 47.15 8.52
C GLN D 49 -24.92 46.70 9.30
N ALA D 50 -25.13 46.27 10.54
CA ALA D 50 -24.11 45.64 11.40
C ALA D 50 -24.80 44.77 12.46
N SER D 51 -24.16 43.66 12.84
CA SER D 51 -24.50 42.87 14.05
C SER D 51 -24.40 43.77 15.28
N ASP D 52 -25.18 43.48 16.33
CA ASP D 52 -25.18 44.27 17.59
C ASP D 52 -23.80 44.18 18.27
N ASN D 53 -23.11 43.04 18.14
CA ASN D 53 -21.84 42.75 18.85
C ASN D 53 -20.63 43.40 18.15
N LEU D 54 -20.80 43.95 16.94
CA LEU D 54 -19.69 44.53 16.12
C LEU D 54 -18.78 45.38 17.00
N ALA D 55 -19.35 46.23 17.87
CA ALA D 55 -18.64 47.14 18.80
C ALA D 55 -17.57 46.39 19.58
N ASN D 56 -17.89 45.17 20.04
CA ASN D 56 -17.04 44.32 20.91
C ASN D 56 -15.76 43.91 20.18
N TYR D 57 -15.86 43.57 18.90
CA TYR D 57 -14.74 43.01 18.08
C TYR D 57 -13.92 44.19 17.48
N ILE D 58 -14.48 44.87 16.48
CA ILE D 58 -13.75 45.90 15.68
C ILE D 58 -13.37 47.04 16.61
N GLY D 59 -14.15 47.30 17.68
CA GLY D 59 -13.93 48.45 18.59
C GLY D 59 -14.45 49.74 17.97
N VAL D 60 -15.42 49.62 17.05
CA VAL D 60 -16.36 50.67 16.53
C VAL D 60 -15.68 52.05 16.35
N ASP D 61 -14.70 52.13 15.45
CA ASP D 61 -14.41 53.34 14.66
C ASP D 61 -15.46 53.45 13.55
N LEU D 62 -16.01 52.31 13.08
CA LEU D 62 -16.97 52.20 11.96
C LEU D 62 -18.33 51.74 12.49
N PRO D 63 -19.14 52.66 13.09
CA PRO D 63 -20.52 52.36 13.47
C PRO D 63 -21.57 52.52 12.36
N ILE D 64 -22.86 52.37 12.72
CA ILE D 64 -24.02 52.47 11.78
C ILE D 64 -24.05 53.89 11.20
N GLY D 65 -24.22 54.01 9.87
CA GLY D 65 -24.27 55.32 9.17
C GLY D 65 -22.89 55.77 8.69
N ALA D 66 -21.82 55.38 9.40
CA ALA D 66 -20.45 55.88 9.22
C ALA D 66 -19.94 55.52 7.81
N VAL D 67 -19.24 56.45 7.18
CA VAL D 67 -18.43 56.24 5.94
C VAL D 67 -17.00 55.84 6.34
N ALA D 68 -16.44 54.83 5.67
CA ALA D 68 -15.13 54.21 5.99
C ALA D 68 -13.97 55.11 5.55
N THR D 69 -13.05 55.41 6.47
CA THR D 69 -11.72 56.01 6.21
C THR D 69 -10.65 55.16 6.92
N GLU D 70 -9.37 55.37 6.61
CA GLU D 70 -8.23 54.55 7.10
C GLU D 70 -8.32 54.39 8.63
N ALA D 71 -8.53 55.49 9.35
CA ALA D 71 -8.58 55.54 10.83
C ALA D 71 -9.82 54.80 11.38
N ASN D 72 -10.85 54.61 10.55
CA ASN D 72 -12.06 53.79 10.87
C ASN D 72 -11.77 52.31 10.58
N SER D 80 -8.05 48.42 0.18
CA SER D 80 -7.91 47.05 -0.37
C SER D 80 -7.92 47.09 -1.90
N ALA D 81 -8.97 47.69 -2.50
CA ALA D 81 -9.22 47.75 -3.96
C ALA D 81 -9.46 46.35 -4.54
N TRP D 82 -9.98 45.45 -3.72
CA TRP D 82 -10.41 44.07 -4.08
C TRP D 82 -11.74 44.15 -4.84
N TYR D 83 -12.62 45.08 -4.45
CA TYR D 83 -13.97 45.27 -5.04
C TYR D 83 -13.83 45.57 -6.54
N SER D 84 -12.85 46.41 -6.91
CA SER D 84 -12.53 46.83 -8.31
C SER D 84 -12.00 45.65 -9.13
N GLY D 85 -11.46 44.62 -8.47
CA GLY D 85 -10.83 43.43 -9.10
C GLY D 85 -11.80 42.29 -9.31
N GLU D 86 -11.41 41.28 -10.09
CA GLU D 86 -12.24 40.10 -10.46
C GLU D 86 -12.49 39.23 -9.22
N GLU D 87 -11.49 39.08 -8.35
CA GLU D 87 -11.49 38.16 -7.19
C GLU D 87 -12.82 38.26 -6.44
N SER D 88 -13.42 37.10 -6.12
CA SER D 88 -14.81 36.95 -5.60
C SER D 88 -14.85 37.12 -4.07
N ASN D 89 -13.85 36.61 -3.36
CA ASN D 89 -13.75 36.73 -1.87
C ASN D 89 -12.51 37.55 -1.49
N PHE D 90 -12.42 37.96 -0.23
CA PHE D 90 -11.37 38.85 0.33
C PHE D 90 -10.89 38.29 1.66
N ARG D 91 -9.58 38.43 1.94
CA ARG D 91 -8.96 38.04 3.23
C ARG D 91 -7.88 39.08 3.57
N TYR D 92 -7.92 39.60 4.79
CA TYR D 92 -6.88 40.50 5.39
C TYR D 92 -6.70 40.11 6.85
N ALA D 93 -5.47 39.72 7.22
CA ALA D 93 -5.08 39.35 8.60
C ALA D 93 -4.71 40.63 9.36
N TRP D 94 -5.64 41.16 10.17
CA TRP D 94 -5.50 42.42 10.94
C TRP D 94 -4.69 42.13 12.21
N ALA D 95 -3.36 42.18 12.09
CA ALA D 95 -2.37 41.78 13.11
C ALA D 95 -2.61 42.55 14.41
N GLU D 96 -2.80 43.88 14.33
CA GLU D 96 -2.79 44.82 15.48
C GLU D 96 -3.91 44.48 16.48
N LYS D 97 -5.10 44.14 15.99
CA LYS D 97 -6.27 43.77 16.85
C LYS D 97 -6.34 42.25 17.01
N LYS D 98 -5.48 41.52 16.30
CA LYS D 98 -5.43 40.02 16.29
C LYS D 98 -6.78 39.49 15.78
N LEU D 99 -7.15 39.89 14.56
CA LEU D 99 -8.41 39.51 13.89
C LEU D 99 -8.13 39.05 12.45
N ASP D 100 -9.00 38.19 11.92
CA ASP D 100 -9.09 37.82 10.48
C ASP D 100 -10.33 38.49 9.92
N VAL D 101 -10.17 39.32 8.88
CA VAL D 101 -11.28 39.94 8.11
C VAL D 101 -11.51 39.08 6.86
N SER D 102 -12.77 38.77 6.53
CA SER D 102 -13.17 37.99 5.33
C SER D 102 -14.47 38.54 4.75
N ALA D 103 -14.41 39.12 3.54
CA ALA D 103 -15.56 39.78 2.87
C ALA D 103 -15.90 39.07 1.56
N HIS D 104 -17.21 38.92 1.29
CA HIS D 104 -17.77 38.56 -0.03
C HIS D 104 -18.64 39.71 -0.55
N ARG D 105 -19.00 39.66 -1.83
CA ARG D 105 -19.91 40.62 -2.50
C ARG D 105 -21.32 40.03 -2.47
N SER D 106 -22.35 40.87 -2.29
CA SER D 106 -23.78 40.46 -2.20
C SER D 106 -24.63 41.43 -3.04
N GLY D 107 -24.38 41.48 -4.35
CA GLY D 107 -24.90 42.53 -5.25
C GLY D 107 -24.17 43.83 -5.02
N THR D 108 -24.90 44.94 -4.87
CA THR D 108 -24.33 46.29 -4.63
C THR D 108 -23.67 46.36 -3.25
N LEU D 109 -23.89 45.34 -2.41
CA LEU D 109 -23.41 45.28 -1.00
C LEU D 109 -22.03 44.63 -0.96
N VAL D 110 -21.30 44.91 0.12
CA VAL D 110 -20.08 44.15 0.54
C VAL D 110 -20.37 43.63 1.96
N ILE D 111 -20.62 42.33 2.12
CA ILE D 111 -20.75 41.67 3.45
C ILE D 111 -19.33 41.39 3.96
N LEU D 112 -19.03 41.85 5.18
CA LEU D 112 -17.67 41.84 5.78
C LEU D 112 -17.78 41.19 7.16
N GLU D 113 -17.11 40.04 7.37
CA GLU D 113 -17.17 39.24 8.61
C GLU D 113 -15.77 39.20 9.25
N VAL D 114 -15.69 39.52 10.55
CA VAL D 114 -14.43 39.48 11.33
C VAL D 114 -14.61 38.47 12.47
N GLU D 115 -13.54 37.76 12.83
CA GLU D 115 -13.48 36.83 13.99
C GLU D 115 -12.03 36.75 14.48
N LYS D 116 -11.83 36.32 15.72
CA LYS D 116 -10.50 36.26 16.41
C LYS D 116 -9.57 35.28 15.68
N ALA D 117 -8.42 35.77 15.22
CA ALA D 117 -7.42 35.02 14.42
C ALA D 117 -6.85 33.85 15.24
N GLY D 118 -7.20 32.62 14.87
CA GLY D 118 -6.86 31.38 15.60
C GLY D 118 -5.37 31.30 15.91
N GLY D 120 -0.64 31.27 15.99
CA GLY D 120 0.70 31.03 15.39
C GLY D 120 0.69 29.89 14.38
N GLU D 121 -0.42 29.71 13.65
CA GLU D 121 -0.55 28.69 12.58
C GLU D 121 0.47 28.95 11.47
N SER D 122 0.98 27.89 10.85
CA SER D 122 1.94 27.91 9.71
C SER D 122 1.25 27.40 8.43
N ALA D 123 1.34 28.17 7.35
CA ALA D 123 0.84 27.84 6.00
C ALA D 123 1.83 26.91 5.29
N GLU D 124 3.09 26.86 5.76
CA GLU D 124 4.16 25.98 5.21
C GLU D 124 3.84 24.52 5.57
N LYS D 125 3.31 24.27 6.77
CA LYS D 125 2.78 22.96 7.21
C LYS D 125 1.59 22.61 6.30
N LEU D 126 0.53 23.41 6.34
CA LEU D 126 -0.73 23.20 5.57
C LEU D 126 -0.43 22.83 4.11
N MSE D 127 0.46 23.60 3.48
CA MSE D 127 0.84 23.36 2.09
C MSE D 127 1.46 21.97 1.95
O MSE D 127 1.12 21.23 1.03
CB MSE D 127 1.83 24.44 1.62
CG MSE D 127 2.44 24.16 0.25
SE MSE D 127 1.11 24.52 -1.14
CE MSE D 127 0.88 26.46 -1.13
N GLY D 128 2.39 21.65 2.86
CA GLY D 128 3.00 20.33 2.89
C GLY D 128 1.96 19.21 2.98
N GLU D 129 0.89 19.42 3.76
CA GLU D 129 -0.14 18.40 4.06
C GLU D 129 -1.07 18.19 2.85
N LEU D 130 -1.38 19.28 2.12
CA LEU D 130 -2.26 19.23 0.92
C LEU D 130 -1.45 18.75 -0.30
N THR D 131 -0.14 19.03 -0.34
CA THR D 131 0.81 18.51 -1.37
C THR D 131 0.79 16.98 -1.30
N SER D 132 0.74 16.43 -0.08
CA SER D 132 0.76 14.97 0.21
C SER D 132 -0.55 14.34 -0.29
N LEU D 133 -1.69 14.85 0.20
CA LEU D 133 -3.04 14.33 -0.14
C LEU D 133 -3.19 14.32 -1.66
N ALA D 134 -2.97 15.47 -2.29
CA ALA D 134 -3.12 15.66 -3.76
C ALA D 134 -2.27 14.63 -4.51
N LYS D 135 -1.01 14.45 -4.09
CA LYS D 135 -0.04 13.52 -4.74
C LYS D 135 -0.51 12.09 -4.53
N TYR D 136 -1.12 11.78 -3.38
CA TYR D 136 -1.64 10.43 -3.01
C TYR D 136 -2.89 10.10 -3.82
N LEU D 137 -3.88 11.00 -3.81
CA LEU D 137 -5.16 10.84 -4.55
C LEU D 137 -4.83 10.61 -6.04
N ASN D 138 -3.82 11.31 -6.56
CA ASN D 138 -3.43 11.25 -7.99
C ASN D 138 -2.74 9.92 -8.30
N SER D 139 -2.23 9.23 -7.27
CA SER D 139 -1.57 7.90 -7.36
C SER D 139 -2.63 6.78 -7.27
N ALA D 140 -3.60 6.83 -8.19
CA ALA D 140 -4.88 6.06 -8.25
C ALA D 140 -4.97 4.98 -7.17
N PRO D 141 -5.45 5.35 -5.95
CA PRO D 141 -5.83 4.37 -4.93
C PRO D 141 -7.35 4.16 -4.91
N SER D 142 -7.79 3.03 -4.37
CA SER D 142 -9.22 2.65 -4.21
C SER D 142 -10.00 3.85 -3.67
N LEU D 143 -11.22 4.04 -4.18
CA LEU D 143 -12.12 5.16 -3.80
C LEU D 143 -12.26 5.17 -2.27
N GLU D 144 -12.37 3.99 -1.65
CA GLU D 144 -12.52 3.86 -0.18
C GLU D 144 -11.25 4.38 0.49
N ASP D 145 -10.07 3.96 0.02
CA ASP D 145 -8.75 4.38 0.56
C ASP D 145 -8.70 5.91 0.54
N ALA D 146 -8.97 6.50 -0.63
CA ALA D 146 -9.02 7.96 -0.86
C ALA D 146 -9.98 8.62 0.14
N LEU D 147 -11.20 8.09 0.26
CA LEU D 147 -12.26 8.63 1.15
C LEU D 147 -11.71 8.80 2.57
N PHE D 148 -11.10 7.75 3.11
CA PHE D 148 -10.57 7.71 4.50
C PHE D 148 -9.39 8.68 4.64
N ARG D 149 -8.36 8.54 3.81
CA ARG D 149 -7.13 9.39 3.84
C ARG D 149 -7.55 10.85 4.07
N THR D 150 -8.55 11.32 3.31
CA THR D 150 -9.10 12.70 3.35
C THR D 150 -9.72 12.95 4.73
N ALA D 151 -10.73 12.15 5.09
CA ALA D 151 -11.37 12.17 6.43
C ALA D 151 -10.30 12.23 7.52
N GLN D 152 -9.21 11.48 7.35
CA GLN D 152 -8.05 11.39 8.30
C GLN D 152 -7.30 12.74 8.35
N LEU D 153 -6.98 13.32 7.19
CA LEU D 153 -6.26 14.61 7.11
C LEU D 153 -7.09 15.71 7.78
N VAL D 154 -8.39 15.78 7.47
CA VAL D 154 -9.30 16.82 8.03
C VAL D 154 -9.41 16.62 9.54
N SER D 155 -9.47 15.36 10.00
CA SER D 155 -9.52 15.03 11.45
C SER D 155 -8.24 15.54 12.11
N SER D 156 -7.11 15.53 11.40
CA SER D 156 -5.77 15.94 11.90
C SER D 156 -5.73 17.45 12.17
N ILE D 157 -6.06 18.26 11.16
CA ILE D 157 -5.84 19.75 11.17
C ILE D 157 -7.00 20.44 11.89
N SER D 158 -8.20 19.88 11.86
CA SER D 158 -9.42 20.43 12.54
C SER D 158 -9.36 20.10 14.04
N GLY D 159 -8.94 18.89 14.38
CA GLY D 159 -8.92 18.37 15.76
C GLY D 159 -10.33 18.15 16.29
N HIS D 160 -11.16 17.43 15.54
CA HIS D 160 -12.58 17.13 15.89
C HIS D 160 -12.70 15.71 16.43
N ASP D 161 -13.60 15.49 17.39
CA ASP D 161 -13.87 14.18 18.05
C ASP D 161 -14.17 13.12 16.98
N ARG D 162 -14.83 13.52 15.88
CA ARG D 162 -15.24 12.63 14.76
C ARG D 162 -15.19 13.45 13.46
N THR D 163 -14.80 12.82 12.34
CA THR D 163 -14.63 13.48 11.01
C THR D 163 -15.16 12.52 9.94
N LEU D 164 -16.48 12.33 9.87
CA LEU D 164 -17.12 11.35 8.94
C LEU D 164 -17.34 11.98 7.56
N ILE D 165 -17.29 11.17 6.50
CA ILE D 165 -17.66 11.55 5.11
C ILE D 165 -18.99 10.85 4.77
N TYR D 166 -19.86 11.57 4.05
CA TYR D 166 -21.32 11.32 3.94
C TYR D 166 -21.72 11.45 2.48
N ASP D 167 -22.06 10.34 1.82
CA ASP D 167 -22.32 10.27 0.36
C ASP D 167 -23.84 10.16 0.14
N PHE D 168 -24.40 11.15 -0.56
CA PHE D 168 -25.82 11.21 -0.94
C PHE D 168 -26.08 10.15 -2.01
N GLY D 169 -27.27 9.54 -1.94
CA GLY D 169 -27.88 8.77 -3.04
C GLY D 169 -28.79 9.66 -3.87
N LEU D 170 -29.65 9.05 -4.69
CA LEU D 170 -30.65 9.80 -5.48
C LEU D 170 -31.72 10.35 -4.52
N ASP D 171 -32.28 9.50 -3.64
CA ASP D 171 -33.38 9.89 -2.72
C ASP D 171 -32.91 10.98 -1.73
N TRP D 172 -31.60 11.27 -1.70
CA TRP D 172 -30.95 12.35 -0.92
C TRP D 172 -30.83 11.98 0.57
N SER D 173 -31.18 10.74 0.91
CA SER D 173 -30.65 10.02 2.11
C SER D 173 -29.12 9.96 1.94
N GLY D 174 -28.38 9.60 2.99
CA GLY D 174 -26.91 9.60 2.97
C GLY D 174 -26.32 8.44 3.75
N HIS D 175 -25.23 7.87 3.24
CA HIS D 175 -24.50 6.70 3.78
C HIS D 175 -23.11 7.18 4.25
N VAL D 176 -22.75 6.96 5.51
CA VAL D 176 -21.43 7.36 6.07
C VAL D 176 -20.38 6.37 5.55
N VAL D 177 -19.56 6.81 4.60
CA VAL D 177 -18.68 5.94 3.74
C VAL D 177 -17.25 5.90 4.31
N ALA D 178 -16.90 6.86 5.16
CA ALA D 178 -15.58 6.95 5.83
C ALA D 178 -15.76 7.69 7.15
N GLU D 179 -14.81 7.54 8.08
CA GLU D 179 -14.85 8.11 9.45
C GLU D 179 -13.43 8.24 10.00
N ALA D 180 -13.23 9.11 11.00
CA ALA D 180 -11.94 9.34 11.67
C ALA D 180 -12.18 10.13 12.97
N GLY D 181 -11.83 9.57 14.13
CA GLY D 181 -12.20 10.16 15.43
C GLY D 181 -11.22 9.84 16.55
N SER D 182 -11.20 10.70 17.58
CA SER D 182 -10.52 10.47 18.87
C SER D 182 -11.19 9.33 19.63
N GLY D 183 -12.42 8.96 19.24
CA GLY D 183 -13.24 7.91 19.87
C GLY D 183 -14.16 8.48 20.93
N ALA D 184 -14.19 9.81 21.07
CA ALA D 184 -15.00 10.54 22.08
C ALA D 184 -16.49 10.38 21.75
N LEU D 185 -16.84 10.46 20.46
CA LEU D 185 -18.24 10.35 19.95
C LEU D 185 -18.45 9.01 19.26
N PRO D 186 -19.72 8.54 19.11
CA PRO D 186 -20.02 7.24 18.52
C PRO D 186 -19.51 7.08 17.07
N SER D 187 -19.35 5.83 16.63
CA SER D 187 -19.04 5.46 15.23
C SER D 187 -20.34 5.37 14.44
N TYR D 188 -20.51 6.23 13.44
CA TYR D 188 -21.66 6.22 12.49
C TYR D 188 -21.25 5.55 11.17
N LEU D 189 -20.00 5.08 11.06
CA LEU D 189 -19.45 4.45 9.82
C LEU D 189 -20.41 3.33 9.38
N GLY D 190 -20.90 3.41 8.14
CA GLY D 190 -21.75 2.39 7.50
C GLY D 190 -23.24 2.64 7.68
N LEU D 191 -23.62 3.52 8.61
CA LEU D 191 -25.04 3.88 8.89
C LEU D 191 -25.56 4.79 7.79
N ARG D 192 -26.82 4.62 7.39
CA ARG D 192 -27.52 5.52 6.43
C ARG D 192 -28.47 6.42 7.24
N PHE D 193 -28.61 7.67 6.83
CA PHE D 193 -29.51 8.66 7.47
C PHE D 193 -30.53 9.14 6.45
N PRO D 194 -31.78 9.45 6.86
CA PRO D 194 -32.82 9.89 5.92
C PRO D 194 -32.54 11.29 5.33
N ALA D 195 -33.14 11.59 4.18
CA ALA D 195 -32.96 12.84 3.42
C ALA D 195 -33.38 14.04 4.29
N GLY D 196 -34.44 13.87 5.08
CA GLY D 196 -35.04 14.93 5.91
C GLY D 196 -34.06 15.52 6.91
N ASP D 197 -32.92 14.87 7.15
CA ASP D 197 -31.85 15.32 8.09
C ASP D 197 -31.09 16.51 7.50
N ILE D 198 -30.98 16.60 6.18
CA ILE D 198 -30.45 17.78 5.43
C ILE D 198 -31.49 18.15 4.39
N PRO D 199 -32.44 19.06 4.71
CA PRO D 199 -33.61 19.30 3.87
C PRO D 199 -33.28 20.07 2.59
N PRO D 200 -34.18 20.06 1.59
CA PRO D 200 -33.86 20.54 0.24
C PRO D 200 -33.15 21.91 0.18
N GLN D 201 -33.63 22.89 0.96
CA GLN D 201 -33.08 24.26 0.94
C GLN D 201 -31.64 24.21 1.48
N ALA D 202 -31.40 23.43 2.53
CA ALA D 202 -30.06 23.21 3.11
C ALA D 202 -29.13 22.70 2.00
N ARG D 203 -29.55 21.62 1.34
CA ARG D 203 -28.78 20.99 0.22
C ARG D 203 -28.46 22.08 -0.80
N GLN D 204 -29.47 22.80 -1.28
CA GLN D 204 -29.32 23.85 -2.32
C GLN D 204 -28.23 24.84 -1.89
N LEU D 205 -28.37 25.43 -0.71
CA LEU D 205 -27.39 26.41 -0.17
C LEU D 205 -26.00 25.79 -0.18
N TYR D 206 -25.86 24.58 0.38
CA TYR D 206 -24.55 23.92 0.60
C TYR D 206 -23.89 23.56 -0.75
N THR D 207 -24.64 23.58 -1.84
CA THR D 207 -24.13 23.32 -3.20
C THR D 207 -23.41 24.55 -3.74
N ILE D 208 -23.70 25.73 -3.18
CA ILE D 208 -23.15 27.03 -3.64
C ILE D 208 -22.22 27.62 -2.57
N ASN D 209 -22.55 27.42 -1.28
CA ASN D 209 -21.70 27.83 -0.12
C ASN D 209 -21.20 26.56 0.58
N ARG D 210 -20.05 26.05 0.15
CA ARG D 210 -19.56 24.68 0.43
C ARG D 210 -18.74 24.65 1.73
N LEU D 211 -19.24 25.24 2.81
CA LEU D 211 -18.48 25.38 4.08
C LEU D 211 -19.35 26.07 5.14
N ARG D 212 -19.48 25.48 6.32
CA ARG D 212 -20.41 25.93 7.38
C ARG D 212 -19.90 25.44 8.72
N MSE D 213 -19.72 26.32 9.71
CA MSE D 213 -19.17 25.92 11.00
C MSE D 213 -20.09 26.43 12.12
O MSE D 213 -20.45 27.59 12.15
CB MSE D 213 -17.76 26.47 11.21
CG MSE D 213 -17.10 25.95 12.46
SE MSE D 213 -15.43 26.86 12.83
CE MSE D 213 -15.82 28.71 13.35
N ILE D 214 -20.41 25.51 13.04
CA ILE D 214 -21.17 25.81 14.24
C ILE D 214 -20.30 25.47 15.45
N PRO D 215 -19.47 26.40 15.98
CA PRO D 215 -18.49 26.07 17.01
C PRO D 215 -19.08 25.85 18.42
N ASP D 216 -20.32 26.31 18.63
CA ASP D 216 -21.06 26.12 19.91
C ASP D 216 -22.57 26.08 19.61
N VAL D 217 -23.20 24.95 19.97
CA VAL D 217 -24.64 24.64 19.67
C VAL D 217 -25.54 25.60 20.45
N ASP D 218 -25.16 25.97 21.67
CA ASP D 218 -26.03 26.74 22.60
C ASP D 218 -25.74 28.25 22.47
N TYR D 219 -25.10 28.69 21.39
CA TYR D 219 -24.83 30.13 21.12
C TYR D 219 -26.16 30.89 21.16
N LYS D 220 -26.12 32.15 21.61
CA LYS D 220 -27.27 33.08 21.61
C LYS D 220 -27.21 33.94 20.34
N PRO D 221 -28.18 33.80 19.41
CA PRO D 221 -28.19 34.60 18.18
C PRO D 221 -27.97 36.10 18.40
N VAL D 222 -27.03 36.67 17.64
CA VAL D 222 -26.62 38.10 17.69
C VAL D 222 -27.31 38.85 16.55
N PRO D 223 -28.33 39.69 16.83
CA PRO D 223 -29.11 40.33 15.77
C PRO D 223 -28.33 41.30 14.87
N ILE D 224 -28.75 41.42 13.61
CA ILE D 224 -28.25 42.43 12.63
C ILE D 224 -29.31 43.54 12.50
N ARG D 225 -28.89 44.80 12.68
CA ARG D 225 -29.76 46.01 12.69
C ARG D 225 -29.22 47.01 11.68
N PRO D 226 -30.06 47.68 10.86
CA PRO D 226 -31.50 47.39 10.80
C PRO D 226 -31.81 46.05 10.12
N GLU D 227 -33.04 45.56 10.31
CA GLU D 227 -33.56 44.30 9.71
C GLU D 227 -33.67 44.49 8.19
N VAL D 228 -34.01 45.70 7.75
CA VAL D 228 -34.14 46.05 6.30
C VAL D 228 -32.99 46.99 5.91
N ASN D 229 -32.20 46.59 4.92
CA ASN D 229 -31.07 47.34 4.33
C ASN D 229 -31.61 48.54 3.56
N ALA D 230 -31.01 49.73 3.75
CA ALA D 230 -31.39 51.00 3.08
C ALA D 230 -31.22 50.85 1.56
N GLU D 231 -30.03 50.44 1.11
CA GLU D 231 -29.63 50.42 -0.33
C GLU D 231 -30.50 49.43 -1.12
N THR D 232 -30.81 48.26 -0.57
CA THR D 232 -31.56 47.18 -1.27
C THR D 232 -33.04 47.23 -0.91
N GLY D 233 -33.39 47.66 0.31
CA GLY D 233 -34.77 47.73 0.80
C GLY D 233 -35.34 46.36 1.12
N ALA D 234 -34.47 45.38 1.38
CA ALA D 234 -34.81 43.96 1.60
C ALA D 234 -33.89 43.36 2.65
N VAL D 235 -34.34 42.28 3.30
CA VAL D 235 -33.54 41.45 4.26
C VAL D 235 -32.19 41.08 3.64
N LEU D 236 -31.11 41.15 4.42
CA LEU D 236 -29.72 40.81 4.00
C LEU D 236 -29.66 39.33 3.62
N ASP D 237 -29.42 39.02 2.33
CA ASP D 237 -29.14 37.64 1.85
C ASP D 237 -27.78 37.23 2.40
N MSE D 238 -27.81 36.29 3.36
CA MSE D 238 -26.62 35.84 4.06
C MSE D 238 -26.26 34.45 3.58
O MSE D 238 -25.75 33.65 4.36
CB MSE D 238 -26.85 35.83 5.57
CG MSE D 238 -27.78 36.89 6.06
SE MSE D 238 -27.72 37.07 8.00
CE MSE D 238 -25.88 37.01 8.56
N SER D 239 -26.51 34.16 2.30
CA SER D 239 -26.23 32.85 1.74
C SER D 239 -24.75 32.49 1.95
N PHE D 240 -23.83 33.42 1.72
CA PHE D 240 -22.35 33.20 1.75
C PHE D 240 -21.74 33.75 3.04
N SER D 241 -22.56 34.20 3.99
CA SER D 241 -22.13 34.60 5.35
C SER D 241 -21.70 33.35 6.12
N GLN D 242 -20.43 33.30 6.53
CA GLN D 242 -19.83 32.24 7.37
C GLN D 242 -20.52 32.23 8.74
N LEU D 243 -20.88 33.41 9.26
CA LEU D 243 -21.39 33.61 10.65
C LEU D 243 -22.91 33.40 10.73
N ARG D 244 -23.58 33.15 9.61
CA ARG D 244 -25.06 33.04 9.55
C ARG D 244 -25.57 32.14 10.68
N SER D 245 -26.45 32.66 11.53
CA SER D 245 -27.20 31.89 12.57
C SER D 245 -27.99 30.76 11.89
N VAL D 246 -27.95 29.56 12.47
CA VAL D 246 -28.49 28.33 11.85
C VAL D 246 -29.89 28.04 12.41
N SER D 247 -30.63 27.16 11.72
CA SER D 247 -32.02 26.76 12.03
C SER D 247 -32.09 26.26 13.46
N PRO D 248 -32.96 26.85 14.33
CA PRO D 248 -33.17 26.33 15.68
C PRO D 248 -33.45 24.81 15.70
N VAL D 249 -34.19 24.32 14.69
CA VAL D 249 -34.59 22.88 14.57
C VAL D 249 -33.34 22.01 14.47
N HIS D 250 -32.28 22.46 13.78
CA HIS D 250 -31.02 21.69 13.59
C HIS D 250 -30.18 21.74 14.87
N LEU D 251 -30.10 22.92 15.51
CA LEU D 251 -29.43 23.06 16.82
C LEU D 251 -30.02 22.02 17.80
N GLU D 252 -31.31 21.69 17.66
CA GLU D 252 -32.00 20.63 18.45
C GLU D 252 -31.48 19.25 18.04
N TYR D 253 -31.50 18.95 16.73
CA TYR D 253 -30.95 17.71 16.13
C TYR D 253 -29.53 17.47 16.64
N MSE D 254 -28.73 18.54 16.75
CA MSE D 254 -27.36 18.44 17.21
C MSE D 254 -27.34 18.05 18.69
O MSE D 254 -26.58 17.18 19.10
CB MSE D 254 -26.61 19.76 16.97
CG MSE D 254 -26.30 20.04 15.51
SE MSE D 254 -25.22 21.66 15.29
CE MSE D 254 -23.76 21.55 16.62
N ARG D 255 -28.20 18.70 19.48
CA ARG D 255 -28.30 18.41 20.91
C ARG D 255 -28.67 16.93 21.10
N ASN D 256 -29.72 16.47 20.42
CA ASN D 256 -30.23 15.06 20.46
C ASN D 256 -29.07 14.10 20.21
N MSE D 257 -28.24 14.44 19.22
CA MSE D 257 -27.12 13.61 18.81
C MSE D 257 -26.02 13.61 19.86
O MSE D 257 -25.28 12.63 19.99
CB MSE D 257 -26.55 14.15 17.48
CG MSE D 257 -25.44 13.29 16.89
SE MSE D 257 -25.15 13.76 15.00
CE MSE D 257 -26.45 12.77 13.95
N GLY D 258 -25.91 14.72 20.61
CA GLY D 258 -24.91 14.85 21.66
C GLY D 258 -23.65 15.53 21.13
N THR D 259 -23.81 16.42 20.16
CA THR D 259 -22.73 17.27 19.58
C THR D 259 -22.95 18.72 20.06
N ALA D 260 -21.88 19.35 20.55
CA ALA D 260 -21.86 20.76 20.98
C ALA D 260 -21.30 21.63 19.85
N ALA D 261 -20.56 21.03 18.91
CA ALA D 261 -19.86 21.72 17.82
C ALA D 261 -19.93 20.90 16.53
N SER D 262 -19.86 21.59 15.38
CA SER D 262 -19.93 21.00 14.02
C SER D 262 -19.10 21.83 13.04
N MSE D 263 -18.82 21.22 11.89
CA MSE D 263 -18.26 21.90 10.73
C MSE D 263 -18.36 20.97 9.53
O MSE D 263 -17.68 19.95 9.49
CB MSE D 263 -16.80 22.28 10.96
CG MSE D 263 -16.21 23.02 9.79
SE MSE D 263 -14.27 22.78 9.72
CE MSE D 263 -13.84 21.20 8.64
N SER D 264 -19.23 21.32 8.57
CA SER D 264 -19.38 20.55 7.35
C SER D 264 -18.61 21.26 6.23
N VAL D 265 -18.23 20.51 5.20
CA VAL D 265 -17.55 21.00 3.98
C VAL D 265 -18.14 20.24 2.80
N SER D 266 -18.81 20.91 1.87
CA SER D 266 -19.55 20.27 0.75
C SER D 266 -18.56 19.66 -0.24
N ILE D 267 -18.73 18.37 -0.52
CA ILE D 267 -18.03 17.62 -1.60
C ILE D 267 -18.91 17.74 -2.84
N VAL D 268 -18.48 18.52 -3.82
CA VAL D 268 -19.27 18.82 -5.05
C VAL D 268 -18.46 18.34 -6.25
N VAL D 269 -19.07 17.46 -7.05
CA VAL D 269 -18.44 16.82 -8.24
C VAL D 269 -19.26 17.20 -9.47
N ASN D 270 -18.68 18.02 -10.36
CA ASN D 270 -19.33 18.51 -11.59
C ASN D 270 -20.62 19.23 -11.19
N GLY D 271 -20.52 20.17 -10.23
CA GLY D 271 -21.59 21.10 -9.84
C GLY D 271 -22.73 20.41 -9.09
N ALA D 272 -22.58 19.12 -8.79
CA ALA D 272 -23.57 18.31 -8.06
C ALA D 272 -23.05 18.04 -6.64
N LEU D 273 -23.85 18.38 -5.63
CA LEU D 273 -23.57 18.03 -4.21
C LEU D 273 -23.53 16.50 -4.10
N TRP D 274 -22.32 15.94 -4.01
CA TRP D 274 -22.06 14.48 -3.95
C TRP D 274 -22.20 14.00 -2.51
N GLY D 275 -21.73 14.81 -1.56
CA GLY D 275 -21.68 14.46 -0.12
C GLY D 275 -21.15 15.61 0.74
N LEU D 276 -20.82 15.31 1.99
CA LEU D 276 -20.21 16.25 2.97
C LEU D 276 -19.04 15.57 3.70
N ILE D 277 -17.94 16.31 3.90
CA ILE D 277 -17.00 16.11 5.03
C ILE D 277 -17.66 16.76 6.25
N ALA D 278 -17.99 16.00 7.29
CA ALA D 278 -18.77 16.47 8.47
C ALA D 278 -18.04 16.12 9.77
N CYS D 279 -17.39 17.11 10.38
CA CYS D 279 -16.73 17.01 11.70
C CYS D 279 -17.73 17.35 12.81
N HIS D 280 -17.60 16.71 13.97
CA HIS D 280 -18.41 16.92 15.20
C HIS D 280 -17.48 16.99 16.42
N HIS D 281 -18.01 17.44 17.56
CA HIS D 281 -17.27 17.54 18.85
C HIS D 281 -18.25 17.40 20.03
N ALA D 282 -17.85 16.67 21.08
CA ALA D 282 -18.65 16.44 22.30
C ALA D 282 -18.80 17.77 23.07
N THR D 283 -17.74 18.59 23.06
CA THR D 283 -17.70 19.93 23.71
C THR D 283 -17.58 20.99 22.63
N PRO D 284 -17.96 22.26 22.92
CA PRO D 284 -17.74 23.36 21.98
C PRO D 284 -16.30 23.40 21.47
N HIS D 285 -16.11 23.79 20.21
CA HIS D 285 -14.81 23.66 19.48
C HIS D 285 -14.84 24.50 18.19
N SER D 286 -14.00 25.55 18.13
CA SER D 286 -13.87 26.49 16.99
C SER D 286 -12.66 26.09 16.14
N VAL D 287 -12.57 26.61 14.92
CA VAL D 287 -11.50 26.27 13.93
C VAL D 287 -11.15 27.51 13.09
N SER D 288 -9.85 27.74 12.86
CA SER D 288 -9.31 28.96 12.20
C SER D 288 -9.86 29.08 10.78
N LEU D 289 -9.85 30.30 10.23
CA LEU D 289 -10.17 30.56 8.81
C LEU D 289 -9.22 29.70 7.96
N ALA D 290 -7.92 29.77 8.25
CA ALA D 290 -6.83 29.09 7.51
C ALA D 290 -7.12 27.60 7.39
N VAL D 291 -7.59 26.96 8.46
CA VAL D 291 -7.81 25.48 8.55
C VAL D 291 -9.12 25.12 7.83
N ARG D 292 -10.16 25.94 7.96
CA ARG D 292 -11.42 25.75 7.21
C ARG D 292 -11.11 25.82 5.70
N GLU D 293 -10.19 26.69 5.29
CA GLU D 293 -9.81 26.92 3.87
C GLU D 293 -8.90 25.78 3.39
N ALA D 294 -8.23 25.07 4.30
CA ALA D 294 -7.45 23.86 4.01
C ALA D 294 -8.40 22.68 3.75
N CYS D 295 -9.49 22.59 4.52
CA CYS D 295 -10.51 21.50 4.43
C CYS D 295 -11.35 21.64 3.16
N ASP D 296 -11.68 22.86 2.75
CA ASP D 296 -12.34 23.14 1.45
C ASP D 296 -11.46 22.57 0.34
N PHE D 297 -10.15 22.84 0.40
CA PHE D 297 -9.14 22.39 -0.59
C PHE D 297 -9.11 20.86 -0.62
N ALA D 298 -9.07 20.23 0.56
CA ALA D 298 -9.15 18.76 0.70
C ALA D 298 -10.41 18.25 -0.01
N ALA D 299 -11.57 18.83 0.31
CA ALA D 299 -12.89 18.44 -0.24
C ALA D 299 -12.86 18.51 -1.77
N GLN D 300 -12.17 19.52 -2.33
CA GLN D 300 -12.03 19.71 -3.80
C GLN D 300 -11.17 18.56 -4.36
N LEU D 301 -9.99 18.35 -3.78
CA LEU D 301 -9.03 17.30 -4.21
C LEU D 301 -9.73 15.94 -4.19
N LEU D 302 -10.44 15.61 -3.10
CA LEU D 302 -11.26 14.37 -2.98
C LEU D 302 -12.31 14.34 -4.10
N SER D 303 -12.96 15.47 -4.38
CA SER D 303 -14.03 15.60 -5.39
C SER D 303 -13.47 15.32 -6.78
N MSE D 304 -12.21 15.67 -7.00
CA MSE D 304 -11.56 15.39 -8.27
C MSE D 304 -11.29 13.89 -8.39
O MSE D 304 -11.39 13.33 -9.49
CB MSE D 304 -10.27 16.20 -8.38
CG MSE D 304 -10.52 17.68 -8.58
SE MSE D 304 -8.86 18.70 -8.51
CE MSE D 304 -9.00 19.98 -10.02
N ARG D 305 -10.98 13.24 -7.28
CA ARG D 305 -10.76 11.81 -7.28
C ARG D 305 -12.10 11.09 -7.48
N ILE D 306 -13.12 11.47 -6.70
CA ILE D 306 -14.49 10.87 -6.79
C ILE D 306 -14.93 10.84 -8.27
N ALA D 307 -14.60 11.89 -9.04
CA ALA D 307 -14.97 12.04 -10.46
C ALA D 307 -14.14 11.11 -11.35
N MSE D 308 -12.83 11.03 -11.06
CA MSE D 308 -11.91 10.27 -11.89
C MSE D 308 -12.13 8.78 -11.68
O MSE D 308 -11.89 8.02 -12.61
CB MSE D 308 -10.47 10.61 -11.51
CG MSE D 308 -9.95 11.91 -12.10
SE MSE D 308 -8.18 12.31 -11.33
CE MSE D 308 -6.78 11.44 -12.42
N GLU D 309 -12.47 8.37 -10.45
CA GLU D 309 -12.80 6.99 -10.17
C GLU D 309 -13.88 6.51 -11.14
N GLN D 310 -15.09 7.08 -11.01
CA GLN D 310 -16.29 6.70 -11.81
C GLN D 310 -15.92 6.59 -13.30
N SER D 311 -14.99 7.42 -13.77
CA SER D 311 -14.57 7.50 -15.19
C SER D 311 -13.59 6.38 -15.53
N SER D 312 -12.40 6.36 -14.92
CA SER D 312 -11.30 5.43 -15.26
C SER D 312 -11.72 3.98 -15.00
N GLN D 313 -12.70 3.78 -14.12
CA GLN D 313 -13.35 2.46 -13.88
C GLN D 313 -14.15 2.09 -15.13
N ASP D 314 -15.11 2.94 -15.49
CA ASP D 314 -15.98 2.84 -16.70
C ASP D 314 -15.12 2.70 -17.96
N ALA D 315 -13.96 3.35 -18.00
CA ALA D 315 -13.04 3.39 -19.16
C ALA D 315 -12.46 1.99 -19.39
N SER D 316 -11.86 1.41 -18.34
CA SER D 316 -11.25 0.05 -18.33
C SER D 316 -12.29 -1.01 -18.73
N ARG D 317 -13.55 -0.76 -18.35
CA ARG D 317 -14.68 -1.72 -18.46
C ARG D 317 -15.10 -1.88 -19.92
N ARG D 318 -15.24 -0.77 -20.66
CA ARG D 318 -15.60 -0.76 -22.10
C ARG D 318 -14.58 -1.60 -22.91
N VAL D 319 -13.29 -1.43 -22.60
CA VAL D 319 -12.16 -2.14 -23.26
C VAL D 319 -12.30 -3.64 -22.97
N GLU D 320 -12.47 -4.00 -21.69
CA GLU D 320 -12.55 -5.40 -21.19
C GLU D 320 -13.73 -6.12 -21.85
N LEU D 321 -14.86 -5.43 -22.01
CA LEU D 321 -16.12 -5.97 -22.61
C LEU D 321 -16.02 -5.99 -24.14
N GLY D 322 -15.21 -5.10 -24.72
CA GLY D 322 -14.92 -5.07 -26.16
C GLY D 322 -14.19 -6.35 -26.61
N HIS D 323 -13.09 -6.66 -25.92
CA HIS D 323 -12.23 -7.86 -26.17
C HIS D 323 -13.08 -9.13 -26.20
N ILE D 324 -14.10 -9.19 -25.33
CA ILE D 324 -15.10 -10.30 -25.24
C ILE D 324 -15.97 -10.29 -26.50
N GLN D 325 -16.70 -9.19 -26.74
CA GLN D 325 -17.59 -8.99 -27.91
C GLN D 325 -16.88 -9.41 -29.20
N ALA D 326 -15.57 -9.12 -29.30
CA ALA D 326 -14.69 -9.57 -30.40
C ALA D 326 -14.76 -11.11 -30.50
N ARG D 327 -14.40 -11.79 -29.41
CA ARG D 327 -14.30 -13.28 -29.33
C ARG D 327 -15.66 -13.91 -29.65
N LEU D 328 -16.75 -13.32 -29.15
CA LEU D 328 -18.13 -13.81 -29.37
C LEU D 328 -18.51 -13.65 -30.85
N LEU D 329 -18.12 -12.54 -31.48
CA LEU D 329 -18.44 -12.24 -32.91
C LEU D 329 -17.58 -13.16 -33.80
N LYS D 330 -16.29 -13.32 -33.46
CA LYS D 330 -15.36 -14.23 -34.17
C LYS D 330 -15.93 -15.67 -34.18
N GLY D 331 -16.32 -16.17 -33.00
CA GLY D 331 -16.86 -17.53 -32.80
C GLY D 331 -18.18 -17.74 -33.54
N MSE D 332 -19.07 -16.74 -33.47
CA MSE D 332 -20.38 -16.83 -34.08
C MSE D 332 -20.30 -16.86 -35.60
O MSE D 332 -21.20 -17.37 -36.25
CB MSE D 332 -21.25 -15.64 -33.66
CG MSE D 332 -22.04 -15.87 -32.40
SE MSE D 332 -23.39 -14.51 -32.16
CE MSE D 332 -22.43 -12.85 -31.70
N ALA D 333 -19.21 -16.29 -36.15
CA ALA D 333 -18.99 -16.25 -37.58
C ALA D 333 -18.32 -17.54 -38.05
N ALA D 334 -17.32 -18.04 -37.31
CA ALA D 334 -16.44 -19.17 -37.68
C ALA D 334 -17.17 -20.51 -37.60
N ALA D 335 -18.06 -20.68 -36.61
CA ALA D 335 -18.85 -21.92 -36.38
C ALA D 335 -19.95 -22.06 -37.43
N GLU D 336 -20.43 -23.29 -37.65
CA GLU D 336 -21.42 -23.65 -38.70
C GLU D 336 -22.80 -23.07 -38.31
N LYS D 337 -23.28 -23.39 -37.12
CA LYS D 337 -24.51 -22.81 -36.50
C LYS D 337 -24.08 -21.65 -35.60
N TRP D 338 -24.65 -20.46 -35.81
CA TRP D 338 -24.23 -19.19 -35.15
C TRP D 338 -24.31 -19.35 -33.63
N VAL D 339 -25.33 -20.06 -33.14
CA VAL D 339 -25.64 -20.22 -31.68
C VAL D 339 -24.44 -20.82 -30.95
N ASP D 340 -23.63 -21.65 -31.62
CA ASP D 340 -22.46 -22.37 -31.02
C ASP D 340 -21.30 -21.40 -30.77
N GLY D 341 -21.35 -20.17 -31.29
CA GLY D 341 -20.39 -19.11 -30.96
C GLY D 341 -20.55 -18.63 -29.52
N LEU D 342 -21.73 -18.88 -28.92
CA LEU D 342 -22.09 -18.49 -27.53
C LEU D 342 -22.00 -19.69 -26.59
N LEU D 343 -22.56 -20.84 -26.99
CA LEU D 343 -22.77 -22.04 -26.12
C LEU D 343 -21.83 -23.19 -26.53
N GLY D 344 -21.04 -23.01 -27.59
CA GLY D 344 -20.25 -24.09 -28.22
C GLY D 344 -19.37 -24.83 -27.22
N GLY D 345 -18.38 -24.14 -26.63
CA GLY D 345 -17.39 -24.72 -25.72
C GLY D 345 -17.44 -24.14 -24.32
N GLU D 346 -16.46 -24.50 -23.48
CA GLU D 346 -16.32 -24.05 -22.07
C GLU D 346 -15.99 -22.55 -22.04
N GLY D 347 -15.07 -22.13 -22.91
CA GLY D 347 -14.63 -20.73 -23.07
C GLY D 347 -15.73 -19.84 -23.61
N GLU D 348 -16.47 -20.31 -24.63
CA GLU D 348 -17.59 -19.58 -25.28
C GLU D 348 -18.69 -19.30 -24.24
N ARG D 349 -19.13 -20.36 -23.54
CA ARG D 349 -20.18 -20.29 -22.49
C ARG D 349 -19.74 -19.32 -21.38
N GLU D 350 -18.43 -19.24 -21.12
CA GLU D 350 -17.83 -18.35 -20.10
C GLU D 350 -17.81 -16.90 -20.61
N ASP D 351 -17.55 -16.70 -21.90
CA ASP D 351 -17.56 -15.36 -22.53
C ASP D 351 -19.00 -14.83 -22.53
N LEU D 352 -19.96 -15.61 -23.06
CA LEU D 352 -21.40 -15.23 -23.08
C LEU D 352 -21.79 -14.62 -21.73
N LEU D 353 -21.37 -15.22 -20.62
CA LEU D 353 -21.71 -14.75 -19.25
C LEU D 353 -20.93 -13.47 -18.90
N LYS D 354 -19.61 -13.44 -19.16
CA LYS D 354 -18.71 -12.32 -18.79
C LYS D 354 -19.04 -11.06 -19.62
N GLN D 355 -19.75 -11.20 -20.75
CA GLN D 355 -20.06 -10.11 -21.72
C GLN D 355 -20.91 -9.01 -21.07
N VAL D 356 -21.63 -9.33 -19.99
CA VAL D 356 -22.40 -8.33 -19.17
C VAL D 356 -22.12 -8.57 -17.69
N GLY D 357 -21.09 -9.35 -17.36
CA GLY D 357 -20.78 -9.80 -15.99
C GLY D 357 -22.00 -10.44 -15.34
N ALA D 358 -22.59 -11.41 -16.02
CA ALA D 358 -23.79 -12.14 -15.58
C ALA D 358 -23.36 -13.47 -14.94
N ASP D 359 -24.19 -14.02 -14.05
CA ASP D 359 -23.96 -15.36 -13.44
C ASP D 359 -24.66 -16.42 -14.29
N GLY D 360 -25.65 -16.04 -15.08
CA GLY D 360 -26.44 -16.99 -15.90
C GLY D 360 -26.93 -16.36 -17.18
N ALA D 361 -27.23 -17.20 -18.19
CA ALA D 361 -27.77 -16.81 -19.50
C ALA D 361 -28.76 -17.88 -19.97
N ALA D 362 -29.85 -17.45 -20.63
CA ALA D 362 -30.81 -18.33 -21.31
C ALA D 362 -30.92 -17.88 -22.77
N LEU D 363 -30.53 -18.74 -23.71
CA LEU D 363 -30.64 -18.48 -25.17
C LEU D 363 -31.81 -19.30 -25.71
N VAL D 364 -33.01 -18.69 -25.73
CA VAL D 364 -34.27 -19.32 -26.23
C VAL D 364 -34.36 -19.10 -27.75
N LEU D 365 -34.76 -20.15 -28.48
CA LEU D 365 -34.97 -20.12 -29.95
C LEU D 365 -36.26 -20.87 -30.27
N GLY D 366 -37.40 -20.24 -30.00
CA GLY D 366 -38.74 -20.89 -30.10
C GLY D 366 -38.99 -21.77 -28.89
N ASP D 367 -39.01 -23.09 -29.08
CA ASP D 367 -39.19 -24.11 -28.02
C ASP D 367 -37.85 -24.83 -27.78
N ASP D 368 -36.73 -24.12 -27.98
CA ASP D 368 -35.35 -24.69 -27.96
C ASP D 368 -34.52 -23.88 -26.95
N TYR D 369 -34.69 -24.20 -25.66
CA TYR D 369 -34.05 -23.51 -24.50
C TYR D 369 -32.63 -24.03 -24.33
N GLU D 370 -31.71 -23.13 -23.97
CA GLU D 370 -30.31 -23.46 -23.61
C GLU D 370 -29.91 -22.58 -22.43
N LEU D 371 -29.93 -23.14 -21.21
CA LEU D 371 -29.57 -22.44 -19.96
C LEU D 371 -28.06 -22.54 -19.76
N VAL D 372 -27.42 -21.46 -19.30
CA VAL D 372 -25.95 -21.38 -19.01
C VAL D 372 -25.77 -20.86 -17.59
N GLY D 373 -24.79 -21.39 -16.85
CA GLY D 373 -24.45 -20.95 -15.47
C GLY D 373 -25.59 -21.16 -14.49
N ASN D 374 -25.95 -20.12 -13.74
CA ASN D 374 -27.04 -20.11 -12.74
C ASN D 374 -28.25 -19.36 -13.30
N THR D 375 -29.28 -20.09 -13.74
CA THR D 375 -30.56 -19.55 -14.29
C THR D 375 -31.74 -20.01 -13.45
N PRO D 376 -32.92 -19.37 -13.58
CA PRO D 376 -34.17 -19.98 -13.12
C PRO D 376 -34.53 -21.14 -14.06
N SER D 377 -35.48 -21.99 -13.68
CA SER D 377 -35.86 -23.21 -14.41
C SER D 377 -36.49 -22.82 -15.76
N ARG D 378 -36.51 -23.76 -16.70
CA ARG D 378 -37.20 -23.63 -18.02
C ARG D 378 -38.60 -23.06 -17.78
N GLU D 379 -39.40 -23.74 -16.94
CA GLU D 379 -40.81 -23.37 -16.59
C GLU D 379 -40.87 -21.90 -16.13
N GLN D 380 -39.86 -21.46 -15.38
CA GLN D 380 -39.77 -20.09 -14.82
C GLN D 380 -39.43 -19.08 -15.94
N VAL D 381 -38.58 -19.48 -16.90
CA VAL D 381 -38.10 -18.62 -18.03
C VAL D 381 -39.21 -18.51 -19.07
N GLU D 382 -39.84 -19.63 -19.43
CA GLU D 382 -41.06 -19.67 -20.30
C GLU D 382 -42.02 -18.57 -19.84
N GLU D 383 -42.38 -18.59 -18.56
CA GLU D 383 -43.35 -17.66 -17.92
C GLU D 383 -42.76 -16.24 -17.89
N LEU D 384 -41.43 -16.10 -17.77
CA LEU D 384 -40.71 -14.81 -17.86
C LEU D 384 -40.89 -14.26 -19.28
N ILE D 385 -40.56 -15.06 -20.30
CA ILE D 385 -40.65 -14.66 -21.73
C ILE D 385 -42.09 -14.28 -22.09
N LEU D 386 -43.09 -14.92 -21.47
CA LEU D 386 -44.53 -14.63 -21.70
C LEU D 386 -44.85 -13.19 -21.27
N TRP D 387 -44.12 -12.66 -20.28
CA TRP D 387 -44.34 -11.31 -19.68
C TRP D 387 -43.49 -10.25 -20.42
N LEU D 388 -42.29 -10.61 -20.87
CA LEU D 388 -41.41 -9.72 -21.69
C LEU D 388 -42.06 -9.48 -23.05
N GLY D 389 -42.90 -10.41 -23.51
CA GLY D 389 -43.68 -10.27 -24.75
C GLY D 389 -44.70 -9.14 -24.67
N GLU D 390 -45.17 -8.80 -23.46
CA GLU D 390 -46.21 -7.78 -23.21
C GLU D 390 -45.61 -6.39 -22.94
N ARG D 391 -44.28 -6.25 -23.01
CA ARG D 391 -43.57 -4.93 -22.88
C ARG D 391 -43.26 -4.39 -24.28
N GLU D 392 -42.88 -3.10 -24.38
CA GLU D 392 -42.32 -2.46 -25.61
C GLU D 392 -40.79 -2.48 -25.50
N ILE D 393 -40.12 -3.37 -26.25
CA ILE D 393 -38.63 -3.56 -26.20
C ILE D 393 -38.04 -3.44 -27.60
N ALA D 394 -37.86 -2.19 -28.07
CA ALA D 394 -37.23 -1.82 -29.36
C ALA D 394 -35.70 -1.87 -29.22
N ASP D 395 -35.20 -1.78 -27.98
CA ASP D 395 -33.77 -1.91 -27.61
C ASP D 395 -33.62 -3.24 -26.84
N VAL D 396 -33.38 -3.19 -25.52
CA VAL D 396 -33.25 -4.39 -24.63
C VAL D 396 -33.92 -4.04 -23.29
N PHE D 397 -34.62 -4.98 -22.65
CA PHE D 397 -35.16 -4.81 -21.28
C PHE D 397 -34.06 -5.13 -20.26
N ALA D 398 -33.93 -4.31 -19.23
CA ALA D 398 -32.97 -4.48 -18.13
C ALA D 398 -33.55 -3.93 -16.82
N THR D 399 -32.99 -4.33 -15.68
CA THR D 399 -33.52 -4.06 -14.31
C THR D 399 -32.61 -4.79 -13.32
N ASP D 400 -32.43 -4.24 -12.11
CA ASP D 400 -31.72 -4.91 -10.99
C ASP D 400 -32.71 -5.15 -9.84
N ASN D 401 -34.01 -5.20 -10.18
CA ASN D 401 -35.15 -5.48 -9.25
C ASN D 401 -36.34 -5.97 -10.09
N LEU D 402 -36.12 -7.06 -10.85
CA LEU D 402 -37.14 -7.72 -11.72
C LEU D 402 -38.39 -8.03 -10.90
N ALA D 403 -38.22 -8.37 -9.63
CA ALA D 403 -39.32 -8.64 -8.66
C ALA D 403 -40.28 -7.43 -8.62
N GLY D 404 -39.74 -6.21 -8.48
CA GLY D 404 -40.50 -4.95 -8.43
C GLY D 404 -41.35 -4.72 -9.67
N ASN D 405 -40.91 -5.26 -10.82
CA ASN D 405 -41.60 -5.13 -12.13
C ASN D 405 -42.52 -6.34 -12.33
N TYR D 406 -42.03 -7.54 -11.98
CA TYR D 406 -42.69 -8.86 -12.21
C TYR D 406 -42.76 -9.60 -10.88
N PRO D 407 -43.69 -9.22 -9.97
CA PRO D 407 -43.77 -9.78 -8.62
C PRO D 407 -43.60 -11.31 -8.48
N THR D 408 -44.00 -12.07 -9.51
CA THR D 408 -43.99 -13.56 -9.51
C THR D 408 -42.55 -14.09 -9.61
N ALA D 409 -41.60 -13.23 -10.02
CA ALA D 409 -40.17 -13.57 -10.18
C ALA D 409 -39.38 -13.22 -8.91
N ALA D 410 -40.07 -13.05 -7.78
CA ALA D 410 -39.48 -12.99 -6.44
C ALA D 410 -39.23 -14.42 -5.96
N ALA D 411 -39.95 -15.38 -6.55
CA ALA D 411 -39.84 -16.82 -6.27
C ALA D 411 -38.42 -17.32 -6.62
N TYR D 412 -37.76 -16.68 -7.59
CA TYR D 412 -36.39 -17.04 -8.05
C TYR D 412 -35.45 -15.82 -7.96
N ALA D 413 -35.64 -14.97 -6.94
CA ALA D 413 -34.83 -13.76 -6.66
C ALA D 413 -33.37 -14.16 -6.44
N SER D 414 -33.14 -15.18 -5.60
CA SER D 414 -31.81 -15.72 -5.25
C SER D 414 -30.92 -15.85 -6.51
N VAL D 415 -31.52 -16.19 -7.65
CA VAL D 415 -30.78 -16.52 -8.92
C VAL D 415 -30.99 -15.44 -9.99
N ALA D 416 -32.16 -14.78 -10.06
CA ALA D 416 -32.47 -13.71 -11.05
C ALA D 416 -33.28 -12.57 -10.40
N SER D 417 -32.58 -11.64 -9.75
CA SER D 417 -33.09 -10.32 -9.30
C SER D 417 -32.76 -9.26 -10.37
N GLY D 418 -31.74 -9.54 -11.18
CA GLY D 418 -31.30 -8.72 -12.31
C GLY D 418 -31.32 -9.52 -13.59
N ILE D 419 -31.97 -8.99 -14.63
CA ILE D 419 -31.95 -9.59 -16.00
C ILE D 419 -31.66 -8.47 -17.01
N ILE D 420 -30.88 -8.78 -18.03
CA ILE D 420 -30.85 -8.09 -19.36
C ILE D 420 -31.53 -9.04 -20.37
N ALA D 421 -32.84 -8.85 -20.59
CA ALA D 421 -33.62 -9.57 -21.61
C ALA D 421 -33.47 -8.87 -22.95
N MSE D 422 -33.53 -9.65 -24.04
CA MSE D 422 -33.18 -9.17 -25.36
C MSE D 422 -33.78 -10.11 -26.42
O MSE D 422 -33.45 -11.29 -26.46
CB MSE D 422 -31.65 -9.10 -25.49
N ARG D 423 -34.68 -9.57 -27.25
CA ARG D 423 -35.32 -10.33 -28.30
C ARG D 423 -34.38 -10.35 -29.52
N VAL D 424 -34.17 -11.51 -30.12
CA VAL D 424 -33.47 -11.64 -31.44
C VAL D 424 -34.51 -11.80 -32.56
N SER D 425 -35.77 -12.05 -32.22
CA SER D 425 -36.90 -12.25 -33.18
C SER D 425 -38.24 -12.26 -32.44
N GLU D 426 -39.28 -11.61 -33.00
CA GLU D 426 -40.67 -11.59 -32.49
C GLU D 426 -41.46 -12.72 -33.16
N LEU D 427 -41.33 -12.86 -34.48
CA LEU D 427 -42.07 -13.88 -35.28
C LEU D 427 -41.43 -15.26 -35.09
N HIS D 428 -40.16 -15.33 -34.68
CA HIS D 428 -39.36 -16.58 -34.49
C HIS D 428 -39.44 -17.08 -33.05
N GLY D 429 -39.82 -16.23 -32.09
CA GLY D 429 -40.07 -16.62 -30.67
C GLY D 429 -38.76 -16.89 -29.90
N SER D 430 -37.79 -16.00 -30.11
CA SER D 430 -36.34 -16.25 -29.83
C SER D 430 -35.76 -15.10 -28.99
N TRP D 431 -35.08 -15.43 -27.88
CA TRP D 431 -34.51 -14.44 -26.92
C TRP D 431 -33.07 -14.79 -26.53
N LEU D 432 -32.38 -13.82 -25.93
CA LEU D 432 -31.14 -14.00 -25.13
C LEU D 432 -31.26 -13.14 -23.86
N ILE D 433 -31.51 -13.78 -22.72
CA ILE D 433 -31.62 -13.13 -21.38
C ILE D 433 -30.34 -13.44 -20.59
N TRP D 434 -29.82 -12.43 -19.87
CA TRP D 434 -28.74 -12.59 -18.84
C TRP D 434 -29.35 -12.46 -17.44
N PHE D 435 -28.96 -13.36 -16.54
CA PHE D 435 -29.46 -13.42 -15.15
C PHE D 435 -28.35 -12.98 -14.19
N ARG D 436 -28.77 -12.37 -13.09
CA ARG D 436 -27.89 -11.82 -12.04
C ARG D 436 -28.57 -12.02 -10.70
N PRO D 437 -27.84 -12.57 -9.69
CA PRO D 437 -28.49 -13.03 -8.46
C PRO D 437 -28.75 -11.88 -7.48
N GLU D 438 -29.81 -12.01 -6.68
CA GLU D 438 -30.08 -11.16 -5.50
C GLU D 438 -28.77 -10.97 -4.74
N VAL D 439 -28.41 -9.72 -4.44
CA VAL D 439 -27.39 -9.38 -3.42
C VAL D 439 -28.14 -8.76 -2.24
N ILE D 440 -28.27 -9.54 -1.16
CA ILE D 440 -28.74 -9.03 0.15
C ILE D 440 -27.69 -8.01 0.59
N LYS D 441 -28.13 -6.89 1.16
CA LYS D 441 -27.28 -6.08 2.05
C LYS D 441 -28.16 -5.56 3.19
N THR D 442 -27.73 -5.80 4.43
CA THR D 442 -28.32 -5.20 5.65
C THR D 442 -28.01 -3.71 5.61
N VAL D 443 -29.03 -2.88 5.82
CA VAL D 443 -28.90 -1.40 5.89
C VAL D 443 -29.21 -1.00 7.32
N ARG D 444 -28.24 -0.34 7.96
CA ARG D 444 -28.32 0.10 9.38
C ARG D 444 -28.57 1.61 9.35
N TRP D 445 -29.76 2.01 9.81
CA TRP D 445 -30.27 3.41 9.69
C TRP D 445 -29.87 4.20 10.94
N GLY D 446 -29.82 5.54 10.83
CA GLY D 446 -29.59 6.42 11.99
C GLY D 446 -30.62 6.18 13.07
N GLY D 447 -31.90 6.41 12.77
CA GLY D 447 -33.05 6.02 13.62
C GLY D 447 -34.10 5.29 12.79
N ASP D 448 -35.38 5.52 13.08
CA ASP D 448 -36.51 5.11 12.21
C ASP D 448 -36.61 6.09 11.06
N PRO D 449 -36.99 5.62 9.83
CA PRO D 449 -36.72 6.36 8.60
C PRO D 449 -37.66 7.54 8.32
N LYS D 463 -34.61 11.68 19.34
CA LYS D 463 -33.49 11.75 20.32
C LYS D 463 -32.54 10.56 20.12
N SER D 464 -33.02 9.45 19.55
CA SER D 464 -32.30 8.15 19.42
C SER D 464 -31.77 7.95 18.00
N PHE D 465 -30.47 7.64 17.87
CA PHE D 465 -29.79 7.28 16.61
C PHE D 465 -29.31 5.82 16.65
N GLU D 466 -30.04 4.96 17.36
CA GLU D 466 -29.71 3.53 17.59
C GLU D 466 -29.95 2.74 16.29
N ILE D 467 -28.97 1.93 15.88
CA ILE D 467 -28.95 1.20 14.58
C ILE D 467 -30.28 0.45 14.39
N TRP D 468 -31.18 1.02 13.59
CA TRP D 468 -32.40 0.36 13.03
C TRP D 468 -32.04 -0.40 11.75
N LYS D 469 -32.21 -1.72 11.76
CA LYS D 469 -31.77 -2.66 10.68
C LYS D 469 -32.87 -2.84 9.64
N GLU D 470 -32.53 -3.37 8.46
CA GLU D 470 -33.47 -3.83 7.39
C GLU D 470 -32.65 -4.49 6.27
N GLN D 471 -33.18 -5.55 5.67
CA GLN D 471 -32.52 -6.28 4.55
C GLN D 471 -33.01 -5.67 3.24
N LEU D 472 -32.12 -5.32 2.31
CA LEU D 472 -32.53 -5.01 0.91
C LEU D 472 -32.52 -6.31 0.09
N ARG D 473 -33.70 -6.74 -0.36
CA ARG D 473 -33.94 -8.06 -0.98
C ARG D 473 -34.21 -7.87 -2.48
N ASN D 474 -34.25 -8.96 -3.23
CA ASN D 474 -34.82 -9.04 -4.60
C ASN D 474 -34.09 -8.08 -5.55
N THR D 475 -32.91 -7.59 -5.17
CA THR D 475 -32.15 -6.54 -5.91
C THR D 475 -30.73 -7.03 -6.17
N SER D 476 -30.37 -7.18 -7.45
CA SER D 476 -29.04 -7.64 -7.93
C SER D 476 -28.03 -6.50 -7.85
N PHE D 477 -26.76 -6.78 -8.13
CA PHE D 477 -25.72 -5.75 -8.34
C PHE D 477 -26.12 -4.96 -9.58
N PRO D 478 -26.02 -3.60 -9.55
CA PRO D 478 -26.58 -2.78 -10.63
C PRO D 478 -25.86 -2.95 -11.98
N TRP D 479 -26.61 -2.84 -13.07
CA TRP D 479 -26.10 -2.96 -14.45
C TRP D 479 -25.35 -1.68 -14.82
N SER D 480 -24.04 -1.77 -15.03
CA SER D 480 -23.18 -0.64 -15.46
C SER D 480 -23.58 -0.24 -16.89
N GLU D 481 -23.27 0.99 -17.30
CA GLU D 481 -23.65 1.50 -18.64
C GLU D 481 -22.78 0.82 -19.71
N PRO D 482 -21.48 0.52 -19.46
CA PRO D 482 -20.68 -0.25 -20.41
C PRO D 482 -21.20 -1.68 -20.62
N GLU D 483 -21.88 -2.23 -19.62
CA GLU D 483 -22.47 -3.60 -19.66
C GLU D 483 -23.67 -3.60 -20.61
N LEU D 484 -24.62 -2.67 -20.41
CA LEU D 484 -25.84 -2.57 -21.26
C LEU D 484 -25.41 -2.34 -22.71
N ALA D 485 -24.47 -1.41 -22.90
CA ALA D 485 -23.92 -1.01 -24.22
C ALA D 485 -23.26 -2.21 -24.91
N ALA D 486 -22.61 -3.08 -24.14
CA ALA D 486 -21.99 -4.33 -24.65
C ALA D 486 -23.08 -5.30 -25.10
N ALA D 487 -24.21 -5.33 -24.38
CA ALA D 487 -25.40 -6.13 -24.72
C ALA D 487 -26.04 -5.57 -26.00
N ARG D 488 -26.38 -4.28 -26.01
CA ARG D 488 -26.95 -3.58 -27.20
C ARG D 488 -26.15 -4.02 -28.44
N GLU D 489 -24.82 -3.92 -28.36
CA GLU D 489 -23.88 -4.31 -29.45
C GLU D 489 -24.18 -5.74 -29.87
N LEU D 490 -23.99 -6.71 -28.97
CA LEU D 490 -24.10 -8.17 -29.26
C LEU D 490 -25.41 -8.47 -29.99
N ARG D 491 -26.50 -7.80 -29.64
CA ARG D 491 -27.82 -7.93 -30.31
C ARG D 491 -27.67 -7.65 -31.81
N GLY D 492 -27.20 -6.46 -32.15
CA GLY D 492 -26.79 -6.12 -33.53
C GLY D 492 -26.11 -7.30 -34.19
N ALA D 493 -25.04 -7.82 -33.57
CA ALA D 493 -24.19 -8.92 -34.10
C ALA D 493 -25.04 -10.16 -34.37
N ILE D 494 -25.88 -10.56 -33.41
CA ILE D 494 -26.75 -11.76 -33.55
C ILE D 494 -27.73 -11.50 -34.70
N ILE D 495 -28.54 -10.43 -34.57
CA ILE D 495 -29.61 -10.06 -35.54
C ILE D 495 -29.00 -9.99 -36.95
N GLY D 496 -27.75 -9.55 -37.06
CA GLY D 496 -26.99 -9.41 -38.33
C GLY D 496 -26.61 -10.76 -38.93
N ILE D 497 -26.28 -11.74 -38.10
CA ILE D 497 -25.87 -13.11 -38.55
C ILE D 497 -27.13 -13.89 -38.93
N VAL D 498 -28.27 -13.58 -38.30
CA VAL D 498 -29.61 -14.19 -38.62
C VAL D 498 -30.03 -13.76 -40.04
N LEU D 499 -29.71 -12.53 -40.44
CA LEU D 499 -29.91 -12.03 -41.83
C LEU D 499 -28.89 -12.68 -42.79
N ARG D 500 -27.59 -12.63 -42.48
CA ARG D 500 -26.53 -13.27 -43.31
C ARG D 500 -26.91 -14.74 -43.57
N LYS D 501 -27.53 -15.41 -42.59
CA LYS D 501 -28.11 -16.78 -42.75
C LYS D 501 -29.48 -16.66 -43.43
N THR D 502 -29.47 -16.33 -44.73
CA THR D 502 -30.65 -16.24 -45.63
C THR D 502 -30.25 -16.81 -46.99
N GLU D 503 -30.82 -17.98 -47.34
CA GLU D 503 -30.45 -18.80 -48.51
C GLU D 503 -31.60 -19.77 -48.83
O2A JQ2 E . -14.41 -21.44 18.59
CGA JQ2 E . -14.61 -20.30 19.06
O1A JQ2 E . -14.68 -19.23 18.42
CBA JQ2 E . -14.88 -20.21 20.56
CAA JQ2 E . -13.67 -19.69 21.37
C2A JQ2 E . -14.17 -18.52 22.24
C3A JQ2 E . -14.28 -17.26 21.79
CEA JQ2 E . -13.90 -16.88 20.50
CEB JQ2 E . -14.94 -15.97 19.85
N_B JQ2 E . -14.85 -14.61 20.42
C4B JQ2 E . -14.69 -13.48 19.75
O_B JQ2 E . -14.60 -13.38 18.52
C3B JQ2 E . -14.65 -12.47 20.61
CAB JQ2 E . -14.50 -11.19 20.29
CBB JQ2 E . -15.73 -10.32 20.01
C2B JQ2 E . -14.77 -12.98 21.83
CMB JQ2 E . -14.76 -12.13 23.12
C1B JQ2 E . -14.89 -14.31 21.74
CHB JQ2 E . -15.02 -15.15 22.79
C4A JQ2 E . -14.75 -16.52 22.80
N_A JQ2 E . -14.96 -17.32 23.86
C1A JQ2 E . -14.61 -18.57 23.52
CHA JQ2 E . -14.47 -19.70 24.29
C4D JQ2 E . -14.99 -19.96 25.51
N_D JQ2 E . -15.75 -19.21 26.34
C3D JQ2 E . -14.76 -21.13 26.13
CAD JQ2 E . -13.97 -22.35 25.63
CBD JQ2 E . -14.88 -23.23 24.78
CGD JQ2 E . -14.29 -24.63 24.50
O1D JQ2 E . -13.49 -24.73 23.54
O2D JQ2 E . -14.68 -25.57 25.23
C2D JQ2 E . -15.38 -21.11 27.30
CMD JQ2 E . -15.37 -22.27 28.31
C1D JQ2 E . -16.00 -19.94 27.45
CHD JQ2 E . -16.72 -19.60 28.62
C4C JQ2 E . -17.27 -18.39 28.86
N_C JQ2 E . -17.30 -17.36 28.01
C1C JQ2 E . -17.96 -16.37 28.60
O_C JQ2 E . -18.18 -15.25 28.18
C2C JQ2 E . -18.35 -16.80 29.83
CMC JQ2 E . -19.16 -16.06 30.91
C3C JQ2 E . -17.95 -18.05 29.98
CAC JQ2 E . -18.19 -18.89 31.24
CBC JQ2 E . -16.91 -19.48 31.86
O2A JQ2 F . 21.97 -20.80 -10.68
CGA JQ2 F . 23.06 -20.69 -10.07
O1A JQ2 F . 23.50 -21.53 -9.24
CBA JQ2 F . 23.94 -19.48 -10.38
CAA JQ2 F . 24.34 -18.70 -9.12
C2A JQ2 F . 25.81 -18.97 -8.75
C3A JQ2 F . 26.19 -19.83 -7.81
CEA JQ2 F . 25.28 -20.58 -7.04
CEB JQ2 F . 25.76 -22.01 -6.87
N_B JQ2 F . 26.83 -22.03 -5.85
C4B JQ2 F . 26.83 -22.69 -4.71
O_B JQ2 F . 25.92 -23.43 -4.32
C3B JQ2 F . 27.95 -22.45 -4.07
CAB JQ2 F . 28.29 -22.95 -2.88
CBB JQ2 F . 29.34 -24.03 -2.79
C2B JQ2 F . 28.67 -21.60 -4.81
CMB JQ2 F . 30.04 -21.07 -4.40
C1B JQ2 F . 27.97 -21.34 -5.92
CHB JQ2 F . 28.38 -20.53 -6.91
C4A JQ2 F . 27.52 -19.79 -7.75
N_A JQ2 F . 27.97 -18.93 -8.67
C1A JQ2 F . 26.90 -18.40 -9.29
CHA JQ2 F . 26.84 -17.44 -10.26
C4D JQ2 F . 27.85 -16.82 -10.93
N_D JQ2 F . 29.21 -16.93 -10.85
C3D JQ2 F . 27.61 -15.89 -11.86
CAD JQ2 F . 26.23 -15.38 -12.32
CBD JQ2 F . 25.54 -16.39 -13.23
CGD JQ2 F . 24.24 -15.78 -13.76
O1D JQ2 F . 23.44 -15.28 -12.95
O2D JQ2 F . 24.06 -15.82 -15.00
C2D JQ2 F . 28.75 -15.43 -12.35
CMD JQ2 F . 28.89 -14.35 -13.44
C1D JQ2 F . 29.74 -16.07 -11.73
CHD JQ2 F . 31.08 -15.80 -12.02
C4C JQ2 F . 32.10 -16.54 -11.57
N_C JQ2 F . 31.96 -17.67 -10.86
C1C JQ2 F . 33.20 -18.11 -10.65
O_C JQ2 F . 33.50 -19.12 -10.02
C2C JQ2 F . 34.10 -17.27 -11.24
CMC JQ2 F . 35.62 -17.32 -11.26
C3C JQ2 F . 33.41 -16.28 -11.80
CAC JQ2 F . 33.99 -15.08 -12.58
CBC JQ2 F . 35.15 -14.33 -11.90
O2A JQ2 G . 15.41 20.41 -19.17
CGA JQ2 G . 15.21 19.66 -18.19
O1A JQ2 G . 14.67 19.98 -17.12
CBA JQ2 G . 15.73 18.21 -18.29
CAA JQ2 G . 14.71 17.25 -18.94
C2A JQ2 G . 14.77 17.22 -20.50
C3A JQ2 G . 14.03 18.03 -21.27
CEA JQ2 G . 13.14 18.98 -20.79
CEB JQ2 G . 13.39 20.33 -21.47
N_B JQ2 G . 12.73 20.32 -22.80
C4B JQ2 G . 11.81 21.15 -23.25
O_B JQ2 G . 11.37 22.14 -22.65
C3B JQ2 G . 11.45 20.79 -24.48
CAB JQ2 G . 10.56 21.40 -25.26
CBB JQ2 G . 10.96 22.60 -26.10
C2B JQ2 G . 12.15 19.69 -24.79
CMB JQ2 G . 12.00 18.97 -26.13
C1B JQ2 G . 12.95 19.39 -23.74
CHB JQ2 G . 13.79 18.33 -23.70
C4A JQ2 G . 14.31 17.73 -22.54
N_A JQ2 G . 15.24 16.75 -22.56
C1A JQ2 G . 15.52 16.42 -21.29
CHA JQ2 G . 16.28 15.39 -20.82
C4D JQ2 G . 17.18 14.64 -21.49
N_D JQ2 G . 17.59 14.67 -22.78
C3D JQ2 G . 17.87 13.67 -20.89
CAD JQ2 G . 17.76 13.24 -19.42
CBD JQ2 G . 18.60 14.14 -18.50
CGD JQ2 G . 18.89 13.39 -17.20
O1D JQ2 G . 18.02 13.45 -16.31
O2D JQ2 G . 19.97 12.77 -17.15
C2D JQ2 G . 18.68 13.09 -21.76
CMD JQ2 G . 19.64 11.93 -21.47
C1D JQ2 G . 18.54 13.70 -22.93
CHD JQ2 G . 19.24 13.29 -24.08
C4C JQ2 G . 19.05 13.79 -25.32
N_C JQ2 G . 18.30 14.87 -25.61
C1C JQ2 G . 18.43 15.07 -26.93
O_C JQ2 G . 17.89 15.94 -27.58
C2C JQ2 G . 19.27 14.11 -27.42
CMC JQ2 G . 19.77 13.89 -28.86
C3C JQ2 G . 19.69 13.36 -26.42
CAC JQ2 G . 20.56 12.09 -26.57
CBC JQ2 G . 19.93 11.02 -27.50
O2A JQ2 H . -24.19 20.36 10.81
CGA JQ2 H . -24.18 21.39 10.11
O1A JQ2 H . -23.21 22.12 9.86
CBA JQ2 H . -25.49 21.76 9.46
CAA JQ2 H . -25.66 20.83 8.27
C2A JQ2 H . -26.60 19.64 8.58
C3A JQ2 H . -26.19 18.39 8.80
CEA JQ2 H . -24.83 17.97 8.80
CEB JQ2 H . -24.60 17.08 10.04
N_B JQ2 H . -25.06 15.73 9.70
C4B JQ2 H . -24.36 14.60 9.62
O_B JQ2 H . -23.16 14.49 9.88
C3B JQ2 H . -25.16 13.62 9.24
CAB JQ2 H . -24.82 12.34 9.08
CBB JQ2 H . -24.14 11.57 10.20
C2B JQ2 H . -26.38 14.13 9.07
CMB JQ2 H . -27.61 13.33 8.61
C1B JQ2 H . -26.32 15.45 9.34
CHB JQ2 H . -27.36 16.29 9.27
C4A JQ2 H . -27.29 17.66 9.01
N_A JQ2 H . -28.37 18.46 8.93
C1A JQ2 H . -27.94 19.68 8.65
CHA JQ2 H . -28.63 20.82 8.41
C4D JQ2 H . -29.95 21.07 8.53
N_D JQ2 H . -31.01 20.34 8.92
C3D JQ2 H . -30.42 22.29 8.25
CAD JQ2 H . -29.60 23.49 7.77
CBD JQ2 H . -28.83 24.08 8.94
CGD JQ2 H . -28.56 25.55 8.63
O1D JQ2 H . -27.41 25.85 8.26
O2D JQ2 H . -29.53 26.32 8.77
C2D JQ2 H . -31.72 22.32 8.44
CMD JQ2 H . -32.60 23.56 8.20
C1D JQ2 H . -32.11 21.13 8.87
CHD JQ2 H . -33.48 20.86 9.12
C4C JQ2 H . -33.99 19.71 9.58
N_C JQ2 H . -33.27 18.67 10.03
C1C JQ2 H . -34.15 17.76 10.45
O_C JQ2 H . -33.85 16.66 10.91
C2C JQ2 H . -35.43 18.27 10.29
CMC JQ2 H . -36.79 17.64 10.60
C3C JQ2 H . -35.32 19.47 9.73
CAC JQ2 H . -36.51 20.42 9.35
CBC JQ2 H . -37.74 19.85 8.56
#